data_8X4R
#
_entry.id   8X4R
#
_cell.length_a   98.142
_cell.length_b   69.399
_cell.length_c   168.818
_cell.angle_alpha   90.000
_cell.angle_beta   106.536
_cell.angle_gamma   90.000
#
_symmetry.space_group_name_H-M   'P 1 21 1'
#
loop_
_entity.id
_entity.type
_entity.pdbx_description
1 polymer 'Pyruvate kinase PKM'
2 non-polymer 'POTASSIUM ION'
3 non-polymer PHENYLALANINE
4 water water
#
_entity_poly.entity_id   1
_entity_poly.type   'polypeptide(L)'
_entity_poly.pdbx_seq_one_letter_code
;MSKPHSEAGTAFIQTQQLHAAMADTFLEHMCRLDIDSPPITARNTGIICTIGPASRSVETLKEMIKSGMNVARLNFSHGT
HEYHAETIKNVRTATESFASDPILYRPVAVALDTKGPEIRTGLIKGSGTAEVELKKGATLKITLDNAYMEKCDENILWLD
YKNICKVVEVGSKIYVDDGLISLQVKQKGADFLVTEVENGGSLGSKKGVNLPGAAVDLPAVSEKDIQDLKFGVEQDVDMV
FASFIRKASDVHEVRKVLGEKGKNIKIISKIENHEGVRRFDEILEASDGIMVARGDLGIEIPAEKVFLAQKMMIGRCNRA
GKPVICATQMLESMIKKPRPTRAEGSDVANAVLDGADCIMLSGETAKGDYPLEAVRMQHLIAREAEAAIYHLQLFEELRR
LAPIAADPAEATAVGAVEASFKCCSGAIIVLTKSGRSAHQVARYRPRAPIIAVARNPQTARQAHLYRGIFPVLCKDPVQE
AWAEDVDLRVNFAMNVGKARGFFKKGDVVIVLTGWRPGSGFTNTMRVVPVP
;
_entity_poly.pdbx_strand_id   A,B,C,D
#
loop_
_chem_comp.id
_chem_comp.type
_chem_comp.name
_chem_comp.formula
K non-polymer 'POTASSIUM ION' 'K 1'
#
# COMPACT_ATOMS: atom_id res chain seq x y z
N MET A 22 -4.16 0.24 -17.57
CA MET A 22 -4.04 -0.75 -16.47
C MET A 22 -4.91 -0.30 -15.28
N ALA A 23 -5.43 -1.26 -14.49
CA ALA A 23 -6.43 -1.05 -13.42
C ALA A 23 -5.78 -1.25 -12.05
N ASP A 24 -6.23 -0.49 -11.06
CA ASP A 24 -5.63 -0.41 -9.70
C ASP A 24 -6.07 -1.61 -8.86
N THR A 25 -7.24 -2.19 -9.13
CA THR A 25 -7.81 -3.33 -8.33
C THR A 25 -8.11 -4.54 -9.21
N PHE A 26 -7.99 -5.74 -8.66
CA PHE A 26 -8.54 -6.94 -9.32
C PHE A 26 -10.01 -6.65 -9.71
N LEU A 27 -10.81 -6.08 -8.80
CA LEU A 27 -12.28 -5.92 -9.03
C LEU A 27 -12.51 -5.06 -10.27
N GLU A 28 -11.86 -3.90 -10.34
CA GLU A 28 -12.00 -2.96 -11.46
C GLU A 28 -11.57 -3.65 -12.76
N HIS A 29 -10.56 -4.52 -12.70
CA HIS A 29 -10.07 -5.32 -13.85
C HIS A 29 -11.21 -6.23 -14.35
N MET A 30 -11.93 -6.88 -13.42
CA MET A 30 -13.10 -7.72 -13.79
C MET A 30 -14.16 -6.81 -14.40
N CYS A 31 -14.39 -5.62 -13.84
CA CYS A 31 -15.52 -4.73 -14.20
C CYS A 31 -15.35 -4.23 -15.64
N ARG A 32 -14.11 -4.17 -16.13
CA ARG A 32 -13.73 -3.57 -17.44
C ARG A 32 -13.70 -4.64 -18.53
N LEU A 33 -13.76 -5.92 -18.19
CA LEU A 33 -13.82 -7.01 -19.20
C LEU A 33 -14.88 -6.66 -20.25
N ASP A 34 -14.52 -6.74 -21.53
CA ASP A 34 -15.42 -6.44 -22.66
C ASP A 34 -15.38 -7.62 -23.65
N ILE A 35 -16.51 -8.31 -23.84
CA ILE A 35 -16.64 -9.46 -24.79
C ILE A 35 -16.65 -8.96 -26.26
N ASP A 36 -16.78 -7.65 -26.50
CA ASP A 36 -16.99 -7.09 -27.87
C ASP A 36 -15.66 -6.59 -28.47
N SER A 37 -14.62 -6.45 -27.65
CA SER A 37 -13.29 -5.95 -28.06
C SER A 37 -12.29 -7.10 -27.97
N PRO A 38 -11.46 -7.34 -29.02
CA PRO A 38 -10.52 -8.45 -29.02
C PRO A 38 -9.43 -8.34 -27.95
N PRO A 39 -8.67 -9.44 -27.72
CA PRO A 39 -7.54 -9.41 -26.79
C PRO A 39 -6.40 -8.50 -27.24
N ILE A 40 -5.76 -7.83 -26.28
CA ILE A 40 -4.63 -6.87 -26.46
C ILE A 40 -3.36 -7.46 -25.83
N THR A 41 -3.47 -8.59 -25.11
CA THR A 41 -2.34 -9.47 -24.70
C THR A 41 -2.21 -10.59 -25.72
N ALA A 42 -1.03 -11.17 -25.81
CA ALA A 42 -0.76 -12.44 -26.52
C ALA A 42 -1.27 -13.61 -25.67
N ARG A 43 -1.38 -14.79 -26.27
CA ARG A 43 -1.70 -16.03 -25.57
C ARG A 43 -0.41 -16.52 -24.90
N ASN A 44 -0.33 -16.46 -23.58
CA ASN A 44 0.93 -16.67 -22.82
C ASN A 44 1.05 -18.12 -22.33
N THR A 45 -0.05 -18.88 -22.32
CA THR A 45 -0.04 -20.29 -21.86
C THR A 45 0.31 -21.18 -23.04
N GLY A 46 1.11 -22.24 -22.79
CA GLY A 46 1.46 -23.27 -23.78
C GLY A 46 0.25 -24.11 -24.18
N ILE A 47 0.24 -24.58 -25.43
CA ILE A 47 -0.74 -25.59 -25.91
C ILE A 47 -0.02 -26.91 -26.16
N ILE A 48 -0.40 -27.94 -25.44
CA ILE A 48 0.10 -29.32 -25.67
C ILE A 48 -1.02 -30.07 -26.40
N CYS A 49 -0.70 -30.69 -27.54
CA CYS A 49 -1.66 -31.47 -28.35
C CYS A 49 -1.21 -32.93 -28.44
N THR A 50 -2.09 -33.88 -28.11
CA THR A 50 -1.86 -35.33 -28.33
C THR A 50 -1.98 -35.62 -29.83
N ILE A 51 -0.94 -36.23 -30.40
CA ILE A 51 -0.88 -36.58 -31.85
C ILE A 51 -1.30 -38.04 -31.98
N GLY A 52 -2.28 -38.28 -32.83
CA GLY A 52 -2.85 -39.60 -33.12
C GLY A 52 -3.35 -39.64 -34.56
N PRO A 53 -4.17 -40.65 -34.94
CA PRO A 53 -4.51 -40.87 -36.33
C PRO A 53 -5.14 -39.63 -36.99
N ALA A 54 -5.86 -38.81 -36.23
CA ALA A 54 -6.50 -37.58 -36.75
C ALA A 54 -5.44 -36.55 -37.15
N SER A 55 -4.25 -36.59 -36.56
CA SER A 55 -3.37 -35.39 -36.50
C SER A 55 -1.94 -35.68 -36.94
N ARG A 56 -1.55 -36.96 -37.14
CA ARG A 56 -0.11 -37.33 -37.26
C ARG A 56 0.42 -37.11 -38.68
N SER A 57 -0.38 -36.57 -39.61
CA SER A 57 0.05 -36.30 -41.00
C SER A 57 0.82 -34.99 -41.02
N VAL A 58 1.89 -34.93 -41.84
CA VAL A 58 2.73 -33.71 -42.06
C VAL A 58 1.78 -32.52 -42.31
N GLU A 59 0.76 -32.72 -43.15
CA GLU A 59 -0.22 -31.68 -43.58
C GLU A 59 -0.97 -31.08 -42.37
N THR A 60 -1.52 -31.94 -41.52
CA THR A 60 -2.32 -31.54 -40.35
C THR A 60 -1.40 -30.87 -39.32
N LEU A 61 -0.24 -31.47 -39.05
CA LEU A 61 0.75 -30.95 -38.07
C LEU A 61 1.15 -29.52 -38.43
N LYS A 62 1.42 -29.26 -39.70
CA LYS A 62 1.75 -27.90 -40.20
C LYS A 62 0.64 -26.92 -39.79
N GLU A 63 -0.62 -27.25 -40.07
CA GLU A 63 -1.75 -26.36 -39.74
C GLU A 63 -1.78 -26.15 -38.21
N MET A 64 -1.57 -27.24 -37.45
CA MET A 64 -1.66 -27.26 -35.97
C MET A 64 -0.56 -26.36 -35.38
N ILE A 65 0.63 -26.36 -35.98
CA ILE A 65 1.75 -25.50 -35.53
C ILE A 65 1.36 -24.06 -35.81
N LYS A 66 0.80 -23.78 -37.00
CA LYS A 66 0.39 -22.42 -37.39
C LYS A 66 -0.69 -21.92 -36.43
N SER A 67 -1.53 -22.80 -35.90
CA SER A 67 -2.71 -22.43 -35.09
C SER A 67 -2.39 -22.39 -33.58
N GLY A 68 -1.22 -22.85 -33.14
CA GLY A 68 -0.70 -22.57 -31.79
C GLY A 68 -0.06 -23.77 -31.08
N MET A 69 -0.08 -24.97 -31.67
CA MET A 69 0.48 -26.18 -31.00
C MET A 69 1.94 -25.92 -30.68
N ASN A 70 2.36 -26.03 -29.41
CA ASN A 70 3.76 -25.79 -28.99
C ASN A 70 4.44 -27.12 -28.64
N VAL A 71 3.68 -28.08 -28.16
CA VAL A 71 4.24 -29.39 -27.74
C VAL A 71 3.37 -30.48 -28.37
N ALA A 72 4.00 -31.53 -28.94
CA ALA A 72 3.32 -32.72 -29.47
C ALA A 72 3.47 -33.86 -28.47
N ARG A 73 2.35 -34.37 -27.95
CA ARG A 73 2.33 -35.46 -26.95
C ARG A 73 2.00 -36.78 -27.64
N LEU A 74 2.86 -37.77 -27.45
CA LEU A 74 2.69 -39.16 -27.91
C LEU A 74 2.28 -40.00 -26.71
N ASN A 75 1.14 -40.68 -26.82
CA ASN A 75 0.55 -41.51 -25.78
C ASN A 75 1.02 -42.94 -25.99
N PHE A 76 1.96 -43.40 -25.17
CA PHE A 76 2.55 -44.75 -25.30
C PHE A 76 1.71 -45.76 -24.52
N SER A 77 0.51 -45.39 -24.10
CA SER A 77 -0.53 -46.37 -23.72
C SER A 77 -0.94 -47.21 -24.95
N HIS A 78 -0.82 -46.67 -26.15
CA HIS A 78 -1.13 -47.36 -27.44
C HIS A 78 0.06 -47.23 -28.40
N GLY A 79 0.14 -48.13 -29.39
CA GLY A 79 0.99 -47.98 -30.58
C GLY A 79 2.31 -48.65 -30.35
N THR A 80 3.02 -48.98 -31.43
CA THR A 80 4.39 -49.56 -31.41
C THR A 80 5.43 -48.44 -31.43
N HIS A 81 6.66 -48.76 -31.03
CA HIS A 81 7.83 -47.87 -31.16
C HIS A 81 7.95 -47.39 -32.62
N GLU A 82 7.71 -48.26 -33.59
CA GLU A 82 7.78 -47.92 -35.04
C GLU A 82 6.75 -46.83 -35.38
N TYR A 83 5.53 -46.98 -34.90
CA TYR A 83 4.40 -46.06 -35.16
C TYR A 83 4.80 -44.64 -34.69
N HIS A 84 5.30 -44.58 -33.46
CA HIS A 84 5.74 -43.33 -32.76
C HIS A 84 7.01 -42.75 -33.40
N ALA A 85 7.99 -43.56 -33.77
CA ALA A 85 9.18 -43.09 -34.53
C ALA A 85 8.69 -42.24 -35.73
N GLU A 86 7.65 -42.72 -36.41
CA GLU A 86 7.12 -42.09 -37.64
C GLU A 86 6.30 -40.85 -37.29
N THR A 87 5.51 -40.89 -36.22
CA THR A 87 4.82 -39.68 -35.74
C THR A 87 5.87 -38.61 -35.46
N ILE A 88 6.90 -38.96 -34.69
CA ILE A 88 7.98 -38.00 -34.31
C ILE A 88 8.58 -37.43 -35.60
N LYS A 89 8.95 -38.31 -36.54
CA LYS A 89 9.44 -37.95 -37.89
C LYS A 89 8.49 -36.95 -38.55
N ASN A 90 7.18 -37.19 -38.51
CA ASN A 90 6.18 -36.27 -39.11
C ASN A 90 6.18 -34.92 -38.37
N VAL A 91 6.24 -34.93 -37.05
CA VAL A 91 6.25 -33.68 -36.21
C VAL A 91 7.43 -32.79 -36.67
N ARG A 92 8.62 -33.38 -36.74
CA ARG A 92 9.88 -32.67 -37.09
C ARG A 92 9.82 -32.18 -38.54
N THR A 93 9.32 -32.99 -39.49
CA THR A 93 9.14 -32.55 -40.90
C THR A 93 8.25 -31.30 -40.93
N ALA A 94 7.05 -31.35 -40.35
CA ALA A 94 6.14 -30.18 -40.27
C ALA A 94 6.86 -28.99 -39.60
N THR A 95 7.59 -29.22 -38.52
CA THR A 95 8.27 -28.16 -37.69
C THR A 95 9.37 -27.47 -38.52
N GLU A 96 10.27 -28.25 -39.10
CA GLU A 96 11.42 -27.73 -39.90
C GLU A 96 10.97 -27.14 -41.25
N SER A 97 9.76 -27.41 -41.70
CA SER A 97 9.22 -26.79 -42.95
C SER A 97 9.16 -25.26 -42.79
N PHE A 98 9.23 -24.74 -41.56
CA PHE A 98 9.18 -23.29 -41.25
C PHE A 98 10.59 -22.76 -40.95
N ALA A 99 11.59 -23.65 -40.84
CA ALA A 99 12.99 -23.30 -40.49
C ALA A 99 13.59 -22.36 -41.53
N SER A 100 13.01 -22.28 -42.75
CA SER A 100 13.51 -21.46 -43.88
C SER A 100 13.57 -19.99 -43.45
N ASP A 101 12.59 -19.49 -42.67
CA ASP A 101 12.62 -18.10 -42.09
C ASP A 101 12.76 -18.15 -40.56
N PRO A 102 13.96 -17.85 -40.02
CA PRO A 102 14.18 -17.96 -38.57
C PRO A 102 13.34 -16.99 -37.71
N ILE A 103 12.85 -15.88 -38.29
CA ILE A 103 12.02 -14.88 -37.56
C ILE A 103 10.62 -15.48 -37.31
N LEU A 104 10.22 -16.48 -38.10
CA LEU A 104 8.85 -17.08 -38.10
C LEU A 104 8.88 -18.50 -37.53
N TYR A 105 10.02 -19.18 -37.56
CA TYR A 105 10.19 -20.51 -36.94
C TYR A 105 9.73 -20.49 -35.48
N ARG A 106 8.81 -21.39 -35.16
CA ARG A 106 8.36 -21.71 -33.77
C ARG A 106 8.93 -23.06 -33.37
N PRO A 107 9.76 -23.16 -32.31
CA PRO A 107 10.19 -24.45 -31.81
C PRO A 107 8.97 -25.27 -31.38
N VAL A 108 9.05 -26.58 -31.57
CA VAL A 108 7.98 -27.52 -31.18
C VAL A 108 8.63 -28.65 -30.39
N ALA A 109 8.14 -28.92 -29.19
CA ALA A 109 8.73 -29.94 -28.31
C ALA A 109 8.04 -31.28 -28.59
N VAL A 110 8.67 -32.38 -28.22
CA VAL A 110 8.08 -33.75 -28.25
C VAL A 110 8.03 -34.26 -26.82
N ALA A 111 6.83 -34.67 -26.38
CA ALA A 111 6.57 -35.25 -25.06
C ALA A 111 6.21 -36.71 -25.26
N LEU A 112 6.81 -37.58 -24.45
CA LEU A 112 6.48 -39.00 -24.35
C LEU A 112 5.72 -39.24 -23.06
N ASP A 113 4.47 -39.68 -23.16
CA ASP A 113 3.53 -39.91 -22.01
C ASP A 113 3.45 -41.42 -21.76
N THR A 114 3.88 -41.86 -20.59
CA THR A 114 4.12 -43.30 -20.30
C THR A 114 2.77 -44.00 -20.14
N LYS A 115 2.76 -45.33 -20.31
CA LYS A 115 1.60 -46.18 -19.94
C LYS A 115 1.47 -46.15 -18.41
N GLY A 116 2.52 -46.60 -17.71
CA GLY A 116 2.51 -46.77 -16.26
C GLY A 116 1.67 -47.97 -15.82
N PRO A 117 1.34 -48.07 -14.51
CA PRO A 117 0.51 -49.15 -14.00
C PRO A 117 -0.96 -48.97 -14.39
N GLU A 118 -1.26 -49.22 -15.66
CA GLU A 118 -2.64 -49.20 -16.21
C GLU A 118 -3.30 -50.58 -16.00
N ILE A 119 -4.60 -50.60 -15.82
CA ILE A 119 -5.47 -51.79 -16.00
C ILE A 119 -6.32 -51.54 -17.24
N ARG A 120 -6.39 -52.52 -18.14
CA ARG A 120 -7.21 -52.44 -19.38
C ARG A 120 -8.12 -53.67 -19.49
N THR A 121 -9.35 -53.45 -19.94
CA THR A 121 -10.32 -54.51 -20.32
C THR A 121 -9.89 -55.15 -21.64
N GLY A 122 -10.57 -56.21 -22.06
CA GLY A 122 -10.21 -57.00 -23.24
C GLY A 122 -10.97 -56.53 -24.47
N LEU A 123 -11.02 -57.40 -25.49
CA LEU A 123 -11.67 -57.17 -26.80
C LEU A 123 -13.12 -57.65 -26.74
N ILE A 124 -14.05 -56.81 -27.22
CA ILE A 124 -15.49 -57.15 -27.44
C ILE A 124 -15.59 -58.32 -28.44
N LYS A 125 -16.36 -59.35 -28.08
CA LYS A 125 -16.57 -60.61 -28.86
C LYS A 125 -17.23 -60.33 -30.21
N GLY A 126 -17.43 -61.40 -31.00
CA GLY A 126 -18.37 -61.46 -32.14
C GLY A 126 -17.88 -60.57 -33.25
N SER A 127 -18.82 -60.00 -34.01
CA SER A 127 -18.56 -59.03 -35.11
C SER A 127 -19.78 -58.10 -35.29
N GLY A 128 -20.81 -58.25 -34.44
CA GLY A 128 -22.15 -57.68 -34.65
C GLY A 128 -22.61 -56.81 -33.50
N THR A 129 -21.71 -56.49 -32.56
CA THR A 129 -21.94 -55.47 -31.52
C THR A 129 -20.97 -54.30 -31.75
N ALA A 130 -19.65 -54.57 -31.67
CA ALA A 130 -18.54 -53.58 -31.68
C ALA A 130 -18.39 -52.95 -30.28
N GLU A 131 -19.46 -52.36 -29.78
CA GLU A 131 -19.64 -51.95 -28.37
C GLU A 131 -20.87 -52.66 -27.79
N VAL A 132 -20.89 -52.87 -26.48
CA VAL A 132 -22.05 -53.46 -25.74
C VAL A 132 -22.64 -52.40 -24.79
N GLU A 133 -23.95 -52.48 -24.53
CA GLU A 133 -24.68 -51.61 -23.57
C GLU A 133 -24.71 -52.28 -22.19
N LEU A 134 -23.93 -51.76 -21.22
CA LEU A 134 -24.10 -52.09 -19.77
C LEU A 134 -25.19 -51.18 -19.21
N LYS A 135 -26.21 -51.78 -18.60
CA LYS A 135 -27.45 -51.09 -18.16
C LYS A 135 -27.49 -51.07 -16.62
N LYS A 136 -28.02 -49.98 -16.06
CA LYS A 136 -28.23 -49.79 -14.60
C LYS A 136 -28.79 -51.08 -13.99
N GLY A 137 -28.16 -51.58 -12.92
CA GLY A 137 -28.66 -52.70 -12.11
C GLY A 137 -28.32 -54.09 -12.68
N ALA A 138 -27.88 -54.17 -13.94
CA ALA A 138 -27.49 -55.46 -14.56
C ALA A 138 -26.33 -56.05 -13.76
N THR A 139 -26.20 -57.37 -13.79
CA THR A 139 -25.03 -58.15 -13.31
C THR A 139 -23.96 -58.13 -14.41
N LEU A 140 -22.69 -57.92 -14.04
CA LEU A 140 -21.53 -58.09 -14.94
C LEU A 140 -20.48 -58.92 -14.21
N LYS A 141 -20.09 -60.05 -14.80
CA LYS A 141 -19.00 -60.93 -14.31
C LYS A 141 -17.68 -60.34 -14.83
N ILE A 142 -16.71 -60.15 -13.93
CA ILE A 142 -15.31 -59.85 -14.28
C ILE A 142 -14.53 -61.15 -14.15
N THR A 143 -13.85 -61.56 -15.22
CA THR A 143 -13.01 -62.80 -15.31
C THR A 143 -11.54 -62.42 -15.59
N LEU A 144 -10.59 -63.23 -15.12
CA LEU A 144 -9.16 -63.19 -15.55
C LEU A 144 -8.87 -64.38 -16.49
N ASP A 145 -9.90 -65.14 -16.86
CA ASP A 145 -9.77 -66.38 -17.68
C ASP A 145 -9.42 -65.96 -19.11
N ASN A 146 -8.18 -66.25 -19.54
CA ASN A 146 -7.59 -65.81 -20.82
C ASN A 146 -8.50 -66.22 -22.00
N ALA A 147 -9.33 -67.25 -21.81
CA ALA A 147 -10.26 -67.72 -22.86
C ALA A 147 -11.30 -66.64 -23.18
N TYR A 148 -11.36 -65.52 -22.42
CA TYR A 148 -12.38 -64.46 -22.59
C TYR A 148 -11.76 -63.11 -22.97
N MET A 149 -10.44 -63.04 -23.12
CA MET A 149 -9.78 -61.73 -23.34
C MET A 149 -10.27 -61.11 -24.65
N GLU A 150 -10.84 -61.92 -25.56
CA GLU A 150 -11.42 -61.43 -26.84
C GLU A 150 -12.88 -61.88 -26.98
N LYS A 151 -13.59 -62.05 -25.86
CA LYS A 151 -15.02 -62.44 -25.84
C LYS A 151 -15.80 -61.60 -24.81
N CYS A 152 -15.40 -60.34 -24.57
CA CYS A 152 -16.03 -59.43 -23.59
C CYS A 152 -17.42 -59.06 -24.11
N ASP A 153 -18.43 -58.95 -23.22
CA ASP A 153 -19.81 -58.52 -23.56
C ASP A 153 -20.54 -58.06 -22.28
N GLU A 154 -21.89 -58.00 -22.34
CA GLU A 154 -22.79 -57.45 -21.27
C GLU A 154 -22.65 -58.28 -19.99
N ASN A 155 -22.20 -59.54 -20.13
CA ASN A 155 -22.29 -60.59 -19.09
C ASN A 155 -20.88 -60.94 -18.60
N ILE A 156 -19.87 -60.89 -19.47
CA ILE A 156 -18.49 -61.29 -19.07
C ILE A 156 -17.50 -60.22 -19.54
N LEU A 157 -16.65 -59.76 -18.63
CA LEU A 157 -15.62 -58.74 -18.92
C LEU A 157 -14.27 -59.26 -18.45
N TRP A 158 -13.33 -59.42 -19.38
CA TRP A 158 -11.93 -59.76 -19.06
C TRP A 158 -11.21 -58.44 -18.77
N LEU A 159 -10.27 -58.43 -17.85
CA LEU A 159 -9.28 -57.34 -17.74
C LEU A 159 -7.95 -57.99 -17.39
N ASP A 160 -6.86 -57.24 -17.48
CA ASP A 160 -5.48 -57.78 -17.58
C ASP A 160 -4.72 -57.62 -16.25
N TYR A 161 -5.39 -57.27 -15.16
CA TYR A 161 -4.72 -57.14 -13.84
C TYR A 161 -4.96 -58.42 -13.05
N LYS A 162 -3.94 -59.29 -13.03
CA LYS A 162 -4.04 -60.72 -12.60
C LYS A 162 -4.42 -60.80 -11.11
N ASN A 163 -3.96 -59.87 -10.26
CA ASN A 163 -4.16 -59.93 -8.78
C ASN A 163 -5.37 -59.10 -8.35
N ILE A 164 -6.36 -58.86 -9.23
CA ILE A 164 -7.48 -57.92 -8.91
C ILE A 164 -8.28 -58.50 -7.73
N CYS A 165 -8.38 -59.83 -7.63
CA CYS A 165 -9.31 -60.51 -6.69
C CYS A 165 -8.71 -60.47 -5.27
N LYS A 166 -7.40 -60.19 -5.17
CA LYS A 166 -6.61 -60.13 -3.91
C LYS A 166 -6.70 -58.75 -3.24
N VAL A 167 -7.11 -57.70 -3.98
CA VAL A 167 -6.95 -56.28 -3.51
C VAL A 167 -8.32 -55.61 -3.42
N VAL A 168 -9.36 -56.33 -3.80
CA VAL A 168 -10.77 -55.87 -3.91
C VAL A 168 -11.59 -56.61 -2.83
N GLU A 169 -12.71 -56.04 -2.40
CA GLU A 169 -13.59 -56.69 -1.39
C GLU A 169 -15.00 -56.59 -1.90
N VAL A 170 -15.95 -57.30 -1.30
CA VAL A 170 -17.39 -57.06 -1.54
C VAL A 170 -17.71 -55.60 -1.17
N GLY A 171 -18.46 -54.92 -2.01
CA GLY A 171 -18.76 -53.48 -1.85
C GLY A 171 -17.81 -52.58 -2.63
N SER A 172 -16.57 -53.02 -2.94
CA SER A 172 -15.55 -52.24 -3.69
C SER A 172 -16.13 -51.69 -4.98
N LYS A 173 -15.69 -50.50 -5.38
CA LYS A 173 -16.13 -49.82 -6.61
C LYS A 173 -15.08 -50.06 -7.71
N ILE A 174 -15.53 -50.37 -8.92
CA ILE A 174 -14.70 -50.57 -10.14
C ILE A 174 -15.18 -49.61 -11.22
N TYR A 175 -14.27 -48.80 -11.77
CA TYR A 175 -14.60 -47.74 -12.75
C TYR A 175 -13.99 -48.12 -14.08
N VAL A 176 -14.77 -48.03 -15.15
CA VAL A 176 -14.32 -48.43 -16.53
C VAL A 176 -14.56 -47.29 -17.51
N ASP A 177 -13.58 -47.11 -18.42
CA ASP A 177 -13.61 -46.15 -19.55
C ASP A 177 -13.62 -44.71 -19.02
N ASP A 178 -12.52 -44.29 -18.39
CA ASP A 178 -12.30 -42.92 -17.88
C ASP A 178 -13.48 -42.51 -16.98
N GLY A 179 -14.07 -43.44 -16.23
CA GLY A 179 -15.09 -43.15 -15.20
C GLY A 179 -16.53 -43.18 -15.72
N LEU A 180 -16.74 -43.42 -17.02
CA LEU A 180 -18.06 -43.37 -17.73
C LEU A 180 -18.98 -44.53 -17.25
N ILE A 181 -18.39 -45.69 -16.92
CA ILE A 181 -19.10 -46.88 -16.40
C ILE A 181 -18.56 -47.17 -15.00
N SER A 182 -19.44 -47.50 -14.06
CA SER A 182 -19.05 -47.89 -12.67
C SER A 182 -19.78 -49.16 -12.24
N LEU A 183 -19.09 -49.98 -11.46
CA LEU A 183 -19.59 -51.28 -10.97
C LEU A 183 -19.34 -51.37 -9.46
N GLN A 184 -20.12 -52.18 -8.77
CA GLN A 184 -19.82 -52.56 -7.38
C GLN A 184 -19.77 -54.09 -7.29
N VAL A 185 -18.73 -54.58 -6.64
CA VAL A 185 -18.46 -56.02 -6.39
C VAL A 185 -19.50 -56.50 -5.38
N LYS A 186 -20.36 -57.44 -5.79
CA LYS A 186 -21.41 -58.08 -4.96
C LYS A 186 -20.92 -59.44 -4.47
N GLN A 187 -20.15 -60.19 -5.27
CA GLN A 187 -19.53 -61.47 -4.85
C GLN A 187 -18.08 -61.53 -5.33
N LYS A 188 -17.19 -62.09 -4.51
CA LYS A 188 -15.78 -62.33 -4.83
C LYS A 188 -15.57 -63.83 -5.07
N GLY A 189 -14.79 -64.19 -6.09
CA GLY A 189 -14.35 -65.57 -6.35
C GLY A 189 -12.85 -65.69 -6.24
N ALA A 190 -12.32 -66.88 -6.54
CA ALA A 190 -10.88 -67.16 -6.65
C ALA A 190 -10.30 -66.33 -7.79
N ASP A 191 -10.83 -66.50 -9.01
CA ASP A 191 -10.33 -65.83 -10.24
C ASP A 191 -11.49 -65.15 -10.97
N PHE A 192 -12.50 -64.66 -10.25
CA PHE A 192 -13.63 -63.88 -10.84
C PHE A 192 -14.26 -62.94 -9.79
N LEU A 193 -15.03 -61.98 -10.28
CA LEU A 193 -15.84 -61.05 -9.46
C LEU A 193 -17.21 -60.97 -10.13
N VAL A 194 -18.30 -61.11 -9.37
CA VAL A 194 -19.66 -60.74 -9.84
C VAL A 194 -19.89 -59.33 -9.36
N THR A 195 -20.43 -58.46 -10.23
CA THR A 195 -20.56 -57.01 -9.94
C THR A 195 -21.92 -56.55 -10.38
N GLU A 196 -22.36 -55.43 -9.81
CA GLU A 196 -23.61 -54.77 -10.21
C GLU A 196 -23.24 -53.46 -10.90
N VAL A 197 -23.78 -53.23 -12.09
CA VAL A 197 -23.64 -51.95 -12.84
C VAL A 197 -24.38 -50.89 -12.04
N GLU A 198 -23.62 -49.95 -11.43
CA GLU A 198 -24.13 -48.68 -10.85
C GLU A 198 -24.42 -47.67 -11.99
N ASN A 199 -23.40 -47.23 -12.72
CA ASN A 199 -23.53 -46.27 -13.85
C ASN A 199 -23.36 -47.04 -15.18
N GLY A 200 -24.44 -47.09 -15.99
CA GLY A 200 -24.48 -47.73 -17.33
C GLY A 200 -23.71 -46.92 -18.38
N GLY A 201 -23.61 -47.45 -19.59
CA GLY A 201 -22.84 -46.86 -20.71
C GLY A 201 -22.49 -47.88 -21.78
N SER A 202 -21.94 -47.42 -22.90
CA SER A 202 -21.42 -48.25 -24.01
C SER A 202 -19.98 -48.67 -23.68
N LEU A 203 -19.74 -49.97 -23.50
CA LEU A 203 -18.39 -50.55 -23.28
C LEU A 203 -17.84 -51.06 -24.61
N GLY A 204 -16.80 -50.44 -25.12
CA GLY A 204 -16.03 -50.96 -26.27
C GLY A 204 -14.86 -51.78 -25.77
N SER A 205 -13.82 -51.90 -26.60
CA SER A 205 -12.67 -52.81 -26.40
C SER A 205 -11.56 -52.07 -25.64
N LYS A 206 -10.88 -52.76 -24.73
CA LYS A 206 -9.58 -52.31 -24.15
C LYS A 206 -9.71 -50.94 -23.48
N LYS A 207 -10.64 -50.79 -22.54
CA LYS A 207 -10.85 -49.51 -21.80
C LYS A 207 -10.06 -49.53 -20.48
N GLY A 208 -9.81 -48.36 -19.91
CA GLY A 208 -9.00 -48.17 -18.70
C GLY A 208 -9.81 -48.45 -17.43
N VAL A 209 -9.20 -49.02 -16.41
CA VAL A 209 -9.92 -49.41 -15.17
C VAL A 209 -9.22 -48.81 -13.96
N ASN A 210 -10.02 -48.23 -13.05
CA ASN A 210 -9.56 -47.64 -11.76
C ASN A 210 -10.22 -48.39 -10.62
N LEU A 211 -9.45 -48.65 -9.57
CA LEU A 211 -9.85 -49.37 -8.34
C LEU A 211 -9.61 -48.44 -7.14
N PRO A 212 -10.43 -47.37 -6.95
CA PRO A 212 -10.27 -46.47 -5.82
C PRO A 212 -10.15 -47.23 -4.47
N GLY A 213 -9.12 -46.90 -3.71
CA GLY A 213 -8.90 -47.50 -2.37
C GLY A 213 -8.58 -48.98 -2.45
N ALA A 214 -8.15 -49.48 -3.61
CA ALA A 214 -7.46 -50.76 -3.76
C ALA A 214 -5.96 -50.50 -3.69
N ALA A 215 -5.20 -51.39 -3.07
CA ALA A 215 -3.72 -51.35 -3.02
C ALA A 215 -3.17 -52.03 -4.29
N VAL A 216 -3.42 -51.44 -5.46
CA VAL A 216 -2.94 -52.00 -6.76
C VAL A 216 -1.40 -52.11 -6.67
N ASP A 217 -0.87 -53.32 -6.89
CA ASP A 217 0.55 -53.68 -6.60
C ASP A 217 1.42 -53.59 -7.87
N LEU A 218 0.88 -53.07 -8.99
CA LEU A 218 1.65 -52.90 -10.25
C LEU A 218 2.79 -51.94 -9.96
N PRO A 219 3.96 -52.08 -10.64
CA PRO A 219 5.11 -51.20 -10.40
C PRO A 219 5.01 -49.87 -11.15
N ALA A 220 5.63 -48.84 -10.59
CA ALA A 220 5.65 -47.46 -11.13
C ALA A 220 6.29 -47.47 -12.51
N VAL A 221 7.37 -48.23 -12.64
CA VAL A 221 8.13 -48.43 -13.90
C VAL A 221 8.16 -49.92 -14.21
N SER A 222 7.37 -50.34 -15.20
CA SER A 222 7.30 -51.72 -15.73
C SER A 222 8.41 -51.91 -16.76
N GLU A 223 8.62 -53.14 -17.22
CA GLU A 223 9.62 -53.44 -18.30
C GLU A 223 9.22 -52.67 -19.56
N LYS A 224 7.93 -52.60 -19.89
CA LYS A 224 7.46 -51.81 -21.07
C LYS A 224 7.79 -50.32 -20.87
N ASP A 225 7.66 -49.80 -19.65
CA ASP A 225 7.96 -48.36 -19.32
C ASP A 225 9.47 -48.13 -19.49
N ILE A 226 10.30 -49.10 -19.06
CA ILE A 226 11.77 -48.99 -19.22
C ILE A 226 12.06 -48.86 -20.71
N GLN A 227 11.41 -49.68 -21.54
CA GLN A 227 11.66 -49.75 -23.00
C GLN A 227 11.18 -48.44 -23.65
N ASP A 228 10.03 -47.95 -23.23
CA ASP A 228 9.43 -46.68 -23.73
C ASP A 228 10.36 -45.50 -23.38
N LEU A 229 10.90 -45.45 -22.16
CA LEU A 229 11.76 -44.32 -21.68
C LEU A 229 13.10 -44.38 -22.43
N LYS A 230 13.70 -45.56 -22.58
CA LYS A 230 14.95 -45.73 -23.39
C LYS A 230 14.73 -45.28 -24.84
N PHE A 231 13.55 -45.52 -25.40
CA PHE A 231 13.21 -45.15 -26.80
C PHE A 231 13.02 -43.62 -26.91
N GLY A 232 12.43 -42.99 -25.89
CA GLY A 232 12.38 -41.52 -25.77
C GLY A 232 13.77 -40.90 -25.82
N VAL A 233 14.70 -41.44 -25.03
CA VAL A 233 16.12 -40.99 -25.00
C VAL A 233 16.68 -41.13 -26.43
N GLU A 234 16.52 -42.32 -26.99
CA GLU A 234 16.96 -42.68 -28.35
C GLU A 234 16.42 -41.66 -29.37
N GLN A 235 15.16 -41.22 -29.21
CA GLN A 235 14.46 -40.35 -30.18
C GLN A 235 14.64 -38.86 -29.83
N ASP A 236 15.31 -38.56 -28.71
CA ASP A 236 15.70 -37.18 -28.33
C ASP A 236 14.45 -36.38 -27.97
N VAL A 237 13.53 -37.00 -27.25
CA VAL A 237 12.31 -36.30 -26.78
C VAL A 237 12.76 -35.23 -25.77
N ASP A 238 11.96 -34.20 -25.56
CA ASP A 238 12.32 -33.06 -24.68
C ASP A 238 11.84 -33.31 -23.25
N MET A 239 10.79 -34.11 -23.08
CA MET A 239 10.10 -34.25 -21.77
C MET A 239 9.34 -35.57 -21.73
N VAL A 240 9.24 -36.11 -20.53
CA VAL A 240 8.46 -37.33 -20.19
C VAL A 240 7.31 -36.89 -19.29
N PHE A 241 6.10 -37.31 -19.64
CA PHE A 241 4.88 -37.20 -18.78
C PHE A 241 4.71 -38.57 -18.13
N ALA A 242 5.07 -38.68 -16.84
CA ALA A 242 5.16 -39.96 -16.10
C ALA A 242 3.82 -40.25 -15.43
N SER A 243 3.11 -41.27 -15.92
CA SER A 243 1.70 -41.58 -15.53
C SER A 243 1.65 -42.20 -14.12
N PHE A 244 0.59 -41.89 -13.38
CA PHE A 244 0.20 -42.50 -12.08
C PHE A 244 1.34 -42.39 -11.06
N ILE A 245 1.96 -41.21 -10.93
CA ILE A 245 3.02 -40.97 -9.91
C ILE A 245 2.37 -40.82 -8.53
N ARG A 246 2.83 -41.59 -7.55
CA ARG A 246 2.20 -41.71 -6.21
C ARG A 246 3.19 -41.29 -5.12
N LYS A 247 4.47 -41.18 -5.42
CA LYS A 247 5.52 -40.92 -4.40
C LYS A 247 6.79 -40.49 -5.13
N ALA A 248 7.76 -39.92 -4.40
CA ALA A 248 9.01 -39.38 -4.97
C ALA A 248 9.88 -40.50 -5.56
N SER A 249 9.93 -41.67 -4.93
CA SER A 249 10.77 -42.81 -5.38
C SER A 249 10.29 -43.27 -6.77
N ASP A 250 9.01 -43.03 -7.09
CA ASP A 250 8.46 -43.22 -8.47
C ASP A 250 9.18 -42.29 -9.45
N VAL A 251 9.42 -41.03 -9.07
CA VAL A 251 10.09 -40.01 -9.94
C VAL A 251 11.57 -40.42 -10.08
N HIS A 252 12.22 -40.65 -8.95
CA HIS A 252 13.63 -41.15 -8.89
C HIS A 252 13.77 -42.35 -9.85
N GLU A 253 12.85 -43.31 -9.81
CA GLU A 253 12.91 -44.51 -10.69
C GLU A 253 12.91 -44.08 -12.17
N VAL A 254 12.11 -43.09 -12.54
CA VAL A 254 12.02 -42.62 -13.95
C VAL A 254 13.35 -41.94 -14.30
N ARG A 255 13.82 -41.04 -13.44
CA ARG A 255 15.08 -40.29 -13.64
C ARG A 255 16.27 -41.27 -13.81
N LYS A 256 16.22 -42.42 -13.13
CA LYS A 256 17.31 -43.44 -13.19
C LYS A 256 17.24 -44.16 -14.55
N VAL A 257 16.04 -44.44 -15.04
CA VAL A 257 15.87 -45.07 -16.38
C VAL A 257 16.33 -44.09 -17.46
N LEU A 258 15.97 -42.81 -17.36
CA LEU A 258 16.49 -41.79 -18.29
C LEU A 258 18.02 -41.74 -18.18
N GLY A 259 18.57 -41.98 -17.00
CA GLY A 259 20.02 -42.09 -16.74
C GLY A 259 20.79 -40.86 -17.21
N GLU A 260 22.09 -41.03 -17.42
CA GLU A 260 23.02 -39.94 -17.81
C GLU A 260 22.63 -39.43 -19.20
N LYS A 261 22.38 -40.33 -20.14
CA LYS A 261 22.03 -39.95 -21.54
C LYS A 261 20.76 -39.06 -21.51
N GLY A 262 19.84 -39.30 -20.58
CA GLY A 262 18.53 -38.61 -20.55
C GLY A 262 18.45 -37.51 -19.50
N LYS A 263 19.58 -37.05 -18.97
CA LYS A 263 19.65 -36.20 -17.75
C LYS A 263 19.06 -34.81 -18.00
N ASN A 264 18.89 -34.40 -19.25
CA ASN A 264 18.37 -33.04 -19.59
C ASN A 264 16.90 -33.15 -20.00
N ILE A 265 16.34 -34.37 -20.09
CA ILE A 265 14.91 -34.58 -20.38
C ILE A 265 14.14 -34.24 -19.11
N LYS A 266 13.12 -33.39 -19.24
CA LYS A 266 12.29 -32.92 -18.11
C LYS A 266 11.33 -34.04 -17.75
N ILE A 267 11.16 -34.29 -16.46
CA ILE A 267 10.14 -35.25 -15.95
C ILE A 267 8.96 -34.44 -15.40
N ILE A 268 7.79 -34.61 -16.01
CA ILE A 268 6.51 -34.02 -15.53
C ILE A 268 5.77 -35.15 -14.85
N SER A 269 5.54 -35.04 -13.56
CA SER A 269 4.82 -36.08 -12.80
C SER A 269 3.33 -35.84 -12.94
N LYS A 270 2.60 -36.82 -13.44
CA LYS A 270 1.13 -36.80 -13.52
C LYS A 270 0.54 -37.22 -12.17
N ILE A 271 -0.21 -36.29 -11.56
CA ILE A 271 -1.05 -36.54 -10.37
C ILE A 271 -2.42 -37.00 -10.84
N GLU A 272 -2.74 -38.27 -10.59
CA GLU A 272 -3.92 -38.97 -11.17
C GLU A 272 -4.78 -39.60 -10.07
N ASN A 273 -4.36 -39.54 -8.80
CA ASN A 273 -5.02 -40.27 -7.69
C ASN A 273 -4.78 -39.53 -6.38
N HIS A 274 -5.44 -39.98 -5.30
CA HIS A 274 -5.45 -39.35 -3.94
C HIS A 274 -4.06 -39.35 -3.32
N GLU A 275 -3.28 -40.43 -3.48
CA GLU A 275 -1.93 -40.52 -2.87
C GLU A 275 -1.01 -39.46 -3.51
N GLY A 276 -1.11 -39.26 -4.81
CA GLY A 276 -0.34 -38.24 -5.56
C GLY A 276 -0.56 -36.86 -5.00
N VAL A 277 -1.80 -36.60 -4.58
CA VAL A 277 -2.19 -35.32 -3.90
C VAL A 277 -1.64 -35.29 -2.47
N ARG A 278 -1.83 -36.36 -1.68
CA ARG A 278 -1.35 -36.43 -0.26
C ARG A 278 0.19 -36.22 -0.23
N ARG A 279 0.94 -36.87 -1.13
CA ARG A 279 2.43 -36.83 -1.20
C ARG A 279 2.92 -35.80 -2.23
N PHE A 280 2.15 -34.73 -2.45
CA PHE A 280 2.38 -33.78 -3.57
C PHE A 280 3.74 -33.10 -3.44
N ASP A 281 4.05 -32.58 -2.25
CA ASP A 281 5.28 -31.77 -2.01
C ASP A 281 6.50 -32.62 -2.39
N GLU A 282 6.59 -33.88 -1.96
CA GLU A 282 7.79 -34.69 -2.26
C GLU A 282 7.83 -34.98 -3.77
N ILE A 283 6.68 -35.19 -4.42
CA ILE A 283 6.63 -35.39 -5.90
C ILE A 283 7.08 -34.09 -6.59
N LEU A 284 6.57 -32.96 -6.16
CA LEU A 284 6.95 -31.67 -6.78
C LEU A 284 8.47 -31.52 -6.69
N GLU A 285 9.04 -31.82 -5.54
CA GLU A 285 10.47 -31.50 -5.23
C GLU A 285 11.37 -32.42 -6.11
N ALA A 286 10.94 -33.64 -6.40
CA ALA A 286 11.71 -34.60 -7.24
C ALA A 286 11.49 -34.34 -8.73
N SER A 287 10.42 -33.61 -9.10
CA SER A 287 9.93 -33.49 -10.49
C SER A 287 10.45 -32.20 -11.10
N ASP A 288 10.46 -32.10 -12.43
CA ASP A 288 10.73 -30.83 -13.16
C ASP A 288 9.41 -30.06 -13.30
N GLY A 289 8.28 -30.71 -13.08
CA GLY A 289 6.96 -30.12 -13.29
C GLY A 289 5.85 -31.10 -12.99
N ILE A 290 4.60 -30.66 -13.12
CA ILE A 290 3.40 -31.40 -12.66
C ILE A 290 2.36 -31.33 -13.78
N MET A 291 1.65 -32.43 -13.98
CA MET A 291 0.42 -32.47 -14.79
C MET A 291 -0.72 -32.81 -13.82
N VAL A 292 -1.75 -31.97 -13.80
CA VAL A 292 -2.97 -32.23 -13.02
C VAL A 292 -3.99 -32.91 -13.93
N ALA A 293 -4.22 -34.21 -13.73
CA ALA A 293 -5.20 -35.04 -14.47
C ALA A 293 -6.57 -34.99 -13.75
N ARG A 294 -7.38 -33.97 -14.05
CA ARG A 294 -8.64 -33.67 -13.32
C ARG A 294 -9.60 -34.88 -13.38
N GLY A 295 -9.88 -35.40 -14.57
CA GLY A 295 -10.77 -36.57 -14.73
C GLY A 295 -10.38 -37.72 -13.82
N ASP A 296 -9.11 -38.14 -13.87
CA ASP A 296 -8.58 -39.28 -13.09
C ASP A 296 -8.74 -38.98 -11.59
N LEU A 297 -8.41 -37.76 -11.14
CA LEU A 297 -8.63 -37.33 -9.73
C LEU A 297 -10.14 -37.41 -9.37
N GLY A 298 -11.05 -37.19 -10.32
CA GLY A 298 -12.51 -37.23 -10.10
C GLY A 298 -13.01 -38.61 -9.66
N ILE A 299 -12.22 -39.66 -9.89
CA ILE A 299 -12.59 -41.07 -9.56
C ILE A 299 -12.35 -41.34 -8.06
N GLU A 300 -11.21 -40.91 -7.49
CA GLU A 300 -10.85 -41.21 -6.08
C GLU A 300 -11.22 -40.05 -5.15
N ILE A 301 -11.70 -38.94 -5.71
CA ILE A 301 -11.89 -37.67 -4.96
C ILE A 301 -13.20 -37.02 -5.40
N PRO A 302 -14.09 -36.64 -4.46
CA PRO A 302 -15.41 -36.12 -4.82
C PRO A 302 -15.37 -34.74 -5.50
N ALA A 303 -16.45 -34.37 -6.20
CA ALA A 303 -16.53 -33.15 -7.04
C ALA A 303 -16.42 -31.88 -6.18
N GLU A 304 -16.91 -31.92 -4.94
CA GLU A 304 -16.86 -30.76 -4.00
C GLU A 304 -15.42 -30.55 -3.49
N LYS A 305 -14.45 -31.38 -3.91
CA LYS A 305 -13.04 -31.28 -3.43
C LYS A 305 -11.99 -31.20 -4.59
N VAL A 306 -12.30 -31.58 -5.85
CA VAL A 306 -11.25 -31.65 -6.92
C VAL A 306 -10.78 -30.25 -7.31
N PHE A 307 -11.69 -29.29 -7.49
CA PHE A 307 -11.32 -27.89 -7.83
C PHE A 307 -10.28 -27.41 -6.82
N LEU A 308 -10.39 -27.79 -5.55
CA LEU A 308 -9.44 -27.38 -4.46
C LEU A 308 -8.08 -28.04 -4.74
N ALA A 309 -8.09 -29.31 -5.10
CA ALA A 309 -6.85 -30.03 -5.44
C ALA A 309 -6.16 -29.28 -6.58
N GLN A 310 -6.91 -28.95 -7.62
CA GLN A 310 -6.35 -28.30 -8.83
C GLN A 310 -5.74 -26.95 -8.42
N LYS A 311 -6.43 -26.18 -7.57
CA LYS A 311 -6.00 -24.79 -7.22
C LYS A 311 -4.75 -24.86 -6.31
N MET A 312 -4.76 -25.77 -5.35
CA MET A 312 -3.60 -26.06 -4.48
C MET A 312 -2.39 -26.49 -5.33
N MET A 313 -2.52 -27.43 -6.27
CA MET A 313 -1.30 -27.96 -6.95
C MET A 313 -0.74 -26.90 -7.91
N ILE A 314 -1.62 -26.13 -8.57
CA ILE A 314 -1.17 -25.03 -9.47
C ILE A 314 -0.45 -24.00 -8.60
N GLY A 315 -1.04 -23.60 -7.49
CA GLY A 315 -0.44 -22.59 -6.58
C GLY A 315 0.94 -23.04 -6.10
N ARG A 316 1.07 -24.24 -5.56
CA ARG A 316 2.36 -24.77 -5.07
C ARG A 316 3.37 -24.79 -6.23
N CYS A 317 2.96 -25.19 -7.43
CA CYS A 317 3.86 -25.17 -8.61
C CYS A 317 4.26 -23.72 -8.91
N ASN A 318 3.31 -22.80 -8.93
CA ASN A 318 3.62 -21.37 -9.21
C ASN A 318 4.62 -20.84 -8.17
N ARG A 319 4.47 -21.27 -6.93
CA ARG A 319 5.33 -20.88 -5.78
C ARG A 319 6.72 -21.51 -5.93
N ALA A 320 6.83 -22.78 -6.35
CA ALA A 320 8.14 -23.47 -6.49
C ALA A 320 8.86 -23.00 -7.78
N GLY A 321 8.17 -22.26 -8.65
CA GLY A 321 8.67 -21.92 -9.99
C GLY A 321 8.77 -23.14 -10.89
N LYS A 322 7.90 -24.14 -10.73
CA LYS A 322 7.94 -25.38 -11.54
C LYS A 322 6.72 -25.43 -12.46
N PRO A 323 6.90 -25.80 -13.75
CA PRO A 323 5.80 -25.82 -14.70
C PRO A 323 4.67 -26.74 -14.27
N VAL A 324 3.45 -26.31 -14.53
CA VAL A 324 2.24 -27.11 -14.20
C VAL A 324 1.30 -27.05 -15.39
N ILE A 325 0.90 -28.24 -15.82
CA ILE A 325 0.02 -28.50 -16.98
C ILE A 325 -1.32 -28.95 -16.43
N CYS A 326 -2.42 -28.36 -16.92
CA CYS A 326 -3.78 -28.88 -16.73
C CYS A 326 -4.13 -29.78 -17.90
N ALA A 327 -4.68 -30.96 -17.62
CA ALA A 327 -5.02 -31.99 -18.64
C ALA A 327 -6.33 -32.73 -18.28
N THR A 328 -6.92 -33.38 -19.29
CA THR A 328 -8.14 -34.20 -19.26
C THR A 328 -9.37 -33.28 -19.17
N GLN A 329 -10.46 -33.70 -19.79
CA GLN A 329 -11.78 -33.04 -19.66
C GLN A 329 -11.62 -31.58 -20.04
N MET A 330 -10.95 -31.29 -21.16
CA MET A 330 -10.70 -29.92 -21.64
C MET A 330 -11.73 -29.52 -22.70
N LEU A 331 -11.59 -29.97 -23.93
CA LEU A 331 -12.57 -29.67 -25.02
C LEU A 331 -13.03 -31.00 -25.64
N GLU A 332 -13.48 -31.96 -24.84
CA GLU A 332 -13.72 -33.36 -25.29
C GLU A 332 -14.97 -33.41 -26.19
N SER A 333 -15.94 -32.53 -25.98
CA SER A 333 -17.09 -32.31 -26.88
C SER A 333 -16.61 -32.05 -28.33
N MET A 334 -15.40 -31.53 -28.53
CA MET A 334 -14.87 -31.24 -29.88
C MET A 334 -14.30 -32.50 -30.57
N ILE A 335 -14.33 -33.66 -29.91
CA ILE A 335 -14.14 -34.97 -30.61
C ILE A 335 -15.22 -35.12 -31.70
N LYS A 336 -16.48 -34.73 -31.41
CA LYS A 336 -17.63 -34.93 -32.32
C LYS A 336 -18.13 -33.60 -32.92
N LYS A 337 -17.90 -32.46 -32.27
CA LYS A 337 -18.49 -31.15 -32.68
C LYS A 337 -17.37 -30.16 -33.04
N PRO A 338 -17.65 -29.20 -33.96
CA PRO A 338 -16.65 -28.20 -34.39
C PRO A 338 -16.47 -27.00 -33.45
N ARG A 339 -17.23 -26.97 -32.34
CA ARG A 339 -17.30 -25.88 -31.34
C ARG A 339 -17.45 -26.53 -29.97
N PRO A 340 -16.88 -25.94 -28.89
CA PRO A 340 -17.07 -26.49 -27.55
C PRO A 340 -18.35 -25.97 -26.90
N THR A 341 -18.65 -26.44 -25.68
CA THR A 341 -19.78 -25.96 -24.83
C THR A 341 -19.30 -24.76 -24.03
N ARG A 342 -20.24 -24.00 -23.45
CA ARG A 342 -19.97 -22.83 -22.56
C ARG A 342 -19.16 -23.30 -21.34
N ALA A 343 -19.54 -24.44 -20.76
CA ALA A 343 -18.90 -25.08 -19.57
C ALA A 343 -17.42 -25.42 -19.85
N GLU A 344 -17.07 -25.92 -21.02
CA GLU A 344 -15.68 -26.28 -21.36
C GLU A 344 -14.85 -25.00 -21.53
N GLY A 345 -15.39 -23.98 -22.17
CA GLY A 345 -14.69 -22.69 -22.28
C GLY A 345 -14.37 -22.16 -20.91
N SER A 346 -15.36 -22.18 -20.03
CA SER A 346 -15.26 -21.66 -18.65
C SER A 346 -14.21 -22.48 -17.90
N ASP A 347 -14.18 -23.81 -18.07
CA ASP A 347 -13.31 -24.75 -17.30
C ASP A 347 -11.87 -24.54 -17.75
N VAL A 348 -11.63 -24.42 -19.05
CA VAL A 348 -10.28 -24.16 -19.62
C VAL A 348 -9.81 -22.76 -19.18
N ALA A 349 -10.67 -21.75 -19.28
CA ALA A 349 -10.34 -20.38 -18.89
C ALA A 349 -9.88 -20.37 -17.43
N ASN A 350 -10.62 -21.04 -16.54
CA ASN A 350 -10.39 -21.02 -15.08
C ASN A 350 -9.08 -21.74 -14.75
N ALA A 351 -8.67 -22.74 -15.53
CA ALA A 351 -7.37 -23.40 -15.36
C ALA A 351 -6.28 -22.41 -15.74
N VAL A 352 -6.48 -21.60 -16.79
CA VAL A 352 -5.53 -20.50 -17.10
C VAL A 352 -5.50 -19.53 -15.89
N LEU A 353 -6.66 -19.14 -15.36
CA LEU A 353 -6.74 -18.04 -14.36
C LEU A 353 -6.20 -18.54 -13.02
N ASP A 354 -6.16 -19.86 -12.81
CA ASP A 354 -5.65 -20.47 -11.56
C ASP A 354 -4.12 -20.33 -11.55
N GLY A 355 -3.51 -20.22 -12.74
CA GLY A 355 -2.04 -20.02 -12.96
C GLY A 355 -1.37 -21.18 -13.71
N ALA A 356 -2.13 -22.05 -14.41
CA ALA A 356 -1.56 -23.15 -15.22
C ALA A 356 -0.56 -22.57 -16.22
N ASP A 357 0.57 -23.22 -16.43
CA ASP A 357 1.56 -22.80 -17.46
C ASP A 357 1.08 -23.23 -18.87
N CYS A 358 0.53 -24.44 -18.98
CA CYS A 358 0.13 -25.10 -20.25
C CYS A 358 -1.21 -25.77 -20.08
N ILE A 359 -1.92 -25.87 -21.20
CA ILE A 359 -3.16 -26.65 -21.33
C ILE A 359 -2.89 -27.76 -22.33
N MET A 360 -3.30 -28.96 -21.99
CA MET A 360 -3.11 -30.16 -22.84
C MET A 360 -4.46 -30.63 -23.39
N LEU A 361 -4.50 -30.93 -24.68
CA LEU A 361 -5.65 -31.56 -25.38
C LEU A 361 -5.31 -33.05 -25.59
N SER A 362 -6.33 -33.92 -25.54
CA SER A 362 -6.21 -35.39 -25.63
C SER A 362 -6.89 -35.92 -26.93
N GLY A 363 -8.03 -36.59 -26.81
CA GLY A 363 -8.78 -37.18 -27.93
C GLY A 363 -9.15 -36.13 -28.94
N GLU A 364 -9.44 -34.92 -28.47
CA GLU A 364 -9.81 -33.75 -29.32
C GLU A 364 -8.82 -33.60 -30.48
N THR A 365 -7.53 -33.91 -30.26
CA THR A 365 -6.51 -33.75 -31.32
C THR A 365 -6.04 -35.13 -31.80
N ALA A 366 -6.02 -36.13 -30.93
CA ALA A 366 -5.40 -37.44 -31.21
C ALA A 366 -6.24 -38.19 -32.26
N LYS A 367 -7.57 -38.23 -32.09
CA LYS A 367 -8.45 -39.20 -32.80
C LYS A 367 -9.78 -38.58 -33.28
N GLY A 368 -10.09 -37.33 -32.96
CA GLY A 368 -11.43 -36.74 -33.20
C GLY A 368 -11.58 -36.20 -34.61
N ASP A 369 -12.77 -35.70 -34.93
CA ASP A 369 -13.15 -35.21 -36.28
C ASP A 369 -12.67 -33.78 -36.50
N TYR A 370 -12.32 -33.04 -35.44
CA TYR A 370 -11.97 -31.60 -35.56
C TYR A 370 -10.64 -31.28 -34.87
N PRO A 371 -9.51 -31.99 -35.18
CA PRO A 371 -8.24 -31.76 -34.47
C PRO A 371 -7.77 -30.30 -34.57
N LEU A 372 -7.90 -29.71 -35.75
CA LEU A 372 -7.40 -28.35 -36.05
C LEU A 372 -8.28 -27.31 -35.36
N GLU A 373 -9.60 -27.49 -35.42
CA GLU A 373 -10.62 -26.61 -34.77
C GLU A 373 -10.44 -26.67 -33.24
N ALA A 374 -9.98 -27.79 -32.69
CA ALA A 374 -9.71 -27.92 -31.24
C ALA A 374 -8.49 -27.08 -30.87
N VAL A 375 -7.40 -27.12 -31.67
CA VAL A 375 -6.19 -26.30 -31.40
C VAL A 375 -6.59 -24.83 -31.44
N ARG A 376 -7.30 -24.40 -32.48
CA ARG A 376 -7.72 -22.99 -32.67
C ARG A 376 -8.59 -22.55 -31.50
N MET A 377 -9.48 -23.42 -31.02
CA MET A 377 -10.42 -23.05 -29.95
C MET A 377 -9.64 -22.95 -28.63
N GLN A 378 -8.68 -23.84 -28.42
CA GLN A 378 -7.80 -23.83 -27.23
C GLN A 378 -7.04 -22.49 -27.19
N HIS A 379 -6.57 -22.02 -28.35
CA HIS A 379 -5.82 -20.77 -28.51
C HIS A 379 -6.74 -19.59 -28.22
N LEU A 380 -7.95 -19.62 -28.79
CA LEU A 380 -8.93 -18.51 -28.64
C LEU A 380 -9.25 -18.38 -27.16
N ILE A 381 -9.53 -19.49 -26.48
CA ILE A 381 -9.94 -19.45 -25.06
C ILE A 381 -8.74 -18.97 -24.22
N ALA A 382 -7.55 -19.53 -24.41
CA ALA A 382 -6.36 -19.15 -23.62
C ALA A 382 -6.10 -17.65 -23.82
N ARG A 383 -6.33 -17.13 -25.02
CA ARG A 383 -6.02 -15.70 -25.32
C ARG A 383 -7.06 -14.80 -24.62
N GLU A 384 -8.34 -15.15 -24.68
CA GLU A 384 -9.42 -14.39 -23.98
C GLU A 384 -9.21 -14.44 -22.45
N ALA A 385 -8.83 -15.60 -21.90
CA ALA A 385 -8.60 -15.76 -20.45
C ALA A 385 -7.50 -14.79 -19.98
N GLU A 386 -6.51 -14.52 -20.83
CA GLU A 386 -5.34 -13.64 -20.48
C GLU A 386 -5.86 -12.25 -20.09
N ALA A 387 -7.02 -11.82 -20.59
CA ALA A 387 -7.66 -10.50 -20.30
C ALA A 387 -8.12 -10.42 -18.84
N ALA A 388 -8.43 -11.55 -18.21
CA ALA A 388 -8.89 -11.59 -16.79
C ALA A 388 -7.70 -11.80 -15.85
N ILE A 389 -6.48 -11.92 -16.36
CA ILE A 389 -5.32 -12.07 -15.44
C ILE A 389 -4.90 -10.66 -15.00
N TYR A 390 -4.78 -10.46 -13.70
CA TYR A 390 -4.25 -9.22 -13.08
C TYR A 390 -2.78 -9.47 -12.77
N HIS A 391 -1.91 -9.27 -13.75
CA HIS A 391 -0.48 -9.69 -13.67
C HIS A 391 0.20 -8.99 -12.47
N LEU A 392 -0.10 -7.72 -12.22
CA LEU A 392 0.64 -6.95 -11.19
C LEU A 392 0.51 -7.67 -9.85
N GLN A 393 -0.71 -8.09 -9.49
CA GLN A 393 -0.96 -8.78 -8.19
C GLN A 393 -0.20 -10.11 -8.16
N LEU A 394 -0.18 -10.86 -9.27
CA LEU A 394 0.53 -12.15 -9.31
C LEU A 394 2.01 -11.87 -8.98
N PHE A 395 2.62 -10.90 -9.65
CA PHE A 395 4.04 -10.51 -9.46
C PHE A 395 4.31 -10.07 -8.01
N GLU A 396 3.54 -9.11 -7.49
CA GLU A 396 3.77 -8.53 -6.12
C GLU A 396 3.73 -9.67 -5.09
N GLU A 397 2.83 -10.65 -5.28
CA GLU A 397 2.70 -11.78 -4.35
C GLU A 397 3.89 -12.74 -4.53
N LEU A 398 4.31 -13.04 -5.78
CA LEU A 398 5.45 -13.98 -6.06
C LEU A 398 6.76 -13.35 -5.57
N ARG A 399 6.84 -12.01 -5.57
CA ARG A 399 8.01 -11.23 -5.09
C ARG A 399 8.09 -11.32 -3.55
N ARG A 400 7.01 -10.95 -2.85
CA ARG A 400 6.86 -11.05 -1.37
C ARG A 400 7.29 -12.46 -0.87
N LEU A 401 6.77 -13.52 -1.50
CA LEU A 401 6.85 -14.94 -1.03
C LEU A 401 8.24 -15.55 -1.28
N ALA A 402 9.14 -14.82 -1.96
CA ALA A 402 10.54 -15.22 -2.22
C ALA A 402 11.42 -14.83 -1.03
N PRO A 403 12.52 -15.58 -0.76
CA PRO A 403 13.54 -15.16 0.21
C PRO A 403 14.14 -13.78 -0.10
N ALA A 406 18.00 -15.32 -2.50
CA ALA A 406 18.22 -13.92 -2.94
C ALA A 406 19.62 -13.76 -3.54
N ASP A 407 20.03 -14.69 -4.42
CA ASP A 407 21.34 -14.65 -5.14
C ASP A 407 21.30 -13.53 -6.17
N PRO A 408 22.45 -13.19 -6.80
CA PRO A 408 22.50 -12.07 -7.74
C PRO A 408 21.55 -12.25 -8.93
N ALA A 409 21.46 -13.49 -9.44
CA ALA A 409 20.64 -13.85 -10.62
C ALA A 409 19.16 -13.53 -10.36
N GLU A 410 18.65 -13.88 -9.17
CA GLU A 410 17.23 -13.75 -8.76
C GLU A 410 16.84 -12.26 -8.64
N ALA A 411 17.69 -11.42 -8.06
CA ALA A 411 17.39 -9.97 -7.86
C ALA A 411 17.33 -9.26 -9.21
N THR A 412 18.24 -9.65 -10.12
CA THR A 412 18.32 -9.23 -11.53
C THR A 412 17.00 -9.56 -12.25
N ALA A 413 16.48 -10.79 -12.07
CA ALA A 413 15.24 -11.29 -12.70
C ALA A 413 14.05 -10.52 -12.15
N VAL A 414 13.99 -10.35 -10.83
CA VAL A 414 12.89 -9.59 -10.17
C VAL A 414 12.97 -8.15 -10.67
N GLY A 415 14.19 -7.61 -10.78
CA GLY A 415 14.43 -6.26 -11.32
C GLY A 415 13.97 -6.15 -12.77
N ALA A 416 14.25 -7.17 -13.59
CA ALA A 416 13.78 -7.18 -15.00
C ALA A 416 12.25 -7.12 -15.03
N VAL A 417 11.59 -7.85 -14.16
CA VAL A 417 10.11 -7.92 -14.16
C VAL A 417 9.53 -6.62 -13.65
N GLU A 418 10.10 -6.06 -12.59
CA GLU A 418 9.64 -4.74 -12.04
C GLU A 418 9.77 -3.70 -13.13
N ALA A 419 10.93 -3.64 -13.79
CA ALA A 419 11.16 -2.71 -14.92
C ALA A 419 10.13 -2.98 -16.03
N SER A 420 9.84 -4.25 -16.38
CA SER A 420 8.85 -4.56 -17.47
C SER A 420 7.52 -3.84 -17.19
N PHE A 421 7.09 -3.83 -15.92
CA PHE A 421 5.83 -3.15 -15.52
C PHE A 421 6.00 -1.64 -15.55
N LYS A 422 7.09 -1.10 -15.01
CA LYS A 422 7.26 0.38 -14.87
C LYS A 422 7.33 1.00 -16.27
N CYS A 423 7.95 0.32 -17.23
CA CYS A 423 8.28 0.88 -18.56
C CYS A 423 7.18 0.56 -19.55
N CYS A 424 6.15 -0.20 -19.12
CA CYS A 424 5.14 -0.83 -20.00
C CYS A 424 5.86 -1.57 -21.14
N SER A 425 6.89 -2.34 -20.80
CA SER A 425 7.76 -3.06 -21.77
C SER A 425 6.93 -3.89 -22.75
N GLY A 426 7.36 -3.93 -24.00
CA GLY A 426 6.81 -4.80 -25.03
C GLY A 426 7.27 -6.21 -24.81
N ALA A 427 8.40 -6.39 -24.13
CA ALA A 427 8.94 -7.73 -23.87
C ALA A 427 10.11 -7.61 -22.92
N ILE A 428 10.52 -8.76 -22.38
CA ILE A 428 11.81 -9.05 -21.72
C ILE A 428 12.53 -10.04 -22.61
N ILE A 429 13.63 -9.59 -23.23
CA ILE A 429 14.48 -10.41 -24.12
C ILE A 429 15.53 -11.04 -23.22
N VAL A 430 15.66 -12.34 -23.26
CA VAL A 430 16.57 -13.08 -22.37
C VAL A 430 17.47 -13.92 -23.25
N LEU A 431 18.76 -13.66 -23.18
CA LEU A 431 19.80 -14.42 -23.90
C LEU A 431 20.18 -15.54 -22.95
N THR A 432 19.99 -16.79 -23.36
CA THR A 432 20.01 -17.94 -22.43
C THR A 432 20.67 -19.12 -23.12
N LYS A 433 21.51 -19.85 -22.36
CA LYS A 433 22.20 -21.08 -22.76
C LYS A 433 21.35 -22.28 -22.32
N SER A 434 21.09 -22.39 -21.00
CA SER A 434 20.36 -23.51 -20.35
C SER A 434 18.85 -23.29 -20.41
N GLY A 435 18.40 -22.03 -20.44
CA GLY A 435 16.98 -21.65 -20.24
C GLY A 435 16.72 -21.06 -18.87
N ARG A 436 17.60 -21.35 -17.90
CA ARG A 436 17.47 -21.02 -16.44
C ARG A 436 17.03 -19.57 -16.24
N SER A 437 17.76 -18.62 -16.80
CA SER A 437 17.48 -17.17 -16.68
C SER A 437 16.07 -16.87 -17.21
N ALA A 438 15.65 -17.47 -18.32
CA ALA A 438 14.29 -17.28 -18.88
C ALA A 438 13.28 -17.87 -17.88
N HIS A 439 13.60 -19.01 -17.27
CA HIS A 439 12.70 -19.68 -16.30
C HIS A 439 12.55 -18.80 -15.05
N GLN A 440 13.67 -18.24 -14.55
CA GLN A 440 13.74 -17.35 -13.37
C GLN A 440 12.83 -16.14 -13.57
N VAL A 441 12.82 -15.57 -14.76
CA VAL A 441 12.00 -14.38 -15.09
C VAL A 441 10.51 -14.77 -15.11
N ALA A 442 10.20 -15.91 -15.76
CA ALA A 442 8.83 -16.45 -15.96
C ALA A 442 8.18 -16.76 -14.61
N ARG A 443 8.97 -17.28 -13.68
CA ARG A 443 8.59 -17.51 -12.27
C ARG A 443 7.82 -16.30 -11.70
N TYR A 444 8.16 -15.06 -12.09
CA TYR A 444 7.61 -13.82 -11.47
C TYR A 444 6.43 -13.25 -12.27
N ARG A 445 6.01 -13.95 -13.34
CA ARG A 445 4.76 -13.69 -14.09
C ARG A 445 4.73 -12.25 -14.56
N PRO A 446 5.68 -11.81 -15.39
CA PRO A 446 5.54 -10.51 -16.04
C PRO A 446 4.30 -10.50 -16.94
N ARG A 447 3.70 -9.33 -17.18
CA ARG A 447 2.68 -9.11 -18.23
C ARG A 447 3.37 -9.28 -19.61
N ALA A 448 4.51 -8.63 -19.80
CA ALA A 448 5.25 -8.59 -21.08
C ALA A 448 5.72 -10.00 -21.44
N PRO A 449 5.65 -10.37 -22.74
CA PRO A 449 6.23 -11.62 -23.20
C PRO A 449 7.74 -11.73 -22.94
N ILE A 450 8.20 -12.93 -22.57
CA ILE A 450 9.64 -13.26 -22.43
C ILE A 450 10.11 -13.90 -23.74
N ILE A 451 10.84 -13.15 -24.56
CA ILE A 451 11.51 -13.70 -25.78
C ILE A 451 12.85 -14.31 -25.37
N ALA A 452 12.93 -15.63 -25.30
CA ALA A 452 14.13 -16.35 -24.85
C ALA A 452 14.93 -16.79 -26.07
N VAL A 453 16.08 -16.15 -26.29
CA VAL A 453 16.94 -16.38 -27.48
C VAL A 453 17.94 -17.46 -27.10
N ALA A 454 17.83 -18.64 -27.72
CA ALA A 454 18.63 -19.85 -27.45
C ALA A 454 19.40 -20.25 -28.72
N ARG A 455 20.61 -20.79 -28.58
CA ARG A 455 21.34 -21.37 -29.72
C ARG A 455 21.14 -22.88 -29.66
N ASN A 456 20.79 -23.39 -28.46
CA ASN A 456 20.59 -24.83 -28.17
C ASN A 456 19.14 -25.19 -28.52
N PRO A 457 18.87 -26.06 -29.53
CA PRO A 457 17.48 -26.31 -29.95
C PRO A 457 16.62 -26.94 -28.82
N GLN A 458 17.22 -27.69 -27.92
CA GLN A 458 16.46 -28.40 -26.85
C GLN A 458 15.94 -27.38 -25.83
N THR A 459 16.72 -26.34 -25.47
CA THR A 459 16.27 -25.33 -24.49
C THR A 459 15.14 -24.48 -25.10
N ALA A 460 15.17 -24.20 -26.39
CA ALA A 460 14.07 -23.45 -27.06
C ALA A 460 12.77 -24.29 -26.99
N ARG A 461 12.85 -25.59 -27.24
CA ARG A 461 11.68 -26.52 -27.21
C ARG A 461 11.14 -26.61 -25.77
N GLN A 462 12.01 -26.85 -24.80
CA GLN A 462 11.61 -27.08 -23.38
C GLN A 462 10.97 -25.81 -22.81
N ALA A 463 11.37 -24.64 -23.30
CA ALA A 463 10.93 -23.33 -22.79
C ALA A 463 9.40 -23.25 -22.81
N HIS A 464 8.74 -24.00 -23.70
CA HIS A 464 7.26 -23.97 -23.87
C HIS A 464 6.55 -24.47 -22.61
N LEU A 465 7.24 -25.21 -21.74
CA LEU A 465 6.61 -25.68 -20.48
C LEU A 465 6.26 -24.48 -19.60
N TYR A 466 6.89 -23.31 -19.80
CA TYR A 466 6.75 -22.12 -18.93
C TYR A 466 5.83 -21.08 -19.55
N ARG A 467 4.85 -20.67 -18.77
CA ARG A 467 3.94 -19.54 -19.06
C ARG A 467 4.76 -18.29 -19.42
N GLY A 468 4.45 -17.67 -20.57
CA GLY A 468 4.96 -16.35 -20.94
C GLY A 468 6.32 -16.38 -21.66
N ILE A 469 6.92 -17.54 -21.87
CA ILE A 469 8.19 -17.66 -22.64
C ILE A 469 7.84 -17.93 -24.10
N PHE A 470 8.41 -17.13 -25.00
CA PHE A 470 8.31 -17.25 -26.48
C PHE A 470 9.73 -17.56 -26.98
N PRO A 471 10.09 -18.85 -27.07
CA PRO A 471 11.47 -19.22 -27.39
C PRO A 471 11.73 -19.00 -28.88
N VAL A 472 12.89 -18.46 -29.23
CA VAL A 472 13.37 -18.32 -30.63
C VAL A 472 14.75 -18.94 -30.72
N LEU A 473 15.00 -19.70 -31.79
CA LEU A 473 16.27 -20.43 -32.03
C LEU A 473 17.15 -19.54 -32.92
N CYS A 474 18.25 -19.05 -32.38
CA CYS A 474 19.24 -18.27 -33.14
C CYS A 474 20.19 -19.24 -33.86
N LYS A 475 20.28 -19.12 -35.19
CA LYS A 475 21.03 -20.09 -36.06
C LYS A 475 22.34 -19.46 -36.55
N ASP A 476 22.57 -18.18 -36.26
CA ASP A 476 23.79 -17.44 -36.68
C ASP A 476 24.96 -17.93 -35.83
N PRO A 477 26.20 -18.03 -36.37
CA PRO A 477 27.36 -18.42 -35.56
C PRO A 477 27.69 -17.39 -34.47
N VAL A 478 28.46 -17.82 -33.49
CA VAL A 478 28.99 -16.94 -32.40
C VAL A 478 30.01 -15.97 -33.04
N GLN A 479 29.84 -14.66 -32.85
CA GLN A 479 30.87 -13.63 -33.18
C GLN A 479 31.99 -13.71 -32.14
N GLU A 480 33.21 -13.36 -32.52
CA GLU A 480 34.42 -13.36 -31.63
C GLU A 480 34.20 -12.35 -30.51
N ALA A 481 33.62 -11.20 -30.86
CA ALA A 481 33.30 -10.06 -29.96
C ALA A 481 31.92 -10.26 -29.28
N TRP A 482 31.96 -10.64 -28.00
CA TRP A 482 30.79 -10.82 -27.10
C TRP A 482 29.74 -9.72 -27.32
N ALA A 483 30.12 -8.46 -27.17
CA ALA A 483 29.16 -7.33 -27.15
C ALA A 483 28.46 -7.25 -28.51
N GLU A 484 29.12 -7.69 -29.58
CA GLU A 484 28.57 -7.71 -30.96
C GLU A 484 27.61 -8.90 -31.13
N ASP A 485 27.98 -10.05 -30.56
CA ASP A 485 27.14 -11.26 -30.47
C ASP A 485 25.82 -10.95 -29.74
N VAL A 486 25.88 -10.22 -28.61
CA VAL A 486 24.69 -9.80 -27.82
C VAL A 486 23.80 -8.91 -28.71
N ASP A 487 24.36 -7.91 -29.40
CA ASP A 487 23.54 -6.94 -30.21
C ASP A 487 22.81 -7.70 -31.31
N LEU A 488 23.50 -8.64 -31.97
CA LEU A 488 22.96 -9.46 -33.08
C LEU A 488 21.78 -10.29 -32.54
N ARG A 489 21.97 -10.99 -31.44
CA ARG A 489 20.93 -11.84 -30.81
C ARG A 489 19.74 -10.98 -30.36
N VAL A 490 20.01 -9.78 -29.81
CA VAL A 490 18.97 -8.82 -29.37
C VAL A 490 18.29 -8.25 -30.62
N ASN A 491 19.05 -7.99 -31.67
CA ASN A 491 18.49 -7.52 -32.96
C ASN A 491 17.50 -8.59 -33.49
N PHE A 492 17.88 -9.87 -33.42
CA PHE A 492 17.03 -11.02 -33.82
C PHE A 492 15.73 -11.00 -33.02
N ALA A 493 15.81 -10.88 -31.68
CA ALA A 493 14.64 -10.88 -30.79
C ALA A 493 13.73 -9.73 -31.20
N MET A 494 14.31 -8.56 -31.49
CA MET A 494 13.52 -7.35 -31.82
C MET A 494 12.83 -7.53 -33.17
N ASN A 495 13.45 -8.23 -34.13
CA ASN A 495 12.80 -8.59 -35.42
C ASN A 495 11.63 -9.55 -35.11
N VAL A 496 11.88 -10.62 -34.35
CA VAL A 496 10.79 -11.55 -33.95
C VAL A 496 9.62 -10.76 -33.31
N GLY A 497 9.90 -9.91 -32.31
CA GLY A 497 8.86 -9.18 -31.55
C GLY A 497 8.09 -8.24 -32.44
N LYS A 498 8.79 -7.56 -33.35
CA LYS A 498 8.13 -6.68 -34.34
C LYS A 498 7.17 -7.52 -35.20
N ALA A 499 7.65 -8.65 -35.73
CA ALA A 499 6.88 -9.53 -36.65
C ALA A 499 5.64 -10.15 -35.94
N ARG A 500 5.75 -10.52 -34.66
CA ARG A 500 4.60 -11.08 -33.88
C ARG A 500 3.73 -9.96 -33.31
N GLY A 501 4.11 -8.70 -33.55
CA GLY A 501 3.31 -7.52 -33.16
C GLY A 501 3.28 -7.32 -31.65
N PHE A 502 4.27 -7.86 -30.92
CA PHE A 502 4.49 -7.65 -29.47
C PHE A 502 4.80 -6.17 -29.18
N PHE A 503 5.60 -5.53 -30.03
CA PHE A 503 6.00 -4.11 -29.88
C PHE A 503 6.38 -3.55 -31.24
N LYS A 504 6.62 -2.24 -31.31
CA LYS A 504 7.04 -1.55 -32.54
C LYS A 504 8.05 -0.47 -32.17
N LYS A 505 8.63 0.19 -33.19
CA LYS A 505 9.54 1.37 -33.08
C LYS A 505 9.04 2.28 -31.95
N GLY A 506 9.89 2.60 -30.97
CA GLY A 506 9.60 3.62 -29.94
C GLY A 506 9.06 3.03 -28.65
N ASP A 507 8.81 1.72 -28.61
CA ASP A 507 8.53 0.95 -27.37
C ASP A 507 9.87 0.63 -26.70
N VAL A 508 9.84 0.17 -25.47
CA VAL A 508 11.07 -0.23 -24.72
C VAL A 508 10.98 -1.72 -24.40
N VAL A 509 12.11 -2.40 -24.43
CA VAL A 509 12.25 -3.81 -24.01
C VAL A 509 13.29 -3.88 -22.90
N ILE A 510 13.15 -4.84 -22.02
CA ILE A 510 14.17 -5.18 -21.01
C ILE A 510 15.03 -6.26 -21.63
N VAL A 511 16.36 -6.11 -21.57
CA VAL A 511 17.33 -7.13 -22.04
C VAL A 511 18.09 -7.65 -20.84
N LEU A 512 18.17 -8.97 -20.73
CA LEU A 512 18.95 -9.74 -19.73
C LEU A 512 19.97 -10.59 -20.45
N THR A 513 21.21 -10.58 -19.99
CA THR A 513 22.37 -11.28 -20.58
C THR A 513 23.33 -11.58 -19.45
N GLY A 514 24.34 -12.38 -19.69
CA GLY A 514 25.51 -12.46 -18.78
C GLY A 514 26.37 -11.21 -18.91
N TRP A 515 27.49 -11.20 -18.21
CA TRP A 515 28.57 -10.19 -18.37
C TRP A 515 29.83 -10.91 -18.82
N ARG A 516 30.23 -10.68 -20.07
CA ARG A 516 31.48 -11.21 -20.67
C ARG A 516 31.34 -12.71 -20.86
N PRO A 517 31.97 -13.30 -21.89
CA PRO A 517 31.88 -14.74 -22.13
C PRO A 517 32.39 -15.55 -20.92
N GLY A 518 31.85 -16.75 -20.76
CA GLY A 518 32.12 -17.62 -19.61
C GLY A 518 30.88 -17.77 -18.76
N SER A 519 30.48 -19.02 -18.47
CA SER A 519 29.40 -19.35 -17.50
C SER A 519 29.52 -18.41 -16.31
N GLY A 520 28.53 -17.53 -16.13
CA GLY A 520 28.42 -16.64 -14.97
C GLY A 520 26.98 -16.54 -14.51
N PHE A 521 26.70 -15.65 -13.56
CA PHE A 521 25.32 -15.24 -13.26
C PHE A 521 24.85 -14.40 -14.44
N THR A 522 23.66 -14.69 -14.98
CA THR A 522 22.93 -13.75 -15.86
C THR A 522 22.50 -12.58 -14.98
N ASN A 523 23.45 -11.70 -14.66
CA ASN A 523 23.27 -10.58 -13.71
C ASN A 523 23.04 -9.28 -14.48
N THR A 524 23.01 -9.29 -15.81
CA THR A 524 23.06 -8.03 -16.60
C THR A 524 21.66 -7.68 -17.06
N MET A 525 21.18 -6.51 -16.65
CA MET A 525 19.89 -5.92 -17.04
C MET A 525 20.12 -4.60 -17.79
N ARG A 526 19.51 -4.43 -18.96
CA ARG A 526 19.47 -3.15 -19.69
C ARG A 526 18.04 -2.83 -20.07
N VAL A 527 17.71 -1.55 -20.08
CA VAL A 527 16.46 -1.05 -20.72
C VAL A 527 16.84 -0.45 -22.08
N VAL A 528 16.41 -1.05 -23.19
CA VAL A 528 16.79 -0.55 -24.54
C VAL A 528 15.54 -0.10 -25.27
N PRO A 529 15.56 1.11 -25.89
CA PRO A 529 14.46 1.56 -26.73
C PRO A 529 14.45 0.77 -28.03
N VAL A 530 13.27 0.54 -28.59
CA VAL A 530 13.10 -0.27 -29.83
C VAL A 530 13.35 0.66 -31.02
N PRO A 531 14.34 0.38 -31.89
CA PRO A 531 14.54 1.19 -33.09
C PRO A 531 13.52 0.82 -34.19
N ASP B 24 8.66 -1.69 9.25
CA ASP B 24 9.11 -0.48 9.99
C ASP B 24 8.13 0.67 9.74
N THR B 25 8.06 1.59 10.70
CA THR B 25 7.41 2.91 10.58
C THR B 25 8.46 3.98 10.88
N PHE B 26 8.20 5.21 10.49
CA PHE B 26 8.99 6.38 10.92
C PHE B 26 8.98 6.47 12.45
N LEU B 27 7.83 6.25 13.09
CA LEU B 27 7.66 6.36 14.55
C LEU B 27 8.59 5.39 15.28
N GLU B 28 8.58 4.11 14.91
CA GLU B 28 9.48 3.07 15.46
C GLU B 28 10.93 3.53 15.24
N HIS B 29 11.22 4.17 14.11
CA HIS B 29 12.57 4.70 13.79
C HIS B 29 13.01 5.75 14.84
N MET B 30 12.13 6.69 15.17
CA MET B 30 12.41 7.69 16.23
C MET B 30 12.56 6.94 17.56
N CYS B 31 11.67 5.97 17.83
CA CYS B 31 11.63 5.24 19.12
C CYS B 31 12.94 4.48 19.35
N ARG B 32 13.61 4.03 18.30
CA ARG B 32 14.81 3.13 18.41
C ARG B 32 16.08 3.97 18.57
N LEU B 33 16.02 5.26 18.31
CA LEU B 33 17.21 6.16 18.44
C LEU B 33 17.86 5.91 19.80
N ASP B 34 19.19 5.88 19.83
CA ASP B 34 19.97 5.61 21.07
C ASP B 34 21.21 6.49 21.05
N ILE B 35 21.29 7.45 21.98
CA ILE B 35 22.41 8.43 22.05
C ILE B 35 23.69 7.78 22.61
N ASP B 36 23.61 6.58 23.18
CA ASP B 36 24.80 5.84 23.73
C ASP B 36 25.33 4.89 22.65
N SER B 37 24.67 4.83 21.50
CA SER B 37 25.06 4.01 20.32
C SER B 37 25.90 4.88 19.38
N PRO B 38 27.17 4.48 19.10
CA PRO B 38 27.97 5.17 18.09
C PRO B 38 27.24 5.16 16.74
N PRO B 39 27.28 6.27 15.96
CA PRO B 39 26.70 6.27 14.63
C PRO B 39 27.30 5.15 13.78
N ILE B 40 26.44 4.35 13.13
CA ILE B 40 26.84 3.13 12.38
C ILE B 40 27.04 3.51 10.91
N THR B 41 26.22 4.41 10.38
CA THR B 41 26.16 4.73 8.94
C THR B 41 27.08 5.92 8.65
N ALA B 42 27.54 6.03 7.40
CA ALA B 42 28.44 7.12 6.94
C ALA B 42 27.64 8.43 6.87
N ARG B 43 28.31 9.53 7.14
CA ARG B 43 27.77 10.88 6.85
C ARG B 43 27.54 10.98 5.33
N ASN B 44 26.32 11.32 4.90
CA ASN B 44 25.96 11.31 3.45
C ASN B 44 25.70 12.73 2.94
N THR B 45 25.55 13.73 3.80
CA THR B 45 25.40 15.16 3.34
C THR B 45 26.78 15.80 3.09
N GLY B 46 26.84 16.74 2.13
CA GLY B 46 28.04 17.51 1.78
C GLY B 46 28.34 18.57 2.86
N ILE B 47 29.63 18.80 3.13
CA ILE B 47 30.07 19.95 3.98
C ILE B 47 30.78 20.98 3.10
N ILE B 48 30.24 22.18 3.09
CA ILE B 48 30.83 23.38 2.45
C ILE B 48 31.40 24.30 3.53
N CYS B 49 32.65 24.70 3.41
CA CYS B 49 33.35 25.58 4.40
C CYS B 49 33.81 26.83 3.70
N THR B 50 33.48 27.99 4.25
CA THR B 50 34.01 29.29 3.80
C THR B 50 35.48 29.36 4.23
N ILE B 51 36.38 29.55 3.28
CA ILE B 51 37.83 29.72 3.52
C ILE B 51 38.13 31.21 3.65
N GLY B 52 38.82 31.62 4.71
CA GLY B 52 39.27 33.01 4.94
C GLY B 52 40.53 33.03 5.79
N PRO B 53 40.82 34.16 6.49
CA PRO B 53 42.07 34.30 7.22
C PRO B 53 42.36 33.13 8.19
N ALA B 54 41.35 32.55 8.82
CA ALA B 54 41.58 31.49 9.84
C ALA B 54 41.83 30.11 9.20
N SER B 55 41.54 29.91 7.91
CA SER B 55 41.46 28.56 7.29
C SER B 55 42.25 28.45 6.00
N ARG B 56 42.85 29.52 5.49
CA ARG B 56 43.38 29.47 4.11
C ARG B 56 44.82 28.91 4.04
N SER B 57 45.48 28.56 5.15
CA SER B 57 46.84 28.00 5.09
C SER B 57 46.74 26.58 4.54
N VAL B 58 47.75 26.14 3.85
CA VAL B 58 47.77 24.77 3.29
C VAL B 58 47.59 23.78 4.45
N GLU B 59 48.19 24.05 5.62
CA GLU B 59 48.28 23.09 6.77
C GLU B 59 46.86 22.82 7.31
N THR B 60 46.09 23.88 7.57
CA THR B 60 44.69 23.86 8.09
C THR B 60 43.75 23.22 7.04
N LEU B 61 43.88 23.62 5.77
CA LEU B 61 43.12 23.04 4.64
C LEU B 61 43.33 21.52 4.61
N LYS B 62 44.55 21.05 4.66
CA LYS B 62 44.83 19.60 4.74
C LYS B 62 43.94 18.98 5.85
N GLU B 63 43.87 19.62 7.02
CA GLU B 63 43.18 19.06 8.22
C GLU B 63 41.67 19.18 8.01
N MET B 64 41.20 20.28 7.42
CA MET B 64 39.75 20.42 7.14
C MET B 64 39.31 19.38 6.12
N ILE B 65 40.16 19.01 5.15
CA ILE B 65 39.82 17.98 4.14
C ILE B 65 39.74 16.61 4.82
N LYS B 66 40.69 16.30 5.68
CA LYS B 66 40.70 15.01 6.43
C LYS B 66 39.46 14.95 7.33
N SER B 67 39.02 16.09 7.87
CA SER B 67 37.91 16.13 8.85
C SER B 67 36.55 16.22 8.11
N GLY B 68 36.52 16.36 6.78
CA GLY B 68 35.32 16.07 5.97
C GLY B 68 34.89 17.20 5.05
N MET B 69 35.62 18.32 4.99
CA MET B 69 35.33 19.40 4.03
C MET B 69 35.29 18.81 2.60
N ASN B 70 34.23 19.08 1.86
CA ASN B 70 34.06 18.62 0.46
C ASN B 70 34.12 19.76 -0.56
N VAL B 71 33.69 20.94 -0.16
CA VAL B 71 33.61 22.16 -1.02
C VAL B 71 34.22 23.32 -0.24
N ALA B 72 35.19 24.04 -0.84
CA ALA B 72 35.74 25.31 -0.35
C ALA B 72 34.95 26.48 -0.94
N ARG B 73 34.31 27.29 -0.09
CA ARG B 73 33.60 28.53 -0.51
C ARG B 73 34.51 29.77 -0.33
N LEU B 74 34.64 30.53 -1.40
CA LEU B 74 35.29 31.85 -1.48
C LEU B 74 34.19 32.90 -1.50
N ASN B 75 34.16 33.76 -0.47
CA ASN B 75 33.19 34.87 -0.34
C ASN B 75 33.76 36.10 -1.05
N PHE B 76 33.23 36.45 -2.22
CA PHE B 76 33.78 37.57 -3.03
C PHE B 76 33.18 38.89 -2.55
N SER B 77 32.43 38.90 -1.46
CA SER B 77 31.99 40.16 -0.81
C SER B 77 33.22 41.00 -0.43
N HIS B 78 34.32 40.34 -0.06
CA HIS B 78 35.57 40.95 0.41
C HIS B 78 36.75 40.25 -0.28
N GLY B 79 37.87 40.97 -0.40
CA GLY B 79 39.14 40.46 -0.95
C GLY B 79 39.30 40.82 -2.43
N THR B 80 40.53 41.03 -2.85
CA THR B 80 40.92 41.28 -4.26
C THR B 80 41.08 39.94 -4.99
N HIS B 81 41.18 39.99 -6.31
CA HIS B 81 41.36 38.79 -7.15
C HIS B 81 42.66 38.11 -6.76
N GLU B 82 43.69 38.89 -6.42
CA GLU B 82 45.01 38.36 -6.02
C GLU B 82 44.84 37.49 -4.79
N TYR B 83 44.04 37.97 -3.85
CA TYR B 83 43.82 37.29 -2.55
C TYR B 83 43.07 35.98 -2.79
N HIS B 84 42.01 36.02 -3.60
CA HIS B 84 41.16 34.83 -3.90
C HIS B 84 41.99 33.82 -4.71
N ALA B 85 42.82 34.27 -5.66
CA ALA B 85 43.68 33.38 -6.49
C ALA B 85 44.63 32.57 -5.57
N GLU B 86 45.16 33.17 -4.51
CA GLU B 86 46.07 32.49 -3.55
C GLU B 86 45.26 31.51 -2.67
N THR B 87 44.06 31.86 -2.25
CA THR B 87 43.20 30.89 -1.51
C THR B 87 42.93 29.67 -2.38
N ILE B 88 42.51 29.88 -3.62
CA ILE B 88 42.22 28.77 -4.56
C ILE B 88 43.48 27.90 -4.70
N LYS B 89 44.65 28.52 -4.90
CA LYS B 89 45.94 27.79 -5.08
C LYS B 89 46.24 26.91 -3.86
N ASN B 90 46.03 27.43 -2.65
CA ASN B 90 46.22 26.68 -1.39
C ASN B 90 45.23 25.51 -1.28
N VAL B 91 43.96 25.69 -1.70
CA VAL B 91 42.92 24.64 -1.64
C VAL B 91 43.38 23.48 -2.53
N ARG B 92 43.87 23.80 -3.72
CA ARG B 92 44.35 22.79 -4.68
C ARG B 92 45.65 22.16 -4.19
N THR B 93 46.58 22.90 -3.57
CA THR B 93 47.83 22.32 -3.01
C THR B 93 47.45 21.30 -1.92
N ALA B 94 46.59 21.69 -1.00
CA ALA B 94 46.10 20.83 0.09
C ALA B 94 45.42 19.60 -0.49
N THR B 95 44.48 19.78 -1.44
CA THR B 95 43.71 18.67 -2.07
C THR B 95 44.69 17.67 -2.72
N GLU B 96 45.63 18.15 -3.53
CA GLU B 96 46.48 17.28 -4.38
C GLU B 96 47.56 16.59 -3.55
N SER B 97 47.82 17.04 -2.31
CA SER B 97 48.80 16.40 -1.39
C SER B 97 48.33 14.99 -1.05
N PHE B 98 47.02 14.72 -1.20
CA PHE B 98 46.42 13.36 -1.01
C PHE B 98 46.34 12.56 -2.33
N ALA B 99 46.85 13.08 -3.45
CA ALA B 99 46.65 12.51 -4.81
C ALA B 99 47.45 11.19 -5.01
N SER B 100 48.53 11.01 -4.27
CA SER B 100 49.46 9.86 -4.41
C SER B 100 48.71 8.53 -4.19
N ASP B 101 47.68 8.51 -3.32
CA ASP B 101 46.83 7.30 -3.07
C ASP B 101 45.43 7.52 -3.64
N PRO B 102 45.17 7.10 -4.90
CA PRO B 102 43.87 7.32 -5.54
C PRO B 102 42.71 6.63 -4.80
N ILE B 103 43.01 5.63 -3.98
CA ILE B 103 41.98 4.91 -3.18
C ILE B 103 41.51 5.80 -2.05
N LEU B 104 42.38 6.70 -1.55
CA LEU B 104 42.10 7.54 -0.37
C LEU B 104 41.81 8.98 -0.79
N TYR B 105 42.20 9.39 -1.99
CA TYR B 105 42.06 10.80 -2.48
C TYR B 105 40.59 11.20 -2.49
N ARG B 106 40.26 12.32 -1.82
CA ARG B 106 38.91 12.94 -1.82
C ARG B 106 38.95 14.14 -2.75
N PRO B 107 38.14 14.15 -3.83
CA PRO B 107 37.99 15.35 -4.63
C PRO B 107 37.52 16.47 -3.70
N VAL B 108 37.89 17.71 -3.98
CA VAL B 108 37.45 18.92 -3.22
C VAL B 108 37.05 19.98 -4.23
N ALA B 109 35.81 20.46 -4.12
CA ALA B 109 35.24 21.43 -5.10
C ALA B 109 35.53 22.84 -4.61
N VAL B 110 35.60 23.78 -5.55
CA VAL B 110 35.76 25.22 -5.32
C VAL B 110 34.48 25.92 -5.80
N ALA B 111 33.90 26.74 -4.93
CA ALA B 111 32.68 27.53 -5.15
C ALA B 111 33.02 29.01 -5.03
N LEU B 112 32.57 29.80 -6.00
CA LEU B 112 32.63 31.28 -5.95
C LEU B 112 31.29 31.80 -5.51
N ASP B 113 31.26 32.61 -4.45
CA ASP B 113 30.03 33.21 -3.87
C ASP B 113 30.12 34.74 -4.12
N THR B 114 29.21 35.26 -4.96
CA THR B 114 29.27 36.65 -5.51
C THR B 114 28.81 37.64 -4.44
N LYS B 115 29.23 38.90 -4.56
CA LYS B 115 28.83 39.98 -3.66
C LYS B 115 27.34 40.18 -3.81
N GLY B 116 26.91 40.33 -5.06
CA GLY B 116 25.51 40.51 -5.42
C GLY B 116 25.10 41.97 -5.29
N PRO B 117 23.87 42.31 -5.70
CA PRO B 117 23.37 43.67 -5.63
C PRO B 117 23.03 44.00 -4.18
N GLU B 118 23.62 45.08 -3.67
CA GLU B 118 23.38 45.60 -2.31
C GLU B 118 22.75 46.99 -2.40
N ILE B 119 22.29 47.48 -1.25
CA ILE B 119 21.87 48.88 -0.98
C ILE B 119 22.65 49.34 0.25
N ARG B 120 23.42 50.41 0.15
CA ARG B 120 24.29 50.87 1.26
C ARG B 120 23.97 52.33 1.59
N THR B 121 24.22 52.74 2.84
CA THR B 121 23.79 54.03 3.44
C THR B 121 24.78 55.13 3.06
N GLY B 122 26.01 55.08 3.59
CA GLY B 122 27.11 55.99 3.21
C GLY B 122 27.19 57.21 4.11
N LEU B 123 28.04 57.16 5.14
CA LEU B 123 28.24 58.25 6.14
C LEU B 123 29.74 58.45 6.38
N ILE B 124 30.08 59.46 7.21
CA ILE B 124 31.45 59.72 7.75
C ILE B 124 31.31 59.97 9.26
N LYS B 125 32.44 60.17 9.95
CA LYS B 125 32.53 60.40 11.44
C LYS B 125 32.34 59.06 12.17
N GLY B 126 32.26 59.08 13.50
CA GLY B 126 32.23 57.89 14.37
C GLY B 126 30.97 57.06 14.17
N SER B 127 29.81 57.60 14.57
CA SER B 127 28.47 56.95 14.46
C SER B 127 27.36 57.93 14.84
N GLY B 128 26.10 57.55 14.60
CA GLY B 128 24.90 58.35 14.93
C GLY B 128 23.70 57.47 15.20
N LYS B 135 16.81 55.65 18.74
CA LYS B 135 16.24 54.73 19.76
C LYS B 135 14.72 54.93 19.80
N LYS B 136 14.00 54.33 18.84
CA LYS B 136 12.55 54.54 18.58
C LYS B 136 12.31 56.01 18.20
N GLY B 137 11.05 56.37 17.89
CA GLY B 137 10.65 57.72 17.46
C GLY B 137 11.62 58.31 16.44
N ALA B 138 12.25 59.43 16.79
CA ALA B 138 13.39 60.05 16.07
C ALA B 138 12.92 60.72 14.77
N THR B 139 12.12 60.02 13.96
CA THR B 139 11.74 60.43 12.57
C THR B 139 13.00 60.58 11.73
N LEU B 140 13.29 59.57 10.90
CA LEU B 140 14.44 59.57 9.96
C LEU B 140 13.93 59.97 8.57
N LYS B 141 14.69 60.80 7.86
CA LYS B 141 14.37 61.13 6.44
C LYS B 141 15.39 60.43 5.54
N ILE B 142 14.89 59.69 4.55
CA ILE B 142 15.71 59.02 3.49
C ILE B 142 15.75 59.95 2.27
N THR B 143 16.83 60.72 2.10
CA THR B 143 17.18 61.42 0.85
C THR B 143 17.99 60.46 -0.03
N LEU B 144 17.69 60.45 -1.34
CA LEU B 144 18.54 59.84 -2.39
C LEU B 144 19.54 60.91 -2.89
N ASP B 145 19.29 62.19 -2.57
CA ASP B 145 20.07 63.36 -3.07
C ASP B 145 21.55 63.14 -2.80
N ASN B 146 22.34 62.94 -3.87
CA ASN B 146 23.76 62.50 -3.83
C ASN B 146 24.62 63.57 -3.15
N ALA B 147 24.00 64.69 -2.73
CA ALA B 147 24.61 65.72 -1.86
C ALA B 147 25.20 65.05 -0.61
N TYR B 148 24.43 64.17 0.04
CA TYR B 148 24.73 63.59 1.37
C TYR B 148 25.52 62.27 1.21
N MET B 149 26.40 62.20 0.21
CA MET B 149 27.28 61.03 -0.09
C MET B 149 28.01 60.62 1.20
N GLU B 150 28.79 61.54 1.77
CA GLU B 150 29.66 61.31 2.96
C GLU B 150 29.42 62.44 3.98
N LYS B 151 28.14 62.68 4.33
CA LYS B 151 27.68 63.77 5.26
C LYS B 151 26.25 63.45 5.72
N CYS B 152 26.10 62.51 6.66
CA CYS B 152 24.79 61.95 7.13
C CYS B 152 24.78 61.82 8.65
N ASP B 153 23.59 61.86 9.26
CA ASP B 153 23.39 61.87 10.74
C ASP B 153 22.00 61.32 11.08
N GLU B 154 21.65 61.30 12.38
CA GLU B 154 20.37 60.74 12.88
C GLU B 154 19.19 61.66 12.54
N ASN B 155 19.31 62.53 11.52
CA ASN B 155 18.16 63.24 10.92
C ASN B 155 18.06 62.92 9.43
N ILE B 156 19.18 62.96 8.69
CA ILE B 156 19.19 62.75 7.22
C ILE B 156 20.11 61.57 6.86
N LEU B 157 19.60 60.60 6.09
CA LEU B 157 20.31 59.36 5.70
C LEU B 157 20.25 59.18 4.18
N TRP B 158 21.41 58.96 3.55
CA TRP B 158 21.56 58.71 2.09
C TRP B 158 21.51 57.20 1.81
N LEU B 159 21.30 56.81 0.55
CA LEU B 159 21.55 55.43 0.04
C LEU B 159 21.63 55.43 -1.51
N ASP B 160 22.39 54.47 -2.05
CA ASP B 160 22.86 54.49 -3.47
C ASP B 160 21.86 53.77 -4.39
N TYR B 161 20.67 53.40 -3.87
CA TYR B 161 19.56 52.79 -4.65
C TYR B 161 18.60 53.89 -5.13
N LYS B 162 18.61 54.18 -6.44
CA LYS B 162 17.88 55.32 -7.08
C LYS B 162 16.38 55.08 -7.00
N ASN B 163 15.92 53.83 -7.19
CA ASN B 163 14.49 53.47 -7.42
C ASN B 163 13.79 53.10 -6.11
N ILE B 164 14.45 53.28 -4.96
CA ILE B 164 13.89 52.93 -3.61
C ILE B 164 12.50 53.56 -3.42
N CYS B 165 12.27 54.74 -4.01
CA CYS B 165 11.03 55.56 -3.85
C CYS B 165 9.93 55.09 -4.82
N LYS B 166 10.25 54.19 -5.76
CA LYS B 166 9.34 53.73 -6.84
C LYS B 166 8.75 52.34 -6.49
N VAL B 167 9.40 51.56 -5.62
CA VAL B 167 9.02 50.15 -5.32
C VAL B 167 8.65 50.01 -3.83
N VAL B 168 8.18 51.10 -3.20
CA VAL B 168 7.83 51.17 -1.75
C VAL B 168 6.59 52.08 -1.58
N GLU B 169 5.78 51.79 -0.55
CA GLU B 169 4.47 52.45 -0.31
C GLU B 169 4.35 52.85 1.16
N VAL B 170 3.20 53.44 1.55
CA VAL B 170 2.81 53.71 2.96
C VAL B 170 2.78 52.38 3.72
N GLY B 171 3.45 52.31 4.88
CA GLY B 171 3.48 51.12 5.76
C GLY B 171 4.78 50.34 5.66
N SER B 172 5.51 50.49 4.54
CA SER B 172 6.74 49.71 4.18
C SER B 172 7.73 49.72 5.37
N LYS B 173 8.37 48.57 5.60
CA LYS B 173 9.52 48.40 6.51
C LYS B 173 10.82 48.70 5.74
N ILE B 174 11.84 49.25 6.41
CA ILE B 174 13.23 49.34 5.89
C ILE B 174 14.18 48.93 7.01
N TYR B 175 15.01 47.91 6.76
CA TYR B 175 16.03 47.42 7.71
C TYR B 175 17.37 48.06 7.36
N VAL B 176 18.22 48.27 8.37
CA VAL B 176 19.55 48.93 8.27
C VAL B 176 20.53 48.17 9.17
N ASP B 177 21.76 47.98 8.69
CA ASP B 177 22.72 47.00 9.26
C ASP B 177 22.07 45.62 9.10
N ASP B 178 22.43 44.63 9.93
CA ASP B 178 21.93 43.23 9.72
C ASP B 178 20.49 43.15 10.28
N GLY B 179 19.57 43.96 9.75
CA GLY B 179 18.19 44.07 10.24
C GLY B 179 18.13 44.60 11.66
N LEU B 180 19.25 45.14 12.16
CA LEU B 180 19.41 45.66 13.53
C LEU B 180 18.39 46.77 13.78
N ILE B 181 18.27 47.70 12.82
CA ILE B 181 17.39 48.91 12.90
C ILE B 181 16.26 48.76 11.87
N SER B 182 15.01 48.89 12.34
CA SER B 182 13.79 48.88 11.50
C SER B 182 13.28 50.31 11.33
N LEU B 183 12.90 50.68 10.10
CA LEU B 183 12.19 51.95 9.77
C LEU B 183 10.77 51.63 9.32
N GLN B 184 9.90 52.64 9.29
CA GLN B 184 8.50 52.57 8.81
C GLN B 184 8.20 53.83 7.99
N VAL B 185 7.97 53.68 6.69
CA VAL B 185 7.73 54.81 5.72
C VAL B 185 6.32 55.35 5.95
N LYS B 186 6.21 56.62 6.37
CA LYS B 186 4.92 57.37 6.44
C LYS B 186 4.61 57.98 5.07
N GLN B 187 5.47 58.90 4.61
CA GLN B 187 5.21 59.80 3.44
C GLN B 187 6.19 59.45 2.31
N LYS B 188 5.73 59.64 1.07
CA LYS B 188 6.47 59.29 -0.17
C LYS B 188 6.40 60.50 -1.12
N GLY B 189 7.55 60.90 -1.69
CA GLY B 189 7.66 62.05 -2.61
C GLY B 189 8.54 61.72 -3.81
N ALA B 190 9.11 62.76 -4.43
CA ALA B 190 9.89 62.68 -5.69
C ALA B 190 11.21 61.93 -5.46
N ASP B 191 12.13 62.53 -4.68
CA ASP B 191 13.52 62.03 -4.48
C ASP B 191 13.74 61.59 -3.03
N PHE B 192 12.77 61.84 -2.13
CA PHE B 192 12.93 61.63 -0.67
C PHE B 192 11.87 60.63 -0.16
N LEU B 193 12.05 60.18 1.08
CA LEU B 193 11.05 59.44 1.89
C LEU B 193 10.99 60.06 3.29
N VAL B 194 9.91 59.80 4.04
CA VAL B 194 9.73 60.20 5.46
C VAL B 194 9.37 58.94 6.26
N THR B 195 10.22 58.55 7.21
CA THR B 195 10.11 57.26 7.96
C THR B 195 10.12 57.54 9.47
N GLU B 196 10.05 56.47 10.29
CA GLU B 196 9.99 56.52 11.77
C GLU B 196 10.82 55.35 12.33
N VAL B 197 11.86 55.67 13.11
CA VAL B 197 12.76 54.68 13.78
C VAL B 197 11.92 53.76 14.68
N GLU B 198 11.93 52.45 14.42
CA GLU B 198 11.07 51.44 15.11
C GLU B 198 11.90 50.63 16.13
N ASN B 199 13.11 50.20 15.75
CA ASN B 199 14.14 49.64 16.67
C ASN B 199 15.36 50.56 16.66
N GLY B 200 16.00 50.71 17.82
CA GLY B 200 17.09 51.67 18.05
C GLY B 200 18.45 50.99 18.18
N GLY B 201 19.49 51.64 17.67
CA GLY B 201 20.91 51.26 17.83
C GLY B 201 21.84 52.28 17.18
N SER B 202 23.15 52.03 17.21
CA SER B 202 24.19 52.87 16.56
C SER B 202 24.12 52.71 15.04
N LEU B 203 24.29 53.81 14.29
CA LEU B 203 24.27 53.85 12.80
C LEU B 203 25.69 54.10 12.28
N GLY B 204 26.41 53.03 11.93
CA GLY B 204 27.75 53.07 11.34
C GLY B 204 27.73 53.54 9.89
N SER B 205 28.83 53.31 9.17
CA SER B 205 29.11 53.82 7.80
C SER B 205 28.95 52.70 6.76
N LYS B 206 28.38 53.03 5.58
CA LYS B 206 28.20 52.10 4.43
C LYS B 206 27.68 50.75 4.92
N LYS B 207 26.43 50.71 5.41
CA LYS B 207 25.80 49.53 6.07
C LYS B 207 24.61 49.04 5.22
N GLY B 208 24.43 47.72 5.15
CA GLY B 208 23.45 47.04 4.28
C GLY B 208 22.01 47.40 4.60
N VAL B 209 21.14 47.40 3.59
CA VAL B 209 19.73 47.86 3.68
C VAL B 209 18.83 46.83 2.99
N ASN B 210 17.80 46.35 3.70
CA ASN B 210 16.88 45.27 3.24
C ASN B 210 15.45 45.86 3.14
N LEU B 211 14.71 45.48 2.09
CA LEU B 211 13.33 45.98 1.79
C LEU B 211 12.32 44.84 1.85
N PRO B 212 11.78 44.50 3.05
CA PRO B 212 10.79 43.42 3.19
C PRO B 212 9.57 43.50 2.25
N GLY B 213 9.24 42.37 1.59
CA GLY B 213 8.11 42.22 0.65
C GLY B 213 8.25 43.09 -0.59
N ALA B 214 9.43 43.65 -0.82
CA ALA B 214 9.67 44.72 -1.83
C ALA B 214 10.40 44.13 -3.05
N ALA B 215 9.87 44.40 -4.26
CA ALA B 215 10.38 43.89 -5.55
C ALA B 215 11.49 44.81 -6.07
N VAL B 216 12.73 44.59 -5.60
CA VAL B 216 13.95 45.38 -5.92
C VAL B 216 14.37 45.06 -7.36
N ASP B 217 14.54 46.10 -8.21
CA ASP B 217 14.79 45.98 -9.67
C ASP B 217 16.29 46.16 -10.00
N LEU B 218 17.18 46.03 -8.99
CA LEU B 218 18.66 46.11 -9.16
C LEU B 218 19.12 45.07 -10.19
N PRO B 219 20.27 45.31 -10.86
CA PRO B 219 20.62 44.64 -12.13
C PRO B 219 20.80 43.11 -12.16
N ALA B 220 20.87 42.42 -11.02
CA ALA B 220 21.02 40.94 -10.95
C ALA B 220 22.51 40.55 -10.91
N VAL B 221 23.27 40.99 -11.92
CA VAL B 221 24.76 40.91 -11.97
C VAL B 221 25.30 42.36 -12.00
N SER B 222 25.92 42.80 -10.89
CA SER B 222 26.63 44.11 -10.78
C SER B 222 27.87 44.08 -11.67
N GLU B 223 28.59 45.19 -11.81
CA GLU B 223 29.83 45.27 -12.62
C GLU B 223 30.97 44.50 -11.90
N LYS B 224 31.01 44.51 -10.58
CA LYS B 224 31.95 43.68 -9.79
C LYS B 224 31.63 42.17 -10.02
N ASP B 225 30.36 41.77 -9.96
CA ASP B 225 29.93 40.36 -10.17
C ASP B 225 30.41 39.88 -11.54
N ILE B 226 30.27 40.71 -12.57
CA ILE B 226 30.68 40.34 -13.96
C ILE B 226 32.19 40.06 -13.93
N GLN B 227 32.98 40.96 -13.36
CA GLN B 227 34.45 40.76 -13.19
C GLN B 227 34.66 39.44 -12.44
N ASP B 228 33.93 39.26 -11.34
CA ASP B 228 34.14 38.15 -10.37
C ASP B 228 33.79 36.82 -11.04
N LEU B 229 32.74 36.78 -11.86
CA LEU B 229 32.29 35.55 -12.57
C LEU B 229 33.30 35.16 -13.66
N LYS B 230 33.85 36.12 -14.37
CA LYS B 230 34.84 35.87 -15.45
C LYS B 230 36.12 35.34 -14.80
N PHE B 231 36.50 35.88 -13.65
CA PHE B 231 37.66 35.40 -12.82
C PHE B 231 37.40 33.96 -12.39
N GLY B 232 36.15 33.64 -12.02
CA GLY B 232 35.70 32.26 -11.74
C GLY B 232 35.92 31.31 -12.90
N VAL B 233 35.61 31.73 -14.11
CA VAL B 233 35.80 30.88 -15.33
C VAL B 233 37.31 30.58 -15.51
N GLU B 234 38.13 31.63 -15.50
CA GLU B 234 39.63 31.56 -15.62
C GLU B 234 40.21 30.67 -14.50
N GLN B 235 39.65 30.70 -13.29
CA GLN B 235 40.16 29.91 -12.13
C GLN B 235 39.57 28.49 -12.14
N ASP B 236 38.70 28.16 -13.11
CA ASP B 236 38.15 26.78 -13.29
C ASP B 236 37.33 26.38 -12.05
N VAL B 237 36.55 27.29 -11.47
CA VAL B 237 35.75 26.95 -10.27
C VAL B 237 34.67 25.94 -10.70
N ASP B 238 34.13 25.17 -9.72
CA ASP B 238 33.14 24.10 -9.96
C ASP B 238 31.73 24.68 -9.98
N MET B 239 31.50 25.80 -9.30
CA MET B 239 30.13 26.27 -9.04
C MET B 239 30.16 27.73 -8.58
N VAL B 240 29.08 28.44 -8.83
CA VAL B 240 28.87 29.83 -8.38
C VAL B 240 27.67 29.82 -7.44
N PHE B 241 27.75 30.52 -6.34
CA PHE B 241 26.60 30.83 -5.45
C PHE B 241 26.20 32.25 -5.80
N ALA B 242 25.18 32.41 -6.63
CA ALA B 242 24.67 33.70 -7.14
C ALA B 242 23.80 34.38 -6.07
N SER B 243 24.23 35.53 -5.56
CA SER B 243 23.56 36.20 -4.43
C SER B 243 22.24 36.85 -4.92
N PHE B 244 21.22 36.85 -4.06
CA PHE B 244 20.04 37.74 -4.12
C PHE B 244 19.24 37.47 -5.42
N ILE B 245 19.02 36.21 -5.73
CA ILE B 245 18.26 35.73 -6.93
C ILE B 245 16.76 35.89 -6.63
N ARG B 246 16.06 36.68 -7.44
CA ARG B 246 14.65 37.14 -7.23
C ARG B 246 13.73 36.54 -8.29
N LYS B 247 14.26 36.11 -9.43
CA LYS B 247 13.46 35.59 -10.58
C LYS B 247 14.32 34.75 -11.52
N ALA B 248 13.67 34.01 -12.40
CA ALA B 248 14.34 33.14 -13.39
C ALA B 248 15.34 33.94 -14.23
N SER B 249 15.01 35.19 -14.55
CA SER B 249 15.80 36.01 -15.50
C SER B 249 17.13 36.45 -14.84
N ASP B 250 17.19 36.59 -13.51
CA ASP B 250 18.49 36.80 -12.79
C ASP B 250 19.37 35.56 -13.02
N VAL B 251 18.79 34.37 -12.94
CA VAL B 251 19.59 33.12 -13.13
C VAL B 251 20.10 33.12 -14.57
N HIS B 252 19.27 33.51 -15.54
CA HIS B 252 19.63 33.51 -16.99
C HIS B 252 20.77 34.51 -17.21
N GLU B 253 20.69 35.69 -16.60
CA GLU B 253 21.73 36.74 -16.70
C GLU B 253 23.08 36.16 -16.23
N VAL B 254 23.10 35.40 -15.12
CA VAL B 254 24.37 34.83 -14.59
C VAL B 254 24.88 33.78 -15.57
N ARG B 255 23.96 32.99 -16.11
CA ARG B 255 24.25 31.88 -17.05
C ARG B 255 24.92 32.47 -18.30
N LYS B 256 24.46 33.65 -18.75
CA LYS B 256 24.96 34.35 -19.98
C LYS B 256 26.36 34.89 -19.72
N VAL B 257 26.59 35.53 -18.56
CA VAL B 257 27.94 36.01 -18.13
C VAL B 257 28.90 34.82 -18.07
N LEU B 258 28.52 33.70 -17.45
CA LEU B 258 29.43 32.52 -17.37
C LEU B 258 29.73 32.07 -18.81
N GLY B 259 28.76 32.27 -19.70
CA GLY B 259 28.90 32.06 -21.16
C GLY B 259 29.23 30.63 -21.50
N GLU B 260 29.74 30.43 -22.71
CA GLU B 260 30.19 29.14 -23.26
C GLU B 260 31.35 28.60 -22.41
N LYS B 261 32.38 29.41 -22.16
CA LYS B 261 33.58 28.93 -21.41
C LYS B 261 33.14 28.38 -20.03
N GLY B 262 32.09 28.94 -19.42
CA GLY B 262 31.63 28.56 -18.07
C GLY B 262 30.34 27.74 -18.04
N LYS B 263 29.95 27.10 -19.14
CA LYS B 263 28.61 26.44 -19.27
C LYS B 263 28.54 25.21 -18.37
N ASN B 264 29.67 24.66 -17.97
CA ASN B 264 29.75 23.41 -17.18
C ASN B 264 29.85 23.73 -15.67
N ILE B 265 30.02 25.00 -15.32
CA ILE B 265 29.93 25.54 -13.94
C ILE B 265 28.47 25.53 -13.45
N LYS B 266 28.22 24.86 -12.31
CA LYS B 266 26.90 24.77 -11.61
C LYS B 266 26.52 26.13 -11.06
N ILE B 267 25.29 26.59 -11.35
CA ILE B 267 24.71 27.84 -10.76
C ILE B 267 23.75 27.44 -9.64
N ILE B 268 24.14 27.78 -8.41
CA ILE B 268 23.33 27.66 -7.16
C ILE B 268 22.74 29.05 -6.90
N SER B 269 21.42 29.18 -6.99
CA SER B 269 20.72 30.46 -6.70
C SER B 269 20.53 30.57 -5.20
N LYS B 270 21.01 31.65 -4.60
CA LYS B 270 20.77 31.98 -3.17
C LYS B 270 19.40 32.65 -3.03
N ILE B 271 18.51 32.07 -2.23
CA ILE B 271 17.21 32.69 -1.88
C ILE B 271 17.40 33.44 -0.57
N GLU B 272 17.29 34.76 -0.63
CA GLU B 272 17.69 35.71 0.44
C GLU B 272 16.54 36.67 0.76
N ASN B 273 15.42 36.62 0.04
CA ASN B 273 14.30 37.55 0.31
C ASN B 273 12.96 36.95 -0.17
N HIS B 274 11.87 37.69 0.08
CA HIS B 274 10.47 37.23 -0.09
C HIS B 274 10.22 36.88 -1.56
N GLU B 275 10.64 37.73 -2.47
CA GLU B 275 10.40 37.53 -3.93
C GLU B 275 11.02 36.22 -4.39
N GLY B 276 12.26 35.95 -3.96
CA GLY B 276 12.94 34.67 -4.16
C GLY B 276 12.07 33.50 -3.73
N VAL B 277 11.42 33.62 -2.58
CA VAL B 277 10.50 32.57 -2.06
C VAL B 277 9.24 32.52 -2.94
N ARG B 278 8.65 33.69 -3.23
CA ARG B 278 7.41 33.78 -4.06
C ARG B 278 7.66 33.10 -5.41
N ARG B 279 8.80 33.41 -6.04
CA ARG B 279 9.10 33.02 -7.44
C ARG B 279 10.06 31.82 -7.47
N PHE B 280 9.97 30.95 -6.48
CA PHE B 280 10.93 29.84 -6.28
C PHE B 280 10.88 28.85 -7.45
N ASP B 281 9.68 28.44 -7.87
CA ASP B 281 9.51 27.35 -8.88
C ASP B 281 10.29 27.71 -10.14
N GLU B 282 10.19 28.94 -10.63
CA GLU B 282 10.92 29.33 -11.88
C GLU B 282 12.40 29.57 -11.61
N ILE B 283 12.80 29.92 -10.38
CA ILE B 283 14.26 30.03 -10.04
C ILE B 283 14.85 28.61 -10.04
N LEU B 284 14.16 27.64 -9.45
CA LEU B 284 14.61 26.23 -9.37
C LEU B 284 14.74 25.64 -10.77
N GLU B 285 13.77 25.88 -11.66
CA GLU B 285 13.78 25.34 -13.05
C GLU B 285 15.00 25.92 -13.78
N ALA B 286 15.31 27.21 -13.56
CA ALA B 286 16.44 27.93 -14.19
C ALA B 286 17.80 27.44 -13.64
N SER B 287 17.85 26.98 -12.38
CA SER B 287 19.11 26.83 -11.60
C SER B 287 19.60 25.37 -11.66
N ASP B 288 20.87 25.15 -11.32
CA ASP B 288 21.43 23.80 -11.10
C ASP B 288 21.16 23.38 -9.65
N GLY B 289 20.89 24.33 -8.76
CA GLY B 289 20.58 24.05 -7.36
C GLY B 289 20.29 25.32 -6.59
N ILE B 290 20.07 25.22 -5.29
CA ILE B 290 19.47 26.29 -4.44
C ILE B 290 20.25 26.37 -3.14
N MET B 291 20.50 27.59 -2.66
CA MET B 291 21.00 27.82 -1.27
C MET B 291 19.94 28.61 -0.49
N VAL B 292 19.42 28.03 0.58
CA VAL B 292 18.50 28.70 1.54
C VAL B 292 19.33 29.50 2.55
N ALA B 293 19.27 30.82 2.45
CA ALA B 293 19.99 31.76 3.36
C ALA B 293 19.04 32.19 4.47
N ARG B 294 18.94 31.41 5.54
CA ARG B 294 17.90 31.56 6.59
C ARG B 294 18.02 32.93 7.27
N GLY B 295 19.24 33.37 7.56
CA GLY B 295 19.47 34.63 8.30
C GLY B 295 18.97 35.83 7.51
N ASP B 296 19.16 35.82 6.20
CA ASP B 296 18.65 36.90 5.31
C ASP B 296 17.14 36.77 5.15
N LEU B 297 16.62 35.54 4.99
CA LEU B 297 15.15 35.32 4.91
C LEU B 297 14.49 35.90 6.18
N GLY B 298 15.09 35.64 7.35
CA GLY B 298 14.59 36.07 8.66
C GLY B 298 14.47 37.59 8.80
N ILE B 299 15.05 38.36 7.89
CA ILE B 299 14.92 39.85 7.89
C ILE B 299 13.72 40.23 7.03
N GLU B 300 13.67 39.68 5.83
CA GLU B 300 12.66 39.98 4.78
C GLU B 300 11.30 39.40 5.15
N ILE B 301 11.23 38.52 6.16
CA ILE B 301 10.11 37.55 6.37
C ILE B 301 9.99 37.28 7.87
N PRO B 302 8.76 37.20 8.42
CA PRO B 302 8.60 37.02 9.86
C PRO B 302 9.25 35.71 10.35
N ALA B 303 9.87 35.77 11.53
CA ALA B 303 10.78 34.72 12.06
C ALA B 303 10.04 33.38 12.17
N GLU B 304 8.75 33.45 12.47
CA GLU B 304 7.85 32.29 12.68
C GLU B 304 7.38 31.68 11.35
N LYS B 305 7.95 32.09 10.20
CA LYS B 305 7.53 31.58 8.87
C LYS B 305 8.72 30.99 8.10
N VAL B 306 9.95 31.24 8.56
CA VAL B 306 11.17 30.89 7.78
C VAL B 306 11.30 29.38 7.75
N PHE B 307 10.95 28.67 8.84
CA PHE B 307 11.07 27.20 8.90
C PHE B 307 10.17 26.59 7.80
N LEU B 308 9.03 27.21 7.51
CA LEU B 308 8.10 26.78 6.44
C LEU B 308 8.78 26.95 5.09
N ALA B 309 9.39 28.12 4.88
CA ALA B 309 10.13 28.48 3.66
C ALA B 309 11.29 27.49 3.46
N GLN B 310 12.01 27.16 4.54
CA GLN B 310 13.14 26.22 4.46
C GLN B 310 12.60 24.86 4.05
N LYS B 311 11.59 24.37 4.74
CA LYS B 311 11.03 23.03 4.51
C LYS B 311 10.46 22.96 3.09
N MET B 312 9.82 24.02 2.61
CA MET B 312 9.19 24.04 1.25
C MET B 312 10.27 23.90 0.16
N MET B 313 11.34 24.68 0.26
CA MET B 313 12.36 24.76 -0.81
C MET B 313 13.15 23.47 -0.81
N ILE B 314 13.42 22.90 0.36
CA ILE B 314 14.19 21.64 0.40
C ILE B 314 13.33 20.51 -0.22
N GLY B 315 12.05 20.44 0.15
CA GLY B 315 11.08 19.51 -0.43
C GLY B 315 11.00 19.66 -1.94
N ARG B 316 10.85 20.88 -2.45
CA ARG B 316 10.75 21.11 -3.92
C ARG B 316 12.08 20.75 -4.60
N CYS B 317 13.22 21.06 -3.99
CA CYS B 317 14.53 20.67 -4.55
C CYS B 317 14.62 19.16 -4.62
N ASN B 318 14.21 18.45 -3.55
CA ASN B 318 14.32 16.97 -3.46
C ASN B 318 13.42 16.36 -4.56
N ARG B 319 12.30 16.99 -4.84
CA ARG B 319 11.32 16.55 -5.85
C ARG B 319 11.94 16.68 -7.25
N ALA B 320 12.60 17.82 -7.55
CA ALA B 320 13.26 18.11 -8.85
C ALA B 320 14.60 17.38 -8.98
N GLY B 321 15.12 16.75 -7.93
CA GLY B 321 16.42 16.08 -8.02
C GLY B 321 17.55 17.09 -8.20
N LYS B 322 17.37 18.32 -7.69
CA LYS B 322 18.39 19.38 -7.76
C LYS B 322 18.99 19.58 -6.37
N PRO B 323 20.32 19.78 -6.27
CA PRO B 323 20.96 20.01 -4.97
C PRO B 323 20.35 21.21 -4.25
N VAL B 324 20.21 21.10 -2.94
CA VAL B 324 19.83 22.23 -2.05
C VAL B 324 20.83 22.31 -0.88
N ILE B 325 21.30 23.52 -0.61
CA ILE B 325 22.28 23.82 0.44
C ILE B 325 21.58 24.64 1.52
N CYS B 326 21.76 24.29 2.79
CA CYS B 326 21.34 25.15 3.93
C CYS B 326 22.51 25.96 4.46
N ALA B 327 22.28 27.25 4.65
CA ALA B 327 23.37 28.21 4.94
C ALA B 327 22.92 29.26 5.98
N THR B 328 23.91 29.81 6.68
CA THR B 328 23.82 30.92 7.68
C THR B 328 23.28 30.34 8.99
N GLN B 329 23.68 30.94 10.11
CA GLN B 329 23.16 30.61 11.46
C GLN B 329 23.33 29.11 11.71
N MET B 330 24.38 28.49 11.20
CA MET B 330 24.63 27.05 11.42
C MET B 330 25.35 26.82 12.76
N LEU B 331 26.65 27.08 12.83
CA LEU B 331 27.45 26.88 14.07
C LEU B 331 28.14 28.19 14.47
N GLU B 332 27.39 29.27 14.59
CA GLU B 332 27.92 30.66 14.70
C GLU B 332 28.64 30.82 16.05
N SER B 333 28.10 30.22 17.12
CA SER B 333 28.72 30.22 18.47
C SER B 333 30.17 29.75 18.38
N MET B 334 30.51 28.93 17.38
CA MET B 334 31.84 28.27 17.32
C MET B 334 32.84 29.23 16.68
N ILE B 335 32.43 30.45 16.35
CA ILE B 335 33.37 31.55 16.01
C ILE B 335 34.26 31.79 17.24
N LYS B 336 33.67 31.76 18.45
CA LYS B 336 34.36 32.08 19.74
C LYS B 336 34.50 30.84 20.63
N LYS B 337 33.73 29.79 20.41
CA LYS B 337 33.68 28.68 21.38
C LYS B 337 33.99 27.38 20.64
N PRO B 338 34.73 26.46 21.29
CA PRO B 338 35.14 25.21 20.65
C PRO B 338 34.03 24.16 20.55
N ARG B 339 32.84 24.40 21.10
CA ARG B 339 31.64 23.53 21.03
C ARG B 339 30.41 24.37 20.68
N PRO B 340 29.46 23.83 19.90
CA PRO B 340 28.22 24.54 19.59
C PRO B 340 27.22 24.42 20.76
N THR B 341 26.10 25.11 20.67
CA THR B 341 24.97 24.95 21.60
C THR B 341 24.06 23.80 21.14
N ARG B 342 23.22 23.36 22.06
CA ARG B 342 22.13 22.38 21.88
C ARG B 342 21.25 22.87 20.73
N ALA B 343 20.83 24.15 20.77
CA ALA B 343 19.95 24.76 19.72
C ALA B 343 20.59 24.60 18.34
N GLU B 344 21.90 24.85 18.22
CA GLU B 344 22.62 24.81 16.93
C GLU B 344 22.71 23.37 16.42
N GLY B 345 23.07 22.43 17.29
CA GLY B 345 23.08 21.00 16.99
C GLY B 345 21.74 20.54 16.43
N SER B 346 20.66 21.05 17.01
CA SER B 346 19.29 20.67 16.65
C SER B 346 18.88 21.33 15.33
N ASP B 347 19.35 22.56 15.05
CA ASP B 347 18.98 23.30 13.81
C ASP B 347 19.68 22.69 12.58
N VAL B 348 20.95 22.32 12.73
CA VAL B 348 21.76 21.62 11.70
C VAL B 348 21.14 20.24 11.42
N ALA B 349 20.93 19.45 12.47
CA ALA B 349 20.32 18.09 12.33
C ALA B 349 18.99 18.22 11.56
N ASN B 350 18.17 19.21 11.90
CA ASN B 350 16.83 19.36 11.29
C ASN B 350 16.96 19.73 9.83
N ALA B 351 17.98 20.49 9.46
CA ALA B 351 18.24 20.84 8.05
C ALA B 351 18.57 19.57 7.27
N VAL B 352 19.36 18.66 7.84
CA VAL B 352 19.68 17.33 7.26
C VAL B 352 18.38 16.49 7.17
N LEU B 353 17.62 16.38 8.26
CA LEU B 353 16.36 15.58 8.28
C LEU B 353 15.32 16.17 7.32
N ASP B 354 15.32 17.47 7.09
CA ASP B 354 14.39 18.13 6.13
C ASP B 354 14.67 17.61 4.71
N GLY B 355 15.91 17.18 4.40
CA GLY B 355 16.30 16.65 3.06
C GLY B 355 17.43 17.44 2.38
N ALA B 356 18.14 18.31 3.09
CA ALA B 356 19.27 19.11 2.57
C ALA B 356 20.33 18.18 2.00
N ASP B 357 20.89 18.54 0.85
CA ASP B 357 22.03 17.82 0.24
C ASP B 357 23.32 18.22 0.97
N CYS B 358 23.48 19.49 1.29
CA CYS B 358 24.73 20.05 1.86
C CYS B 358 24.42 21.04 2.96
N ILE B 359 25.35 21.18 3.89
CA ILE B 359 25.33 22.24 4.93
C ILE B 359 26.60 23.07 4.76
N MET B 360 26.47 24.39 4.88
CA MET B 360 27.55 25.37 4.66
C MET B 360 27.89 26.07 5.98
N LEU B 361 29.18 26.20 6.25
CA LEU B 361 29.72 27.00 7.36
C LEU B 361 30.25 28.31 6.79
N SER B 362 30.02 29.40 7.50
CA SER B 362 30.49 30.76 7.12
C SER B 362 31.65 31.17 8.04
N GLY B 363 31.42 32.16 8.91
CA GLY B 363 32.44 32.73 9.81
C GLY B 363 33.12 31.68 10.67
N GLU B 364 32.41 30.59 11.00
CA GLU B 364 32.90 29.48 11.86
C GLU B 364 34.20 28.93 11.28
N THR B 365 34.31 28.88 9.95
CA THR B 365 35.52 28.34 9.26
C THR B 365 36.32 29.48 8.63
N ALA B 366 35.70 30.61 8.28
CA ALA B 366 36.36 31.68 7.52
C ALA B 366 37.32 32.47 8.43
N LYS B 367 36.88 32.85 9.63
CA LYS B 367 37.54 33.92 10.44
C LYS B 367 37.59 33.60 11.95
N GLY B 368 36.78 32.68 12.46
CA GLY B 368 36.73 32.40 13.91
C GLY B 368 37.92 31.58 14.40
N ASP B 369 37.91 31.24 15.68
CA ASP B 369 39.07 30.72 16.43
C ASP B 369 39.16 29.20 16.36
N TYR B 370 38.12 28.51 15.86
CA TYR B 370 38.05 27.03 15.94
C TYR B 370 37.61 26.43 14.60
N PRO B 371 38.27 26.80 13.49
CA PRO B 371 37.79 26.41 12.18
C PRO B 371 37.79 24.89 11.98
N LEU B 372 38.84 24.19 12.42
CA LEU B 372 38.95 22.72 12.27
C LEU B 372 37.86 22.07 13.11
N GLU B 373 37.64 22.61 14.31
CA GLU B 373 36.67 22.09 15.28
C GLU B 373 35.27 22.28 14.68
N ALA B 374 35.02 23.40 13.98
CA ALA B 374 33.71 23.69 13.35
C ALA B 374 33.43 22.63 12.27
N VAL B 375 34.44 22.29 11.46
CA VAL B 375 34.29 21.24 10.42
C VAL B 375 33.95 19.91 11.10
N ARG B 376 34.68 19.58 12.17
CA ARG B 376 34.55 18.26 12.85
C ARG B 376 33.19 18.15 13.51
N MET B 377 32.68 19.23 14.06
CA MET B 377 31.36 19.25 14.73
C MET B 377 30.26 19.12 13.66
N GLN B 378 30.41 19.78 12.50
CA GLN B 378 29.48 19.65 11.36
C GLN B 378 29.44 18.18 10.92
N HIS B 379 30.59 17.51 10.78
CA HIS B 379 30.61 16.07 10.46
C HIS B 379 29.85 15.28 11.54
N LEU B 380 30.16 15.47 12.82
CA LEU B 380 29.53 14.69 13.92
C LEU B 380 28.00 14.87 13.87
N ILE B 381 27.53 16.13 13.85
CA ILE B 381 26.07 16.40 13.86
C ILE B 381 25.44 15.67 12.66
N ALA B 382 25.99 15.83 11.46
CA ALA B 382 25.33 15.34 10.22
C ALA B 382 25.40 13.82 10.20
N ARG B 383 26.45 13.24 10.76
CA ARG B 383 26.55 11.77 10.85
C ARG B 383 25.50 11.24 11.85
N GLU B 384 25.36 11.86 13.03
CA GLU B 384 24.35 11.47 14.04
C GLU B 384 22.92 11.60 13.47
N ALA B 385 22.63 12.67 12.71
CA ALA B 385 21.31 12.91 12.06
C ALA B 385 20.92 11.76 11.13
N GLU B 386 21.89 11.06 10.55
CA GLU B 386 21.66 9.98 9.57
C GLU B 386 20.83 8.87 10.25
N ALA B 387 21.10 8.58 11.53
CA ALA B 387 20.34 7.60 12.33
C ALA B 387 18.85 7.92 12.26
N ALA B 388 18.48 9.18 12.10
CA ALA B 388 17.06 9.62 12.20
C ALA B 388 16.44 9.62 10.82
N ILE B 389 17.21 9.35 9.77
CA ILE B 389 16.63 9.27 8.40
C ILE B 389 16.09 7.87 8.16
N TYR B 390 14.81 7.81 7.79
CA TYR B 390 14.04 6.62 7.37
C TYR B 390 14.08 6.50 5.83
N HIS B 391 15.07 5.79 5.30
CA HIS B 391 15.47 5.85 3.87
C HIS B 391 14.35 5.31 2.98
N LEU B 392 13.78 4.16 3.31
CA LEU B 392 12.80 3.49 2.41
C LEU B 392 11.64 4.45 2.11
N GLN B 393 11.18 5.22 3.11
CA GLN B 393 10.02 6.15 2.93
C GLN B 393 10.36 7.19 1.87
N LEU B 394 11.45 7.92 2.05
CA LEU B 394 12.00 8.87 1.04
C LEU B 394 11.91 8.23 -0.35
N PHE B 395 12.53 7.07 -0.53
CA PHE B 395 12.61 6.36 -1.83
C PHE B 395 11.18 6.12 -2.34
N GLU B 396 10.33 5.51 -1.51
CA GLU B 396 8.96 5.07 -1.91
C GLU B 396 8.14 6.28 -2.38
N GLU B 397 8.27 7.42 -1.71
CA GLU B 397 7.58 8.68 -2.09
C GLU B 397 8.22 9.26 -3.35
N LEU B 398 9.56 9.26 -3.44
CA LEU B 398 10.30 9.88 -4.57
C LEU B 398 10.04 9.05 -5.85
N ARG B 399 9.94 7.73 -5.73
CA ARG B 399 9.56 6.82 -6.85
C ARG B 399 8.13 7.13 -7.32
N ARG B 400 7.17 7.23 -6.39
CA ARG B 400 5.72 7.46 -6.69
C ARG B 400 5.57 8.79 -7.45
N LEU B 401 6.12 9.88 -6.92
CA LEU B 401 6.17 11.21 -7.59
C LEU B 401 7.10 11.11 -8.81
N ALA B 405 8.35 6.01 -15.98
CA ALA B 405 9.67 5.74 -16.59
C ALA B 405 9.97 6.78 -17.68
N ALA B 406 10.35 8.00 -17.28
CA ALA B 406 10.70 9.14 -18.17
C ALA B 406 11.53 8.65 -19.36
N ASP B 407 12.62 7.93 -19.09
CA ASP B 407 13.49 7.31 -20.12
C ASP B 407 14.13 6.05 -19.54
N PRO B 408 14.84 5.23 -20.35
CA PRO B 408 15.65 4.11 -19.84
C PRO B 408 16.59 4.44 -18.67
N ALA B 409 17.23 5.61 -18.73
CA ALA B 409 18.04 6.22 -17.65
C ALA B 409 17.27 6.17 -16.32
N GLU B 410 16.13 6.85 -16.22
CA GLU B 410 15.35 6.94 -14.97
C GLU B 410 14.95 5.53 -14.51
N ALA B 411 14.58 4.64 -15.44
CA ALA B 411 14.15 3.26 -15.15
C ALA B 411 15.32 2.49 -14.50
N THR B 412 16.52 2.59 -15.06
CA THR B 412 17.76 1.98 -14.51
C THR B 412 18.07 2.57 -13.12
N ALA B 413 17.92 3.88 -12.93
CA ALA B 413 18.27 4.53 -11.65
C ALA B 413 17.36 3.97 -10.55
N VAL B 414 16.04 4.05 -10.77
CA VAL B 414 14.98 3.60 -9.82
C VAL B 414 15.22 2.11 -9.51
N GLY B 415 15.49 1.29 -10.51
CA GLY B 415 15.70 -0.15 -10.34
C GLY B 415 16.97 -0.47 -9.59
N ALA B 416 18.00 0.37 -9.73
CA ALA B 416 19.27 0.29 -8.98
C ALA B 416 18.99 0.55 -7.48
N VAL B 417 18.21 1.58 -7.20
CA VAL B 417 17.93 1.94 -5.80
C VAL B 417 17.05 0.84 -5.18
N GLU B 418 16.06 0.36 -5.92
CA GLU B 418 15.17 -0.76 -5.52
C GLU B 418 16.05 -1.97 -5.15
N ALA B 419 16.98 -2.33 -6.03
CA ALA B 419 17.87 -3.49 -5.83
C ALA B 419 18.79 -3.26 -4.62
N SER B 420 19.21 -2.01 -4.38
CA SER B 420 20.13 -1.67 -3.25
C SER B 420 19.43 -2.02 -1.94
N PHE B 421 18.14 -1.70 -1.84
CA PHE B 421 17.28 -2.03 -0.68
C PHE B 421 17.05 -3.56 -0.58
N LYS B 422 16.59 -4.21 -1.64
CA LYS B 422 16.26 -5.68 -1.62
C LYS B 422 17.49 -6.50 -1.21
N CYS B 423 18.65 -6.23 -1.80
CA CYS B 423 19.89 -7.04 -1.61
C CYS B 423 20.68 -6.54 -0.40
N CYS B 424 20.21 -5.50 0.29
CA CYS B 424 20.92 -4.82 1.41
C CYS B 424 22.38 -4.49 1.01
N SER B 425 22.57 -3.87 -0.16
CA SER B 425 23.91 -3.69 -0.77
C SER B 425 24.75 -2.70 0.05
N GLY B 426 26.06 -2.87 0.03
CA GLY B 426 27.03 -1.97 0.67
C GLY B 426 27.26 -0.70 -0.14
N ALA B 427 26.97 -0.71 -1.45
CA ALA B 427 27.05 0.50 -2.30
C ALA B 427 26.25 0.33 -3.59
N ILE B 428 25.95 1.45 -4.23
CA ILE B 428 25.69 1.52 -5.70
C ILE B 428 26.90 2.15 -6.40
N ILE B 429 27.60 1.36 -7.20
CA ILE B 429 28.76 1.81 -7.99
C ILE B 429 28.27 2.30 -9.35
N VAL B 430 28.56 3.54 -9.73
CA VAL B 430 28.14 4.18 -11.01
C VAL B 430 29.40 4.63 -11.76
N LEU B 431 29.64 4.04 -12.91
CA LEU B 431 30.66 4.51 -13.89
C LEU B 431 30.07 5.70 -14.64
N THR B 432 30.40 6.92 -14.22
CA THR B 432 29.82 8.19 -14.70
C THR B 432 30.74 8.84 -15.72
N LYS B 433 30.18 9.41 -16.78
CA LYS B 433 30.89 10.33 -17.71
C LYS B 433 30.63 11.78 -17.24
N SER B 434 29.41 12.29 -17.45
CA SER B 434 29.00 13.66 -17.01
C SER B 434 28.62 13.67 -15.51
N GLY B 435 28.31 12.51 -14.94
CA GLY B 435 27.83 12.39 -13.55
C GLY B 435 26.31 12.33 -13.47
N ARG B 436 25.61 12.65 -14.59
CA ARG B 436 24.13 12.65 -14.69
C ARG B 436 23.57 11.34 -14.14
N SER B 437 24.13 10.20 -14.52
CA SER B 437 23.76 8.86 -13.99
C SER B 437 23.76 8.86 -12.45
N ALA B 438 24.89 9.20 -11.83
CA ALA B 438 25.05 9.32 -10.35
C ALA B 438 23.95 10.19 -9.74
N HIS B 439 23.72 11.39 -10.30
CA HIS B 439 22.74 12.38 -9.80
C HIS B 439 21.36 11.75 -9.87
N GLN B 440 21.13 10.92 -10.89
CA GLN B 440 19.80 10.31 -11.17
C GLN B 440 19.56 9.26 -10.09
N VAL B 441 20.59 8.50 -9.73
CA VAL B 441 20.49 7.53 -8.60
C VAL B 441 20.26 8.31 -7.29
N ALA B 442 21.00 9.40 -7.03
CA ALA B 442 20.96 10.14 -5.74
C ALA B 442 19.57 10.73 -5.48
N ARG B 443 18.84 11.12 -6.51
CA ARG B 443 17.45 11.67 -6.42
C ARG B 443 16.55 10.76 -5.58
N TYR B 444 16.70 9.45 -5.71
CA TYR B 444 15.80 8.42 -5.15
C TYR B 444 16.29 8.02 -3.77
N ARG B 445 17.42 8.57 -3.33
CA ARG B 445 17.89 8.56 -1.93
C ARG B 445 18.04 7.13 -1.44
N PRO B 446 18.94 6.35 -2.05
CA PRO B 446 19.30 5.07 -1.48
C PRO B 446 19.94 5.25 -0.09
N ARG B 447 19.71 4.26 0.79
CA ARG B 447 20.49 4.03 2.02
C ARG B 447 21.96 3.89 1.62
N ALA B 448 22.26 2.93 0.73
CA ALA B 448 23.62 2.56 0.31
C ALA B 448 24.32 3.77 -0.31
N PRO B 449 25.59 4.03 0.02
CA PRO B 449 26.38 5.03 -0.68
C PRO B 449 26.48 4.78 -2.19
N ILE B 450 26.48 5.86 -2.98
CA ILE B 450 26.72 5.86 -4.45
C ILE B 450 28.19 6.20 -4.66
N ILE B 451 29.00 5.22 -5.07
CA ILE B 451 30.41 5.45 -5.45
C ILE B 451 30.42 5.82 -6.93
N ALA B 452 30.59 7.10 -7.23
CA ALA B 452 30.59 7.68 -8.59
C ALA B 452 32.03 7.70 -9.09
N VAL B 453 32.40 6.74 -9.92
CA VAL B 453 33.76 6.62 -10.53
C VAL B 453 33.79 7.51 -11.76
N ALA B 454 34.56 8.60 -11.70
CA ALA B 454 34.73 9.60 -12.77
C ALA B 454 36.20 9.63 -13.20
N ARG B 455 36.47 9.76 -14.50
CA ARG B 455 37.83 10.10 -15.04
C ARG B 455 37.97 11.62 -15.21
N ASN B 456 36.84 12.31 -15.21
CA ASN B 456 36.71 13.76 -15.40
C ASN B 456 36.78 14.43 -14.04
N PRO B 457 37.82 15.24 -13.77
CA PRO B 457 38.07 15.72 -12.41
C PRO B 457 36.95 16.66 -11.94
N GLN B 458 36.32 17.41 -12.86
CA GLN B 458 35.29 18.41 -12.50
C GLN B 458 34.02 17.66 -12.09
N THR B 459 33.74 16.52 -12.73
CA THR B 459 32.56 15.68 -12.44
C THR B 459 32.67 15.15 -11.02
N ALA B 460 33.85 14.65 -10.65
CA ALA B 460 34.15 14.12 -9.30
C ALA B 460 33.92 15.22 -8.25
N ARG B 461 34.39 16.44 -8.51
CA ARG B 461 34.24 17.58 -7.57
C ARG B 461 32.77 18.00 -7.48
N GLN B 462 32.05 18.08 -8.60
CA GLN B 462 30.69 18.66 -8.61
C GLN B 462 29.72 17.69 -7.94
N ALA B 463 30.09 16.40 -7.86
CA ALA B 463 29.24 15.32 -7.32
C ALA B 463 28.90 15.59 -5.84
N HIS B 464 29.79 16.26 -5.11
CA HIS B 464 29.61 16.57 -3.66
C HIS B 464 28.32 17.38 -3.42
N LEU B 465 27.76 18.01 -4.45
CA LEU B 465 26.53 18.86 -4.27
C LEU B 465 25.33 17.97 -3.95
N TYR B 466 25.47 16.65 -4.13
CA TYR B 466 24.36 15.66 -4.02
C TYR B 466 24.53 14.80 -2.77
N ARG B 467 23.52 14.81 -1.90
CA ARG B 467 23.45 13.88 -0.77
C ARG B 467 23.81 12.47 -1.25
N GLY B 468 24.68 11.78 -0.53
CA GLY B 468 24.86 10.33 -0.69
C GLY B 468 25.75 9.92 -1.86
N ILE B 469 26.33 10.87 -2.60
CA ILE B 469 27.35 10.52 -3.63
C ILE B 469 28.75 10.67 -3.01
N PHE B 470 29.50 9.59 -3.03
CA PHE B 470 30.95 9.52 -2.71
C PHE B 470 31.73 9.44 -4.03
N PRO B 471 32.17 10.60 -4.58
CA PRO B 471 32.86 10.62 -5.86
C PRO B 471 34.31 10.15 -5.70
N VAL B 472 34.78 9.37 -6.66
CA VAL B 472 36.21 8.93 -6.75
C VAL B 472 36.67 9.22 -8.17
N LEU B 473 37.92 9.65 -8.29
CA LEU B 473 38.58 10.04 -9.56
C LEU B 473 39.44 8.85 -10.00
N CYS B 474 39.09 8.19 -11.10
CA CYS B 474 39.95 7.10 -11.68
C CYS B 474 41.07 7.75 -12.49
N LYS B 475 42.31 7.37 -12.23
CA LYS B 475 43.51 7.96 -12.90
C LYS B 475 44.20 6.88 -13.75
N ASP B 476 43.62 5.68 -13.85
CA ASP B 476 44.16 4.60 -14.73
C ASP B 476 43.90 4.98 -16.18
N PRO B 477 44.82 4.63 -17.10
CA PRO B 477 44.59 4.85 -18.52
C PRO B 477 43.42 3.98 -19.00
N VAL B 478 42.75 4.44 -20.04
CA VAL B 478 41.64 3.73 -20.74
C VAL B 478 42.22 2.47 -21.37
N GLN B 479 41.61 1.31 -21.10
CA GLN B 479 42.03 -0.01 -21.67
C GLN B 479 41.45 -0.16 -23.08
N GLU B 480 42.20 -0.81 -23.98
CA GLU B 480 41.86 -0.99 -25.42
C GLU B 480 40.46 -1.62 -25.55
N ALA B 481 40.16 -2.61 -24.71
CA ALA B 481 38.87 -3.35 -24.71
C ALA B 481 37.94 -2.76 -23.65
N TRP B 482 36.74 -2.35 -24.06
CA TRP B 482 35.74 -1.64 -23.23
C TRP B 482 35.41 -2.47 -21.97
N ALA B 483 35.25 -3.78 -22.11
CA ALA B 483 34.83 -4.67 -21.01
C ALA B 483 35.93 -4.68 -19.92
N GLU B 484 37.21 -4.67 -20.32
CA GLU B 484 38.37 -4.64 -19.39
C GLU B 484 38.45 -3.26 -18.72
N ASP B 485 38.12 -2.20 -19.45
CA ASP B 485 38.12 -0.84 -18.88
C ASP B 485 37.05 -0.77 -17.78
N VAL B 486 35.87 -1.32 -18.05
CA VAL B 486 34.76 -1.38 -17.06
C VAL B 486 35.24 -2.20 -15.85
N ASP B 487 35.73 -3.43 -16.06
CA ASP B 487 36.16 -4.30 -14.95
C ASP B 487 37.18 -3.51 -14.10
N LEU B 488 38.15 -2.82 -14.72
CA LEU B 488 39.20 -2.03 -14.02
C LEU B 488 38.56 -0.98 -13.08
N ARG B 489 37.59 -0.20 -13.57
CA ARG B 489 36.95 0.91 -12.81
C ARG B 489 36.09 0.35 -11.69
N VAL B 490 35.44 -0.80 -11.90
CA VAL B 490 34.62 -1.48 -10.86
C VAL B 490 35.54 -2.03 -9.77
N ASN B 491 36.63 -2.67 -10.16
CA ASN B 491 37.63 -3.20 -9.20
C ASN B 491 38.16 -2.01 -8.39
N PHE B 492 38.40 -0.86 -9.04
CA PHE B 492 38.83 0.39 -8.35
C PHE B 492 37.79 0.78 -7.31
N ALA B 493 36.50 0.86 -7.64
CA ALA B 493 35.41 1.21 -6.70
C ALA B 493 35.34 0.17 -5.55
N MET B 494 35.59 -1.09 -5.87
CA MET B 494 35.54 -2.24 -4.93
C MET B 494 36.64 -2.04 -3.86
N ASN B 495 37.82 -1.60 -4.28
CA ASN B 495 38.96 -1.31 -3.39
C ASN B 495 38.68 -0.05 -2.58
N VAL B 496 38.04 0.94 -3.17
CA VAL B 496 37.67 2.19 -2.44
C VAL B 496 36.71 1.83 -1.30
N GLY B 497 35.64 1.10 -1.63
CA GLY B 497 34.56 0.78 -0.67
C GLY B 497 35.10 -0.04 0.48
N LYS B 498 35.93 -1.05 0.19
CA LYS B 498 36.61 -1.89 1.21
C LYS B 498 37.41 -0.99 2.17
N ALA B 499 38.28 -0.13 1.65
CA ALA B 499 39.10 0.84 2.43
C ALA B 499 38.21 1.73 3.31
N ARG B 500 37.07 2.19 2.79
CA ARG B 500 36.20 3.20 3.46
C ARG B 500 35.30 2.50 4.48
N GLY B 501 35.27 1.17 4.50
CA GLY B 501 34.38 0.39 5.39
C GLY B 501 32.93 0.41 4.93
N PHE B 502 32.66 0.58 3.62
CA PHE B 502 31.26 0.59 3.08
C PHE B 502 30.75 -0.85 2.98
N PHE B 503 31.65 -1.76 2.59
CA PHE B 503 31.37 -3.20 2.42
C PHE B 503 32.68 -3.98 2.59
N LYS B 504 32.59 -5.30 2.52
CA LYS B 504 33.73 -6.22 2.65
C LYS B 504 33.49 -7.40 1.71
N LYS B 505 34.50 -8.24 1.52
CA LYS B 505 34.45 -9.46 0.68
C LYS B 505 33.18 -10.24 1.04
N GLY B 506 32.39 -10.60 0.03
CA GLY B 506 31.20 -11.47 0.20
C GLY B 506 29.92 -10.66 0.36
N ASP B 507 30.01 -9.35 0.51
CA ASP B 507 28.83 -8.45 0.42
C ASP B 507 28.42 -8.39 -1.07
N VAL B 508 27.29 -7.76 -1.37
CA VAL B 508 26.81 -7.53 -2.76
C VAL B 508 26.74 -6.02 -2.99
N VAL B 509 27.12 -5.58 -4.18
CA VAL B 509 26.94 -4.17 -4.62
C VAL B 509 26.14 -4.19 -5.90
N ILE B 510 25.48 -3.07 -6.18
CA ILE B 510 24.82 -2.83 -7.49
C ILE B 510 25.81 -2.08 -8.36
N VAL B 511 26.01 -2.49 -9.61
CA VAL B 511 26.94 -1.80 -10.56
C VAL B 511 26.13 -1.27 -11.75
N LEU B 512 26.23 0.04 -12.02
CA LEU B 512 25.65 0.69 -13.22
C LEU B 512 26.79 1.14 -14.14
N THR B 513 26.68 0.79 -15.40
CA THR B 513 27.66 1.12 -16.47
C THR B 513 26.88 1.44 -17.72
N GLY B 514 27.55 2.02 -18.71
CA GLY B 514 27.04 2.11 -20.08
C GLY B 514 27.05 0.73 -20.74
N TRP B 515 26.43 0.62 -21.89
CA TRP B 515 26.56 -0.56 -22.76
C TRP B 515 27.34 -0.14 -23.99
N ARG B 516 28.57 -0.62 -24.13
CA ARG B 516 29.46 -0.34 -25.30
C ARG B 516 30.10 1.01 -25.08
N PRO B 517 31.29 1.26 -25.67
CA PRO B 517 31.90 2.57 -25.55
C PRO B 517 31.01 3.67 -26.13
N GLY B 518 30.84 4.73 -25.36
CA GLY B 518 30.22 5.98 -25.82
C GLY B 518 28.71 5.93 -25.77
N SER B 519 28.09 4.98 -25.05
CA SER B 519 26.61 4.95 -24.91
C SER B 519 26.16 6.22 -24.17
N GLY B 520 24.94 6.67 -24.44
CA GLY B 520 24.42 7.97 -24.01
C GLY B 520 24.10 8.02 -22.52
N PHE B 521 23.90 6.89 -21.86
CA PHE B 521 23.64 6.83 -20.40
C PHE B 521 24.09 5.50 -19.81
N THR B 522 24.24 5.49 -18.49
CA THR B 522 24.46 4.30 -17.65
C THR B 522 23.14 3.51 -17.63
N ASN B 523 23.02 2.54 -18.53
CA ASN B 523 21.72 1.89 -18.84
C ASN B 523 21.77 0.41 -18.45
N THR B 524 22.89 -0.06 -17.88
CA THR B 524 23.22 -1.48 -17.66
C THR B 524 23.45 -1.74 -16.17
N MET B 525 22.62 -2.59 -15.57
CA MET B 525 22.67 -2.92 -14.13
C MET B 525 23.17 -4.34 -13.90
N ARG B 526 24.12 -4.51 -12.97
CA ARG B 526 24.55 -5.83 -12.47
C ARG B 526 24.47 -5.87 -10.95
N VAL B 527 24.06 -7.01 -10.41
CA VAL B 527 24.27 -7.34 -8.98
C VAL B 527 25.55 -8.16 -8.92
N VAL B 528 26.59 -7.66 -8.25
CA VAL B 528 27.92 -8.35 -8.30
C VAL B 528 28.44 -8.53 -6.88
N PRO B 529 28.92 -9.74 -6.55
CA PRO B 529 29.48 -10.01 -5.23
C PRO B 529 30.79 -9.23 -5.06
N VAL B 530 31.04 -8.75 -3.86
CA VAL B 530 32.34 -8.10 -3.51
C VAL B 530 33.37 -9.22 -3.40
N PRO B 531 34.41 -9.23 -4.27
CA PRO B 531 35.48 -10.21 -4.18
C PRO B 531 36.57 -9.85 -3.15
N MET C 22 -5.03 17.50 0.11
CA MET C 22 -4.38 16.44 0.98
C MET C 22 -3.35 15.66 0.16
N ALA C 23 -2.11 15.57 0.65
CA ALA C 23 -0.94 15.04 -0.10
C ALA C 23 -0.90 13.52 0.05
N ASP C 24 -0.60 12.82 -1.05
CA ASP C 24 -0.40 11.36 -1.13
C ASP C 24 0.88 11.01 -0.37
N THR C 25 1.82 11.97 -0.27
CA THR C 25 3.16 11.76 0.33
C THR C 25 3.52 12.90 1.30
N PHE C 26 4.37 12.58 2.28
CA PHE C 26 5.03 13.58 3.13
C PHE C 26 5.72 14.63 2.24
N LEU C 27 6.48 14.16 1.24
CA LEU C 27 7.31 15.02 0.35
C LEU C 27 6.45 16.11 -0.27
N GLU C 28 5.34 15.72 -0.88
CA GLU C 28 4.34 16.64 -1.49
C GLU C 28 3.85 17.62 -0.45
N HIS C 29 3.64 17.15 0.78
CA HIS C 29 3.14 17.98 1.90
C HIS C 29 4.13 19.11 2.19
N MET C 30 5.43 18.83 2.19
CA MET C 30 6.45 19.90 2.39
C MET C 30 6.43 20.80 1.16
N CYS C 31 6.31 20.22 -0.03
CA CYS C 31 6.36 20.99 -1.31
C CYS C 31 5.22 22.02 -1.35
N ARG C 32 4.09 21.75 -0.69
CA ARG C 32 2.86 22.56 -0.87
C ARG C 32 2.74 23.61 0.25
N LEU C 33 3.71 23.68 1.18
CA LEU C 33 3.75 24.72 2.24
C LEU C 33 3.82 26.10 1.59
N ASP C 34 2.96 27.01 2.02
CA ASP C 34 2.90 28.42 1.51
C ASP C 34 3.07 29.37 2.70
N ILE C 35 4.10 30.20 2.70
CA ILE C 35 4.32 31.17 3.81
C ILE C 35 3.28 32.30 3.74
N ASP C 36 2.66 32.53 2.57
CA ASP C 36 1.86 33.76 2.30
C ASP C 36 0.37 33.54 2.60
N SER C 37 -0.07 32.30 2.83
CA SER C 37 -1.50 31.95 3.08
C SER C 37 -1.70 31.59 4.56
N PRO C 38 -2.75 32.14 5.20
CA PRO C 38 -3.05 31.85 6.61
C PRO C 38 -3.14 30.36 6.90
N PRO C 39 -3.07 29.96 8.18
CA PRO C 39 -3.19 28.54 8.55
C PRO C 39 -4.64 28.07 8.42
N ILE C 40 -4.86 26.86 7.88
CA ILE C 40 -6.19 26.27 7.55
C ILE C 40 -6.53 25.17 8.58
N THR C 41 -5.74 25.04 9.63
CA THR C 41 -6.03 24.13 10.76
C THR C 41 -6.01 24.92 12.08
N ALA C 42 -6.56 24.32 13.13
CA ALA C 42 -6.56 24.86 14.51
C ALA C 42 -5.14 24.73 15.10
N ARG C 43 -4.82 25.52 16.14
CA ARG C 43 -3.59 25.33 16.94
C ARG C 43 -3.83 24.15 17.88
N ASN C 44 -3.19 23.02 17.66
CA ASN C 44 -3.59 21.76 18.30
C ASN C 44 -2.72 21.47 19.53
N THR C 45 -1.53 22.05 19.64
CA THR C 45 -0.63 21.76 20.78
C THR C 45 -1.02 22.68 21.94
N GLY C 46 -0.83 22.22 23.15
CA GLY C 46 -1.17 23.00 24.36
C GLY C 46 -0.09 24.03 24.61
N ILE C 47 -0.45 25.13 25.26
CA ILE C 47 0.50 26.19 25.72
C ILE C 47 0.51 26.20 27.25
N ILE C 48 1.67 25.93 27.84
CA ILE C 48 1.92 26.03 29.30
C ILE C 48 2.79 27.28 29.50
N CYS C 49 2.35 28.20 30.35
CA CYS C 49 3.07 29.46 30.69
C CYS C 49 3.45 29.46 32.14
N THR C 50 4.68 29.83 32.45
CA THR C 50 5.17 29.97 33.85
C THR C 50 4.66 31.32 34.35
N ILE C 51 3.92 31.33 35.47
CA ILE C 51 3.35 32.57 36.03
C ILE C 51 4.32 33.07 37.10
N GLY C 52 4.72 34.34 37.00
CA GLY C 52 5.61 35.02 37.95
C GLY C 52 5.28 36.51 38.03
N PRO C 53 6.18 37.33 38.62
CA PRO C 53 5.94 38.76 38.81
C PRO C 53 5.36 39.48 37.60
N ALA C 54 5.81 39.16 36.39
CA ALA C 54 5.37 39.80 35.14
C ALA C 54 3.94 39.38 34.78
N SER C 55 3.44 38.25 35.30
CA SER C 55 2.24 37.57 34.72
C SER C 55 1.18 37.29 35.80
N ARG C 56 1.51 37.60 37.05
CA ARG C 56 0.76 37.30 38.30
C ARG C 56 -0.63 37.96 38.35
N SER C 57 -0.73 39.16 37.80
CA SER C 57 -1.90 40.06 37.96
C SER C 57 -3.11 39.47 37.24
N VAL C 58 -4.28 39.55 37.87
CA VAL C 58 -5.58 39.11 37.31
C VAL C 58 -5.69 39.61 35.87
N GLU C 59 -5.28 40.86 35.63
CA GLU C 59 -5.46 41.58 34.35
C GLU C 59 -4.63 40.89 33.27
N THR C 60 -3.35 40.65 33.54
CA THR C 60 -2.44 39.99 32.57
C THR C 60 -2.99 38.58 32.28
N LEU C 61 -3.33 37.83 33.34
CA LEU C 61 -3.80 36.42 33.23
C LEU C 61 -5.00 36.36 32.31
N LYS C 62 -5.94 37.29 32.46
CA LYS C 62 -7.11 37.36 31.55
C LYS C 62 -6.58 37.44 30.12
N GLU C 63 -5.64 38.34 29.87
CA GLU C 63 -5.13 38.61 28.50
C GLU C 63 -4.40 37.36 27.97
N MET C 64 -3.69 36.64 28.85
CA MET C 64 -2.91 35.42 28.51
C MET C 64 -3.86 34.28 28.18
N ILE C 65 -4.96 34.19 28.92
CA ILE C 65 -5.99 33.14 28.66
C ILE C 65 -6.57 33.39 27.28
N LYS C 66 -6.85 34.66 26.96
CA LYS C 66 -7.46 35.05 25.66
C LYS C 66 -6.50 34.74 24.50
N SER C 67 -5.19 34.80 24.72
CA SER C 67 -4.16 34.68 23.65
C SER C 67 -3.65 33.23 23.52
N GLY C 68 -4.13 32.33 24.37
CA GLY C 68 -4.08 30.88 24.16
C GLY C 68 -3.44 30.10 25.31
N MET C 69 -3.21 30.70 26.48
CA MET C 69 -2.58 29.99 27.62
C MET C 69 -3.56 28.95 28.16
N ASN C 70 -3.18 27.67 28.16
CA ASN C 70 -4.02 26.52 28.57
C ASN C 70 -3.65 26.07 30.00
N VAL C 71 -2.41 26.26 30.40
CA VAL C 71 -1.91 25.71 31.68
C VAL C 71 -1.05 26.79 32.33
N ALA C 72 -1.28 27.05 33.63
CA ALA C 72 -0.48 27.95 34.49
C ALA C 72 0.53 27.10 35.27
N ARG C 73 1.82 27.28 35.01
CA ARG C 73 2.92 26.60 35.73
C ARG C 73 3.42 27.50 36.88
N LEU C 74 3.49 26.93 38.09
CA LEU C 74 4.05 27.54 39.32
C LEU C 74 5.37 26.84 39.62
N ASN C 75 6.48 27.59 39.57
CA ASN C 75 7.83 27.06 39.83
C ASN C 75 8.16 27.18 41.32
N PHE C 76 8.12 26.06 42.04
CA PHE C 76 8.36 25.97 43.51
C PHE C 76 9.87 25.84 43.78
N SER C 77 10.73 26.13 42.79
CA SER C 77 12.16 26.37 43.05
C SER C 77 12.29 27.67 43.84
N HIS C 78 11.32 28.59 43.67
CA HIS C 78 11.22 29.91 44.33
C HIS C 78 9.84 30.11 44.95
N GLY C 79 9.77 30.94 46.00
CA GLY C 79 8.54 31.54 46.52
C GLY C 79 8.01 30.78 47.71
N THR C 80 7.13 31.40 48.49
CA THR C 80 6.50 30.76 49.65
C THR C 80 5.18 30.12 49.24
N HIS C 81 4.66 29.25 50.09
CA HIS C 81 3.31 28.66 49.94
C HIS C 81 2.30 29.81 49.87
N GLU C 82 2.48 30.83 50.70
CA GLU C 82 1.58 32.01 50.78
C GLU C 82 1.55 32.69 49.41
N TYR C 83 2.72 32.97 48.85
CA TYR C 83 2.87 33.65 47.53
C TYR C 83 2.17 32.83 46.43
N HIS C 84 2.42 31.52 46.38
CA HIS C 84 1.83 30.61 45.34
C HIS C 84 0.33 30.45 45.56
N ALA C 85 -0.14 30.45 46.81
CA ALA C 85 -1.59 30.46 47.12
C ALA C 85 -2.25 31.63 46.38
N GLU C 86 -1.62 32.81 46.37
CA GLU C 86 -2.23 34.04 45.78
C GLU C 86 -2.20 33.95 44.26
N THR C 87 -1.12 33.43 43.68
CA THR C 87 -0.99 33.25 42.19
C THR C 87 -2.14 32.37 41.71
N ILE C 88 -2.37 31.24 42.39
CA ILE C 88 -3.43 30.24 42.05
C ILE C 88 -4.79 30.96 42.13
N LYS C 89 -5.02 31.72 43.21
CA LYS C 89 -6.26 32.54 43.38
C LYS C 89 -6.42 33.48 42.18
N ASN C 90 -5.34 34.15 41.79
CA ASN C 90 -5.37 35.13 40.66
C ASN C 90 -5.72 34.39 39.36
N VAL C 91 -5.12 33.21 39.11
CA VAL C 91 -5.38 32.39 37.88
C VAL C 91 -6.86 32.01 37.86
N ARG C 92 -7.38 31.52 38.97
CA ARG C 92 -8.79 31.08 39.08
C ARG C 92 -9.72 32.30 38.93
N THR C 93 -9.37 33.47 39.49
CA THR C 93 -10.17 34.71 39.28
C THR C 93 -10.20 34.99 37.78
N ALA C 94 -9.03 35.05 37.17
CA ALA C 94 -8.86 35.38 35.74
C ALA C 94 -9.64 34.37 34.89
N THR C 95 -9.51 33.07 35.19
CA THR C 95 -10.21 31.98 34.46
C THR C 95 -11.72 32.12 34.67
N GLU C 96 -12.20 32.32 35.90
CA GLU C 96 -13.65 32.20 36.21
C GLU C 96 -14.39 33.41 35.65
N SER C 97 -13.67 34.44 35.19
CA SER C 97 -14.25 35.68 34.61
C SER C 97 -14.80 35.42 33.20
N PHE C 98 -14.65 34.21 32.65
CA PHE C 98 -15.13 33.86 31.29
C PHE C 98 -16.31 32.89 31.40
N ALA C 99 -16.66 32.46 32.62
CA ALA C 99 -17.62 31.36 32.92
C ALA C 99 -19.04 31.73 32.45
N SER C 100 -19.37 33.04 32.47
CA SER C 100 -20.76 33.56 32.26
C SER C 100 -21.30 33.17 30.88
N ASP C 101 -20.44 33.03 29.87
CA ASP C 101 -20.79 32.35 28.58
C ASP C 101 -20.07 31.00 28.51
N PRO C 102 -20.75 29.87 28.77
CA PRO C 102 -20.09 28.56 28.83
C PRO C 102 -19.63 28.06 27.46
N ILE C 103 -20.21 28.60 26.38
CA ILE C 103 -19.80 28.34 24.97
C ILE C 103 -18.38 28.86 24.76
N LEU C 104 -17.98 29.94 25.46
CA LEU C 104 -16.71 30.65 25.22
C LEU C 104 -15.71 30.33 26.35
N TYR C 105 -16.15 29.71 27.44
CA TYR C 105 -15.31 29.44 28.62
C TYR C 105 -14.19 28.48 28.24
N ARG C 106 -12.96 28.81 28.63
CA ARG C 106 -11.79 27.95 28.38
C ARG C 106 -11.27 27.46 29.71
N PRO C 107 -11.36 26.15 29.97
CA PRO C 107 -10.70 25.56 31.12
C PRO C 107 -9.22 25.98 31.11
N VAL C 108 -8.64 26.19 32.28
CA VAL C 108 -7.19 26.54 32.46
C VAL C 108 -6.68 25.68 33.60
N ALA C 109 -5.65 24.89 33.35
CA ALA C 109 -5.15 23.94 34.37
C ALA C 109 -4.16 24.70 35.23
N VAL C 110 -3.82 24.17 36.39
CA VAL C 110 -2.71 24.67 37.23
C VAL C 110 -1.69 23.55 37.41
N ALA C 111 -0.40 23.86 37.18
CA ALA C 111 0.72 22.90 37.35
C ALA C 111 1.63 23.35 38.51
N LEU C 112 2.03 22.42 39.35
CA LEU C 112 3.08 22.64 40.38
C LEU C 112 4.37 21.96 39.92
N ASP C 113 5.41 22.75 39.68
CA ASP C 113 6.75 22.31 39.24
C ASP C 113 7.67 22.26 40.48
N THR C 114 8.13 21.07 40.88
CA THR C 114 8.88 20.82 42.14
C THR C 114 10.30 21.41 42.03
N LYS C 115 10.86 21.84 43.16
CA LYS C 115 12.30 22.16 43.31
C LYS C 115 13.12 20.93 42.93
N GLY C 116 12.83 19.79 43.56
CA GLY C 116 13.67 18.58 43.53
C GLY C 116 15.06 18.82 44.11
N PRO C 117 16.03 17.93 43.83
CA PRO C 117 17.39 18.06 44.39
C PRO C 117 18.30 19.04 43.65
N GLU C 118 17.98 20.33 43.74
CA GLU C 118 18.75 21.43 43.12
C GLU C 118 20.01 21.70 43.94
N ILE C 119 21.08 22.10 43.28
CA ILE C 119 22.26 22.73 43.93
C ILE C 119 22.36 24.17 43.42
N ARG C 120 22.53 25.14 44.33
CA ARG C 120 22.51 26.59 43.99
C ARG C 120 23.67 27.32 44.70
N THR C 121 24.34 28.21 43.98
CA THR C 121 25.31 29.19 44.54
C THR C 121 24.55 30.19 45.41
N GLY C 122 25.26 30.98 46.21
CA GLY C 122 24.64 31.99 47.11
C GLY C 122 24.48 33.37 46.47
N LEU C 123 24.59 34.41 47.30
CA LEU C 123 24.37 35.84 46.92
C LEU C 123 25.72 36.55 46.75
N ILE C 124 25.84 37.40 45.72
CA ILE C 124 27.00 38.33 45.52
C ILE C 124 27.04 39.33 46.69
N LYS C 125 28.26 39.70 47.11
CA LYS C 125 28.59 40.34 48.42
C LYS C 125 27.95 41.72 48.54
N GLY C 126 27.78 42.41 47.40
CA GLY C 126 27.35 43.82 47.33
C GLY C 126 27.55 44.37 45.94
N ALA C 130 24.89 45.06 41.47
CA ALA C 130 26.20 44.69 40.89
C ALA C 130 26.25 43.18 40.64
N GLU C 131 27.16 42.73 39.79
CA GLU C 131 27.50 41.29 39.55
C GLU C 131 29.00 41.18 39.22
N VAL C 132 29.52 39.95 39.14
CA VAL C 132 30.98 39.65 38.95
C VAL C 132 31.15 38.82 37.68
N GLU C 133 32.32 38.93 37.04
CA GLU C 133 32.68 38.19 35.80
C GLU C 133 33.77 37.15 36.13
N LEU C 134 33.53 35.89 35.76
CA LEU C 134 34.49 34.76 35.85
C LEU C 134 35.22 34.61 34.51
N LYS C 135 36.53 34.88 34.49
CA LYS C 135 37.36 34.96 33.26
C LYS C 135 38.32 33.76 33.21
N LYS C 136 38.38 33.08 32.05
CA LYS C 136 39.07 31.77 31.82
C LYS C 136 40.50 31.83 32.37
N GLY C 137 40.92 30.79 33.09
CA GLY C 137 42.29 30.63 33.63
C GLY C 137 42.37 30.93 35.12
N ALA C 138 41.47 31.78 35.65
CA ALA C 138 41.50 32.29 37.04
C ALA C 138 41.22 31.17 38.04
N THR C 139 41.69 31.33 39.27
CA THR C 139 41.34 30.48 40.42
C THR C 139 39.92 30.85 40.89
N LEU C 140 39.16 29.87 41.37
CA LEU C 140 37.90 30.11 42.11
C LEU C 140 37.78 29.10 43.25
N LYS C 141 37.63 29.60 44.48
CA LYS C 141 37.55 28.81 45.73
C LYS C 141 36.08 28.63 46.13
N ILE C 142 35.71 27.38 46.40
CA ILE C 142 34.36 26.99 46.93
C ILE C 142 34.55 26.70 48.41
N THR C 143 33.72 27.27 49.27
CA THR C 143 33.83 27.14 50.74
C THR C 143 32.47 26.69 51.30
N LEU C 144 32.52 25.87 52.36
CA LEU C 144 31.36 25.32 53.08
C LEU C 144 30.84 26.39 54.03
N ASP C 145 31.66 27.40 54.33
CA ASP C 145 31.47 28.34 55.48
C ASP C 145 30.31 29.29 55.16
N ASN C 146 29.24 29.23 55.97
CA ASN C 146 27.98 29.98 55.72
C ASN C 146 28.21 31.51 55.82
N ALA C 147 29.30 31.95 56.47
CA ALA C 147 29.82 33.34 56.41
C ALA C 147 29.76 33.91 54.97
N TYR C 148 30.21 33.14 53.97
CA TYR C 148 30.38 33.61 52.56
C TYR C 148 29.10 33.38 51.74
N MET C 149 28.05 32.83 52.35
CA MET C 149 26.85 32.38 51.57
C MET C 149 26.18 33.58 50.93
N GLU C 150 26.32 34.78 51.51
CA GLU C 150 25.83 36.04 50.91
C GLU C 150 27.02 36.94 50.52
N LYS C 151 28.15 36.35 50.10
CA LYS C 151 29.43 37.07 49.88
C LYS C 151 30.18 36.54 48.65
N CYS C 152 29.49 35.89 47.70
CA CYS C 152 30.11 35.24 46.51
C CYS C 152 30.67 36.32 45.56
N ASP C 153 31.96 36.24 45.20
CA ASP C 153 32.60 37.14 44.21
C ASP C 153 33.47 36.33 43.22
N GLU C 154 34.43 37.01 42.59
CA GLU C 154 35.37 36.46 41.57
C GLU C 154 36.30 35.42 42.21
N ASN C 155 36.56 35.55 43.52
CA ASN C 155 37.60 34.75 44.21
C ASN C 155 36.98 33.60 45.01
N ILE C 156 35.75 33.75 45.51
CA ILE C 156 35.15 32.75 46.45
C ILE C 156 33.68 32.55 46.11
N LEU C 157 33.21 31.32 46.27
CA LEU C 157 31.85 30.90 45.91
C LEU C 157 31.32 29.95 46.98
N TRP C 158 30.14 30.25 47.53
CA TRP C 158 29.36 29.33 48.41
C TRP C 158 28.26 28.65 47.59
N LEU C 159 28.03 27.37 47.81
CA LEU C 159 26.84 26.68 47.26
C LEU C 159 26.19 25.85 48.37
N ASP C 160 24.94 25.45 48.19
CA ASP C 160 24.01 25.09 49.29
C ASP C 160 23.99 23.57 49.51
N TYR C 161 24.77 22.82 48.74
CA TYR C 161 24.96 21.36 48.92
C TYR C 161 26.04 21.13 49.99
N LYS C 162 25.63 20.79 51.22
CA LYS C 162 26.48 20.79 52.43
C LYS C 162 27.64 19.79 52.29
N ASN C 163 27.46 18.75 51.45
CA ASN C 163 28.38 17.58 51.37
C ASN C 163 29.31 17.70 50.15
N ILE C 164 29.33 18.86 49.47
CA ILE C 164 30.06 19.09 48.19
C ILE C 164 31.52 18.61 48.33
N CYS C 165 32.15 18.89 49.48
CA CYS C 165 33.60 18.60 49.72
C CYS C 165 33.79 17.09 49.80
N LYS C 166 32.80 16.35 50.29
CA LYS C 166 32.86 14.89 50.55
C LYS C 166 32.57 14.06 49.27
N VAL C 167 32.04 14.67 48.21
CA VAL C 167 31.42 13.96 47.04
C VAL C 167 32.25 14.19 45.77
N VAL C 168 33.26 15.06 45.84
CA VAL C 168 34.22 15.34 44.72
C VAL C 168 35.63 14.99 45.20
N GLU C 169 36.59 14.98 44.29
CA GLU C 169 38.04 14.78 44.56
C GLU C 169 38.83 15.54 43.48
N VAL C 170 40.05 15.98 43.78
CA VAL C 170 40.91 16.73 42.81
C VAL C 170 40.82 16.05 41.44
N GLY C 171 40.54 16.83 40.38
CA GLY C 171 40.26 16.34 39.02
C GLY C 171 38.79 16.47 38.66
N SER C 172 37.89 16.30 39.64
CA SER C 172 36.41 16.46 39.51
C SER C 172 36.08 17.79 38.82
N LYS C 173 34.91 17.85 38.15
CA LYS C 173 34.43 19.02 37.36
C LYS C 173 33.06 19.50 37.88
N ILE C 174 32.76 20.80 37.73
CA ILE C 174 31.59 21.51 38.35
C ILE C 174 31.09 22.58 37.37
N TYR C 175 29.79 22.59 37.05
CA TYR C 175 29.15 23.56 36.12
C TYR C 175 28.24 24.51 36.91
N VAL C 176 28.03 25.75 36.43
CA VAL C 176 27.29 26.83 37.15
C VAL C 176 26.34 27.57 36.18
N ASP C 177 25.44 28.40 36.73
CA ASP C 177 24.53 29.39 36.05
C ASP C 177 23.61 28.68 35.05
N ASP C 178 23.19 27.44 35.37
CA ASP C 178 22.55 26.46 34.46
C ASP C 178 23.64 25.82 33.59
N GLY C 179 24.30 26.62 32.75
CA GLY C 179 25.50 26.22 31.99
C GLY C 179 26.39 27.42 31.74
N LEU C 180 27.44 27.23 30.93
CA LEU C 180 28.31 28.32 30.40
C LEU C 180 29.64 28.35 31.18
N ILE C 181 29.62 28.09 32.49
CA ILE C 181 30.82 28.09 33.38
C ILE C 181 31.20 26.64 33.70
N SER C 182 32.50 26.31 33.62
CA SER C 182 33.08 24.98 33.93
C SER C 182 34.30 25.17 34.85
N LEU C 183 34.41 24.34 35.89
CA LEU C 183 35.45 24.45 36.94
C LEU C 183 36.08 23.06 37.13
N GLN C 184 37.41 23.00 37.27
CA GLN C 184 38.11 21.74 37.63
C GLN C 184 38.74 21.90 39.01
N VAL C 185 38.48 20.94 39.89
CA VAL C 185 39.06 20.88 41.27
C VAL C 185 40.56 20.59 41.15
N LYS C 186 41.40 21.43 41.77
CA LYS C 186 42.88 21.29 41.80
C LYS C 186 43.33 20.93 43.22
N GLN C 187 42.64 21.44 44.23
CA GLN C 187 42.97 21.26 45.66
C GLN C 187 41.67 21.08 46.47
N LYS C 188 41.67 20.11 47.38
CA LYS C 188 40.54 19.82 48.29
C LYS C 188 41.04 20.14 49.70
N GLY C 189 40.20 20.76 50.54
CA GLY C 189 40.64 21.33 51.84
C GLY C 189 39.61 21.16 52.95
N ALA C 190 38.90 20.03 53.02
CA ALA C 190 38.09 19.62 54.20
C ALA C 190 36.83 20.49 54.35
N ASP C 191 36.98 21.81 54.48
CA ASP C 191 35.85 22.79 54.45
C ASP C 191 36.02 23.72 53.23
N PHE C 192 36.91 23.37 52.29
CA PHE C 192 37.15 24.21 51.10
C PHE C 192 37.58 23.36 49.89
N LEU C 193 37.45 23.99 48.72
CA LEU C 193 37.72 23.39 47.40
C LEU C 193 38.27 24.48 46.49
N VAL C 194 39.49 24.32 45.98
CA VAL C 194 40.14 25.27 45.03
C VAL C 194 39.95 24.71 43.61
N THR C 195 39.44 25.53 42.70
CA THR C 195 39.10 25.14 41.30
C THR C 195 39.80 26.08 40.32
N GLU C 196 39.72 25.77 39.02
CA GLU C 196 40.22 26.60 37.89
C GLU C 196 39.08 26.75 36.88
N VAL C 197 38.86 27.97 36.36
CA VAL C 197 37.72 28.34 35.45
C VAL C 197 38.04 27.89 34.02
N GLU C 198 37.57 26.70 33.62
CA GLU C 198 37.78 26.12 32.26
C GLU C 198 36.97 26.89 31.23
N ASN C 199 35.72 27.26 31.57
CA ASN C 199 34.82 28.13 30.76
C ASN C 199 34.40 29.33 31.62
N GLY C 200 34.40 30.54 31.04
CA GLY C 200 34.19 31.82 31.75
C GLY C 200 32.74 32.27 31.70
N GLY C 201 32.51 33.59 31.68
CA GLY C 201 31.17 34.22 31.61
C GLY C 201 30.91 35.15 32.80
N SER C 202 29.71 35.75 32.87
CA SER C 202 29.18 36.48 34.05
C SER C 202 28.66 35.46 35.08
N LEU C 203 28.67 35.82 36.37
CA LEU C 203 28.12 34.98 37.48
C LEU C 203 27.02 35.76 38.20
N GLY C 204 25.80 35.23 38.18
CA GLY C 204 24.63 35.78 38.90
C GLY C 204 24.52 35.19 40.30
N SER C 205 23.69 35.82 41.14
CA SER C 205 23.25 35.29 42.46
C SER C 205 22.41 34.02 42.25
N LYS C 206 22.36 33.16 43.27
CA LYS C 206 21.52 31.93 43.35
C LYS C 206 21.38 31.30 41.96
N LYS C 207 22.44 30.63 41.49
CA LYS C 207 22.50 29.97 40.16
C LYS C 207 22.72 28.46 40.34
N GLY C 208 22.32 27.67 39.32
CA GLY C 208 22.27 26.19 39.35
C GLY C 208 23.65 25.57 39.16
N VAL C 209 23.86 24.33 39.63
CA VAL C 209 25.21 23.70 39.76
C VAL C 209 25.09 22.21 39.45
N ASN C 210 25.98 21.69 38.60
CA ASN C 210 25.96 20.28 38.13
C ASN C 210 27.34 19.63 38.38
N LEU C 211 27.33 18.32 38.64
CA LEU C 211 28.49 17.54 39.14
C LEU C 211 28.57 16.19 38.43
N PRO C 212 28.59 16.13 37.08
CA PRO C 212 28.60 14.84 36.38
C PRO C 212 29.81 13.96 36.77
N GLY C 213 29.54 12.71 37.14
CA GLY C 213 30.55 11.71 37.55
C GLY C 213 30.66 11.57 39.06
N ALA C 214 29.79 12.27 39.82
CA ALA C 214 29.73 12.23 41.30
C ALA C 214 28.34 11.74 41.74
N ALA C 215 28.32 10.78 42.67
CA ALA C 215 27.10 10.26 43.33
C ALA C 215 26.56 11.29 44.33
N VAL C 216 26.01 12.40 43.82
CA VAL C 216 25.27 13.43 44.62
C VAL C 216 24.26 12.66 45.49
N ASP C 217 23.43 11.85 44.84
CA ASP C 217 22.38 10.99 45.45
C ASP C 217 21.62 11.74 46.56
N LEU C 218 21.27 13.01 46.31
CA LEU C 218 20.20 13.70 47.07
C LEU C 218 18.88 13.09 46.65
N PRO C 219 17.91 12.90 47.58
CA PRO C 219 16.66 12.24 47.25
C PRO C 219 15.90 12.97 46.13
N ALA C 220 15.20 12.22 45.27
CA ALA C 220 14.26 12.74 44.25
C ALA C 220 13.17 13.56 44.93
N VAL C 221 12.72 13.09 46.10
CA VAL C 221 11.72 13.80 46.95
C VAL C 221 12.36 14.18 48.28
N SER C 222 12.79 15.43 48.43
CA SER C 222 13.30 16.01 49.69
C SER C 222 12.14 16.31 50.65
N GLU C 223 12.45 16.83 51.85
CA GLU C 223 11.45 17.29 52.86
C GLU C 223 10.63 18.45 52.29
N LYS C 224 11.28 19.35 51.56
CA LYS C 224 10.61 20.56 50.98
C LYS C 224 9.65 20.14 49.85
N ASP C 225 10.04 19.17 49.00
CA ASP C 225 9.16 18.65 47.91
C ASP C 225 7.90 18.04 48.57
N ILE C 226 8.09 17.22 49.60
CA ILE C 226 6.96 16.63 50.39
C ILE C 226 5.97 17.74 50.75
N GLN C 227 6.47 18.81 51.38
CA GLN C 227 5.66 19.95 51.84
C GLN C 227 4.94 20.56 50.64
N ASP C 228 5.67 20.82 49.55
CA ASP C 228 5.15 21.49 48.34
C ASP C 228 4.09 20.59 47.68
N LEU C 229 4.34 19.28 47.60
CA LEU C 229 3.38 18.31 47.01
C LEU C 229 2.12 18.24 47.88
N LYS C 230 2.26 18.25 49.20
CA LYS C 230 1.08 18.23 50.11
C LYS C 230 0.32 19.55 49.91
N PHE C 231 1.03 20.66 49.75
CA PHE C 231 0.41 21.97 49.45
C PHE C 231 -0.40 21.90 48.14
N GLY C 232 0.17 21.25 47.12
CA GLY C 232 -0.48 21.13 45.80
C GLY C 232 -1.76 20.34 45.91
N VAL C 233 -1.76 19.31 46.74
CA VAL C 233 -3.00 18.57 47.08
C VAL C 233 -3.98 19.58 47.67
N GLU C 234 -3.58 20.28 48.74
CA GLU C 234 -4.44 21.28 49.45
C GLU C 234 -5.02 22.29 48.46
N GLN C 235 -4.23 22.75 47.49
CA GLN C 235 -4.61 23.89 46.60
C GLN C 235 -5.32 23.37 45.34
N ASP C 236 -5.52 22.05 45.25
CA ASP C 236 -6.32 21.37 44.19
C ASP C 236 -5.65 21.58 42.82
N VAL C 237 -4.36 21.32 42.70
CA VAL C 237 -3.66 21.47 41.37
C VAL C 237 -4.06 20.30 40.44
N ASP C 238 -3.95 20.50 39.14
CA ASP C 238 -4.35 19.52 38.12
C ASP C 238 -3.22 18.51 37.87
N MET C 239 -1.98 18.91 38.12
CA MET C 239 -0.78 18.13 37.67
C MET C 239 0.47 18.64 38.39
N VAL C 240 1.45 17.75 38.54
CA VAL C 240 2.79 18.01 39.13
C VAL C 240 3.83 17.77 38.03
N PHE C 241 4.73 18.73 37.83
CA PHE C 241 5.97 18.54 37.05
C PHE C 241 7.07 18.15 38.05
N ALA C 242 7.46 16.87 38.10
CA ALA C 242 8.45 16.35 39.07
C ALA C 242 9.87 16.51 38.50
N SER C 243 10.67 17.36 39.12
CA SER C 243 12.02 17.76 38.65
C SER C 243 13.01 16.60 38.88
N PHE C 244 13.96 16.42 37.97
CA PHE C 244 15.17 15.55 38.11
C PHE C 244 14.77 14.08 38.30
N ILE C 245 13.71 13.60 37.66
CA ILE C 245 13.34 12.16 37.71
C ILE C 245 14.43 11.34 37.02
N ARG C 246 14.94 10.28 37.66
CA ARG C 246 16.05 9.47 37.10
C ARG C 246 15.63 8.01 36.94
N LYS C 247 14.49 7.62 37.52
CA LYS C 247 14.01 6.21 37.47
C LYS C 247 12.56 6.09 37.94
N ALA C 248 11.97 4.90 37.75
CA ALA C 248 10.55 4.59 38.03
C ALA C 248 10.23 4.83 39.50
N SER C 249 11.13 4.44 40.40
CA SER C 249 10.89 4.49 41.86
C SER C 249 10.79 5.95 42.33
N ASP C 250 11.45 6.88 41.64
CA ASP C 250 11.35 8.33 41.96
C ASP C 250 9.91 8.79 41.71
N VAL C 251 9.28 8.30 40.64
CA VAL C 251 7.91 8.70 40.25
C VAL C 251 6.97 8.17 41.34
N HIS C 252 7.18 6.93 41.77
CA HIS C 252 6.32 6.23 42.76
C HIS C 252 6.44 6.91 44.13
N GLU C 253 7.60 7.49 44.49
CA GLU C 253 7.76 8.34 45.71
C GLU C 253 6.86 9.57 45.54
N VAL C 254 6.84 10.21 44.38
CA VAL C 254 5.99 11.42 44.18
C VAL C 254 4.53 10.99 44.36
N ARG C 255 4.13 9.92 43.65
CA ARG C 255 2.77 9.31 43.66
C ARG C 255 2.35 9.00 45.10
N LYS C 256 3.26 8.40 45.89
CA LYS C 256 3.01 8.10 47.33
C LYS C 256 2.69 9.39 48.06
N VAL C 257 3.54 10.40 47.95
CA VAL C 257 3.37 11.67 48.71
C VAL C 257 2.00 12.27 48.39
N LEU C 258 1.57 12.23 47.12
CA LEU C 258 0.26 12.80 46.71
C LEU C 258 -0.85 11.97 47.37
N GLY C 259 -0.53 10.69 47.60
CA GLY C 259 -1.37 9.67 48.25
C GLY C 259 -2.75 9.55 47.66
N GLU C 260 -3.70 9.13 48.51
CA GLU C 260 -5.12 8.90 48.20
C GLU C 260 -5.80 10.20 47.76
N LYS C 261 -5.63 11.27 48.53
CA LYS C 261 -6.29 12.58 48.25
C LYS C 261 -5.83 13.12 46.90
N GLY C 262 -4.58 12.82 46.49
CA GLY C 262 -3.96 13.38 45.26
C GLY C 262 -3.89 12.39 44.10
N LYS C 263 -4.74 11.35 44.09
CA LYS C 263 -4.59 10.13 43.23
C LYS C 263 -4.93 10.48 41.78
N ASN C 264 -5.73 11.52 41.57
CA ASN C 264 -6.21 11.96 40.24
C ASN C 264 -5.33 13.07 39.70
N ILE C 265 -4.36 13.54 40.49
CA ILE C 265 -3.36 14.56 40.01
C ILE C 265 -2.38 13.84 39.06
N LYS C 266 -2.15 14.43 37.90
CA LYS C 266 -1.29 13.84 36.84
C LYS C 266 0.17 14.13 37.19
N ILE C 267 1.03 13.13 37.23
CA ILE C 267 2.49 13.29 37.43
C ILE C 267 3.20 13.31 36.06
N ILE C 268 3.84 14.43 35.76
CA ILE C 268 4.73 14.63 34.58
C ILE C 268 6.16 14.61 35.10
N SER C 269 6.89 13.57 34.74
CA SER C 269 8.32 13.40 35.04
C SER C 269 9.13 14.24 34.08
N LYS C 270 9.97 15.12 34.62
CA LYS C 270 10.96 15.91 33.86
C LYS C 270 12.24 15.10 33.68
N ILE C 271 12.66 14.94 32.43
CA ILE C 271 13.96 14.31 32.10
C ILE C 271 14.92 15.47 31.89
N GLU C 272 15.97 15.49 32.70
CA GLU C 272 16.86 16.65 32.95
C GLU C 272 18.30 16.20 32.89
N ASN C 273 18.56 14.91 32.75
CA ASN C 273 19.95 14.39 32.84
C ASN C 273 20.03 13.11 32.05
N HIS C 274 21.25 12.56 31.91
CA HIS C 274 21.58 11.36 31.11
C HIS C 274 20.89 10.11 31.68
N GLU C 275 20.77 10.00 33.00
CA GLU C 275 20.13 8.81 33.62
C GLU C 275 18.66 8.76 33.18
N GLY C 276 17.97 9.91 33.21
CA GLY C 276 16.57 10.02 32.76
C GLY C 276 16.39 9.49 31.35
N VAL C 277 17.29 9.86 30.46
CA VAL C 277 17.25 9.38 29.04
C VAL C 277 17.51 7.88 29.00
N ARG C 278 18.55 7.40 29.71
CA ARG C 278 18.93 5.96 29.65
C ARG C 278 17.81 5.07 30.26
N ARG C 279 17.14 5.54 31.30
CA ARG C 279 16.10 4.78 32.01
C ARG C 279 14.72 5.27 31.60
N PHE C 280 14.61 5.85 30.40
CA PHE C 280 13.39 6.55 29.94
C PHE C 280 12.17 5.65 30.07
N ASP C 281 12.27 4.40 29.61
CA ASP C 281 11.13 3.48 29.45
C ASP C 281 10.48 3.27 30.82
N GLU C 282 11.26 3.00 31.86
CA GLU C 282 10.68 2.70 33.19
C GLU C 282 10.04 3.97 33.74
N ILE C 283 10.62 5.15 33.45
CA ILE C 283 10.06 6.46 33.90
C ILE C 283 8.72 6.66 33.18
N LEU C 284 8.70 6.49 31.86
CA LEU C 284 7.49 6.72 31.04
C LEU C 284 6.36 5.82 31.55
N GLU C 285 6.67 4.54 31.80
CA GLU C 285 5.70 3.49 32.21
C GLU C 285 5.19 3.76 33.63
N ALA C 286 5.97 4.46 34.45
CA ALA C 286 5.60 4.90 35.82
C ALA C 286 4.82 6.24 35.82
N SER C 287 4.86 7.04 34.76
CA SER C 287 4.41 8.46 34.76
C SER C 287 3.08 8.61 34.03
N ASP C 288 2.40 9.74 34.19
CA ASP C 288 1.22 10.09 33.35
C ASP C 288 1.71 10.79 32.09
N GLY C 289 2.92 11.34 32.13
CA GLY C 289 3.55 12.01 30.98
C GLY C 289 4.97 12.43 31.31
N ILE C 290 5.58 13.18 30.40
CA ILE C 290 7.04 13.42 30.31
C ILE C 290 7.23 14.86 29.92
N MET C 291 8.19 15.55 30.51
CA MET C 291 8.62 16.90 30.09
C MET C 291 10.08 16.78 29.66
N VAL C 292 10.36 17.14 28.40
CA VAL C 292 11.75 17.17 27.86
C VAL C 292 12.34 18.53 28.14
N ALA C 293 13.33 18.56 29.04
CA ALA C 293 14.03 19.79 29.49
C ALA C 293 15.34 19.92 28.72
N ARG C 294 15.26 20.41 27.48
CA ARG C 294 16.38 20.42 26.48
C ARG C 294 17.66 21.08 27.02
N GLY C 295 17.55 22.25 27.65
CA GLY C 295 18.72 22.99 28.19
C GLY C 295 19.51 22.20 29.21
N ASP C 296 18.83 21.48 30.11
CA ASP C 296 19.41 20.70 31.24
C ASP C 296 20.12 19.46 30.67
N LEU C 297 19.49 18.77 29.72
CA LEU C 297 20.08 17.65 28.96
C LEU C 297 21.37 18.13 28.26
N GLY C 298 21.33 19.35 27.71
CA GLY C 298 22.47 20.03 27.06
C GLY C 298 23.73 20.08 27.93
N ILE C 299 23.60 19.96 29.26
CA ILE C 299 24.75 20.14 30.21
C ILE C 299 25.62 18.86 30.26
N GLU C 300 25.05 17.66 30.32
CA GLU C 300 25.83 16.40 30.47
C GLU C 300 25.89 15.63 29.13
N ILE C 301 25.05 15.99 28.17
CA ILE C 301 24.93 15.30 26.86
C ILE C 301 25.38 16.32 25.82
N PRO C 302 26.23 15.93 24.86
CA PRO C 302 26.70 16.87 23.83
C PRO C 302 25.60 17.32 22.84
N ALA C 303 25.85 18.46 22.18
CA ALA C 303 24.99 19.11 21.17
C ALA C 303 24.69 18.16 19.97
N GLU C 304 25.64 17.31 19.58
CA GLU C 304 25.45 16.35 18.46
C GLU C 304 24.42 15.27 18.87
N LYS C 305 23.94 15.26 20.11
CA LYS C 305 23.12 14.13 20.63
C LYS C 305 21.78 14.62 21.16
N VAL C 306 21.69 15.84 21.67
CA VAL C 306 20.45 16.21 22.42
C VAL C 306 19.22 16.08 21.52
N PHE C 307 19.29 16.52 20.27
CA PHE C 307 18.16 16.47 19.30
C PHE C 307 17.70 15.01 19.13
N LEU C 308 18.61 14.03 19.28
CA LEU C 308 18.26 12.58 19.17
C LEU C 308 17.46 12.14 20.41
N ALA C 309 17.86 12.55 21.60
CA ALA C 309 17.15 12.25 22.85
C ALA C 309 15.75 12.88 22.79
N GLN C 310 15.68 14.16 22.40
CA GLN C 310 14.39 14.85 22.26
C GLN C 310 13.46 14.02 21.35
N LYS C 311 13.94 13.65 20.15
CA LYS C 311 13.16 12.93 19.11
C LYS C 311 12.77 11.52 19.60
N MET C 312 13.68 10.79 20.22
CA MET C 312 13.40 9.46 20.81
C MET C 312 12.27 9.58 21.86
N MET C 313 12.40 10.50 22.83
CA MET C 313 11.48 10.57 23.98
C MET C 313 10.09 10.99 23.49
N ILE C 314 10.01 11.94 22.55
CA ILE C 314 8.70 12.36 21.98
C ILE C 314 8.08 11.19 21.21
N GLY C 315 8.90 10.43 20.48
CA GLY C 315 8.42 9.27 19.73
C GLY C 315 7.82 8.24 20.66
N ARG C 316 8.56 7.83 21.66
CA ARG C 316 8.15 6.79 22.62
C ARG C 316 6.86 7.25 23.33
N CYS C 317 6.76 8.53 23.68
CA CYS C 317 5.57 9.13 24.34
C CYS C 317 4.37 9.06 23.38
N ASN C 318 4.52 9.48 22.12
CA ASN C 318 3.45 9.32 21.10
C ASN C 318 3.05 7.84 21.00
N ARG C 319 4.03 6.94 21.05
CA ARG C 319 3.79 5.49 20.88
C ARG C 319 2.91 4.99 22.03
N ALA C 320 3.15 5.48 23.24
CA ALA C 320 2.48 4.98 24.47
C ALA C 320 1.19 5.76 24.71
N GLY C 321 0.90 6.78 23.90
CA GLY C 321 -0.30 7.63 24.07
C GLY C 321 -0.21 8.46 25.36
N LYS C 322 1.01 8.81 25.79
CA LYS C 322 1.24 9.66 26.99
C LYS C 322 1.68 11.05 26.56
N PRO C 323 1.09 12.09 27.17
CA PRO C 323 1.45 13.47 26.89
C PRO C 323 2.95 13.72 27.06
N VAL C 324 3.54 14.49 26.14
CA VAL C 324 4.96 14.93 26.26
C VAL C 324 5.02 16.43 26.04
N ILE C 325 5.64 17.12 26.99
CA ILE C 325 5.81 18.60 27.00
C ILE C 325 7.25 18.88 26.59
N CYS C 326 7.45 19.82 25.68
CA CYS C 326 8.81 20.34 25.39
C CYS C 326 9.00 21.65 26.14
N ALA C 327 10.11 21.77 26.86
CA ALA C 327 10.41 22.92 27.76
C ALA C 327 11.86 23.37 27.65
N THR C 328 12.11 24.63 28.07
CA THR C 328 13.43 25.31 28.18
C THR C 328 13.88 25.75 26.79
N GLN C 329 14.55 26.90 26.70
CA GLN C 329 15.16 27.41 25.45
C GLN C 329 14.11 27.47 24.36
N MET C 330 12.91 27.97 24.66
CA MET C 330 11.88 28.15 23.63
C MET C 330 11.98 29.56 23.04
N LEU C 331 11.49 30.58 23.74
CA LEU C 331 11.35 31.97 23.23
C LEU C 331 12.05 32.92 24.20
N GLU C 332 13.23 32.52 24.67
CA GLU C 332 13.98 33.13 25.79
C GLU C 332 14.44 34.55 25.38
N SER C 333 14.69 34.81 24.10
CA SER C 333 14.99 36.17 23.58
C SER C 333 13.86 37.16 23.97
N MET C 334 12.61 36.68 24.05
CA MET C 334 11.41 37.54 24.25
C MET C 334 11.31 37.93 25.73
N ILE C 335 12.23 37.49 26.57
CA ILE C 335 12.43 38.08 27.91
C ILE C 335 12.76 39.57 27.74
N LYS C 336 13.58 39.94 26.74
CA LYS C 336 14.08 41.33 26.54
C LYS C 336 13.57 41.91 25.20
N LYS C 337 12.93 41.13 24.33
CA LYS C 337 12.54 41.65 23.00
C LYS C 337 11.08 41.32 22.71
N PRO C 338 10.36 42.23 22.02
CA PRO C 338 8.97 42.00 21.66
C PRO C 338 8.77 40.89 20.64
N ARG C 339 9.87 40.37 20.07
CA ARG C 339 9.84 39.39 18.95
C ARG C 339 10.93 38.35 19.15
N PRO C 340 10.72 37.11 18.65
CA PRO C 340 11.74 36.08 18.69
C PRO C 340 12.69 36.10 17.47
N THR C 341 13.77 35.33 17.56
CA THR C 341 14.71 35.08 16.43
C THR C 341 14.11 34.01 15.53
N ARG C 342 14.63 33.86 14.31
CA ARG C 342 14.19 32.80 13.35
C ARG C 342 14.60 31.44 13.93
N ALA C 343 15.77 31.34 14.58
CA ALA C 343 16.27 30.09 15.18
C ALA C 343 15.30 29.59 16.25
N GLU C 344 14.77 30.50 17.06
CA GLU C 344 13.81 30.15 18.14
C GLU C 344 12.52 29.63 17.50
N GLY C 345 11.99 30.33 16.49
CA GLY C 345 10.79 29.94 15.72
C GLY C 345 10.92 28.55 15.15
N SER C 346 12.03 28.27 14.49
CA SER C 346 12.35 26.96 13.89
C SER C 346 12.44 25.90 14.99
N ASP C 347 13.03 26.23 16.14
CA ASP C 347 13.28 25.22 17.22
C ASP C 347 11.94 24.82 17.84
N VAL C 348 11.03 25.78 18.07
CA VAL C 348 9.68 25.53 18.62
C VAL C 348 8.88 24.71 17.59
N ALA C 349 8.82 25.17 16.33
CA ALA C 349 8.10 24.49 15.23
C ALA C 349 8.52 23.02 15.15
N ASN C 350 9.80 22.73 15.32
CA ASN C 350 10.35 21.37 15.10
C ASN C 350 10.01 20.48 16.29
N ALA C 351 9.84 21.05 17.49
CA ALA C 351 9.35 20.31 18.67
C ALA C 351 7.90 19.87 18.41
N VAL C 352 7.08 20.76 17.85
CA VAL C 352 5.69 20.46 17.44
C VAL C 352 5.73 19.37 16.36
N LEU C 353 6.56 19.53 15.34
CA LEU C 353 6.61 18.57 14.20
C LEU C 353 7.12 17.22 14.71
N ASP C 354 7.98 17.23 15.74
CA ASP C 354 8.50 15.99 16.37
C ASP C 354 7.34 15.18 16.99
N GLY C 355 6.22 15.85 17.34
CA GLY C 355 5.05 15.21 18.00
C GLY C 355 4.81 15.64 19.46
N ALA C 356 5.35 16.77 19.92
CA ALA C 356 5.09 17.28 21.28
C ALA C 356 3.60 17.59 21.42
N ASP C 357 3.01 17.29 22.57
CA ASP C 357 1.61 17.58 22.90
C ASP C 357 1.50 19.05 23.34
N CYS C 358 2.47 19.51 24.14
CA CYS C 358 2.51 20.89 24.70
C CYS C 358 3.89 21.51 24.57
N ILE C 359 3.91 22.83 24.50
CA ILE C 359 5.12 23.69 24.60
C ILE C 359 5.04 24.48 25.91
N MET C 360 6.13 24.48 26.68
CA MET C 360 6.19 25.27 27.93
C MET C 360 7.05 26.53 27.73
N LEU C 361 6.49 27.69 28.08
CA LEU C 361 7.27 28.94 28.22
C LEU C 361 7.69 29.11 29.68
N SER C 362 8.90 29.61 29.89
CA SER C 362 9.56 29.76 31.21
C SER C 362 9.68 31.26 31.57
N GLY C 363 10.91 31.79 31.63
CA GLY C 363 11.23 33.18 31.97
C GLY C 363 10.43 34.17 31.13
N GLU C 364 10.12 33.79 29.88
CA GLU C 364 9.40 34.61 28.86
C GLU C 364 8.09 35.15 29.42
N THR C 365 7.42 34.37 30.28
CA THR C 365 6.08 34.70 30.82
C THR C 365 6.20 34.95 32.32
N ALA C 366 7.14 34.30 32.98
CA ALA C 366 7.36 34.41 34.44
C ALA C 366 7.74 35.86 34.78
N LYS C 367 8.78 36.42 34.15
CA LYS C 367 9.54 37.61 34.65
C LYS C 367 9.85 38.61 33.52
N GLY C 368 9.88 38.19 32.25
CA GLY C 368 10.32 39.04 31.12
C GLY C 368 9.41 40.22 30.91
N ASP C 369 9.75 41.10 29.95
CA ASP C 369 9.09 42.40 29.69
C ASP C 369 7.92 42.21 28.73
N TYR C 370 7.75 41.02 28.13
CA TYR C 370 6.74 40.79 27.07
C TYR C 370 5.96 39.50 27.33
N PRO C 371 5.39 39.33 28.54
CA PRO C 371 4.62 38.13 28.86
C PRO C 371 3.51 37.86 27.83
N LEU C 372 2.63 38.82 27.56
CA LEU C 372 1.47 38.61 26.67
C LEU C 372 1.96 38.30 25.26
N GLU C 373 3.02 39.01 24.85
CA GLU C 373 3.64 38.95 23.49
C GLU C 373 4.20 37.52 23.27
N ALA C 374 4.83 36.94 24.29
CA ALA C 374 5.47 35.61 24.21
C ALA C 374 4.38 34.54 24.12
N VAL C 375 3.24 34.75 24.78
CA VAL C 375 2.07 33.84 24.65
C VAL C 375 1.56 33.89 23.22
N ARG C 376 1.38 35.09 22.68
CA ARG C 376 0.80 35.28 21.31
C ARG C 376 1.75 34.71 20.28
N MET C 377 3.05 34.94 20.45
CA MET C 377 4.07 34.40 19.51
C MET C 377 4.05 32.86 19.56
N GLN C 378 3.96 32.27 20.75
CA GLN C 378 3.90 30.81 20.91
C GLN C 378 2.69 30.27 20.14
N HIS C 379 1.53 30.94 20.21
CA HIS C 379 0.31 30.55 19.47
C HIS C 379 0.57 30.65 17.97
N LEU C 380 1.19 31.72 17.52
CA LEU C 380 1.44 31.91 16.07
C LEU C 380 2.29 30.74 15.57
N ILE C 381 3.43 30.51 16.22
CA ILE C 381 4.40 29.48 15.73
C ILE C 381 3.67 28.14 15.73
N ALA C 382 3.00 27.81 16.82
CA ALA C 382 2.40 26.47 17.01
C ALA C 382 1.34 26.27 15.94
N ARG C 383 0.65 27.33 15.56
CA ARG C 383 -0.44 27.27 14.57
C ARG C 383 0.18 27.07 13.17
N GLU C 384 1.19 27.86 12.84
CA GLU C 384 1.91 27.77 11.53
C GLU C 384 2.58 26.39 11.36
N ALA C 385 3.06 25.77 12.44
CA ALA C 385 3.72 24.44 12.40
C ALA C 385 2.70 23.36 12.04
N GLU C 386 1.45 23.57 12.42
CA GLU C 386 0.36 22.59 12.19
C GLU C 386 0.25 22.35 10.68
N ALA C 387 0.54 23.37 9.84
CA ALA C 387 0.55 23.29 8.35
C ALA C 387 1.46 22.17 7.86
N ALA C 388 2.50 21.82 8.63
CA ALA C 388 3.58 20.93 8.21
C ALA C 388 3.43 19.56 8.89
N ILE C 389 2.47 19.37 9.78
CA ILE C 389 2.13 18.01 10.30
C ILE C 389 1.47 17.20 9.18
N TYR C 390 1.97 15.99 8.94
CA TYR C 390 1.35 15.02 8.01
C TYR C 390 0.52 14.03 8.85
N HIS C 391 -0.73 14.39 9.14
CA HIS C 391 -1.60 13.65 10.09
C HIS C 391 -1.82 12.22 9.60
N LEU C 392 -2.10 12.07 8.31
CA LEU C 392 -2.46 10.77 7.72
C LEU C 392 -1.39 9.73 8.07
N GLN C 393 -0.11 10.09 8.00
CA GLN C 393 1.02 9.15 8.28
C GLN C 393 1.05 8.81 9.77
N LEU C 394 0.85 9.81 10.64
CA LEU C 394 0.92 9.59 12.11
C LEU C 394 -0.13 8.53 12.48
N PHE C 395 -1.36 8.71 12.00
CA PHE C 395 -2.51 7.84 12.27
C PHE C 395 -2.24 6.43 11.72
N GLU C 396 -1.86 6.32 10.44
CA GLU C 396 -1.53 5.01 9.78
C GLU C 396 -0.48 4.27 10.61
N GLU C 397 0.49 4.99 11.20
CA GLU C 397 1.60 4.35 11.94
C GLU C 397 1.12 3.96 13.35
N LEU C 398 0.52 4.90 14.09
CA LEU C 398 -0.03 4.61 15.45
C LEU C 398 -1.08 3.50 15.35
N ARG C 399 -1.86 3.46 14.26
CA ARG C 399 -2.88 2.40 13.99
C ARG C 399 -2.18 1.04 13.83
N ARG C 400 -1.08 1.01 13.07
CA ARG C 400 -0.30 -0.21 12.71
C ARG C 400 0.48 -0.70 13.93
N LEU C 401 0.88 0.21 14.83
CA LEU C 401 1.50 -0.10 16.16
C LEU C 401 0.39 -0.36 17.19
N ALA C 402 -0.85 -0.65 16.73
CA ALA C 402 -1.98 -1.15 17.56
C ALA C 402 -2.65 -2.35 16.88
N ALA C 406 -7.69 -6.19 18.77
CA ALA C 406 -7.81 -4.89 19.48
C ALA C 406 -8.97 -4.93 20.47
N ASP C 407 -8.90 -4.09 21.51
CA ASP C 407 -9.92 -3.92 22.60
C ASP C 407 -11.19 -3.26 22.04
N PRO C 408 -12.38 -3.46 22.66
CA PRO C 408 -13.56 -2.69 22.27
C PRO C 408 -13.39 -1.16 22.42
N ALA C 409 -12.75 -0.73 23.50
CA ALA C 409 -12.38 0.69 23.74
C ALA C 409 -11.48 1.18 22.59
N GLU C 410 -10.41 0.44 22.28
CA GLU C 410 -9.38 0.85 21.31
C GLU C 410 -9.99 0.88 19.90
N ALA C 411 -10.78 -0.13 19.53
CA ALA C 411 -11.35 -0.28 18.17
C ALA C 411 -12.23 0.93 17.83
N THR C 412 -13.06 1.39 18.76
CA THR C 412 -14.03 2.48 18.54
C THR C 412 -13.26 3.80 18.34
N ALA C 413 -12.25 4.03 19.18
CA ALA C 413 -11.38 5.21 19.13
C ALA C 413 -10.70 5.26 17.76
N VAL C 414 -10.08 4.16 17.34
CA VAL C 414 -9.38 4.05 16.03
C VAL C 414 -10.41 4.26 14.91
N GLY C 415 -11.57 3.61 15.02
CA GLY C 415 -12.68 3.77 14.06
C GLY C 415 -13.10 5.23 13.94
N ALA C 416 -13.23 5.94 15.06
CA ALA C 416 -13.64 7.37 15.11
C ALA C 416 -12.60 8.23 14.39
N VAL C 417 -11.32 7.96 14.58
CA VAL C 417 -10.24 8.73 13.88
C VAL C 417 -10.25 8.40 12.38
N GLU C 418 -10.41 7.12 12.02
CA GLU C 418 -10.47 6.70 10.59
C GLU C 418 -11.63 7.44 9.89
N ALA C 419 -12.79 7.50 10.52
CA ALA C 419 -14.00 8.16 9.96
C ALA C 419 -13.78 9.67 9.84
N SER C 420 -13.00 10.28 10.73
CA SER C 420 -12.75 11.76 10.71
C SER C 420 -11.97 12.11 9.45
N PHE C 421 -11.08 11.23 9.01
CA PHE C 421 -10.34 11.36 7.73
C PHE C 421 -11.28 11.13 6.54
N LYS C 422 -12.02 10.01 6.55
CA LYS C 422 -12.90 9.58 5.41
C LYS C 422 -14.01 10.61 5.15
N CYS C 423 -14.58 11.21 6.21
CA CYS C 423 -15.70 12.19 6.10
C CYS C 423 -15.23 13.63 6.14
N CYS C 424 -13.91 13.86 6.13
CA CYS C 424 -13.29 15.21 6.28
C CYS C 424 -14.05 15.96 7.38
N SER C 425 -14.22 15.33 8.53
CA SER C 425 -15.07 15.81 9.64
C SER C 425 -14.46 17.10 10.18
N GLY C 426 -15.31 17.96 10.74
CA GLY C 426 -14.88 19.21 11.39
C GLY C 426 -14.37 18.98 12.78
N ALA C 427 -14.81 17.92 13.43
CA ALA C 427 -14.40 17.59 14.81
C ALA C 427 -14.76 16.16 15.13
N ILE C 428 -14.09 15.60 16.13
CA ILE C 428 -14.56 14.41 16.90
C ILE C 428 -15.06 14.92 18.25
N ILE C 429 -16.37 14.81 18.47
CA ILE C 429 -17.02 15.17 19.76
C ILE C 429 -17.04 13.94 20.65
N VAL C 430 -16.49 14.04 21.85
CA VAL C 430 -16.36 12.91 22.81
C VAL C 430 -16.97 13.33 24.17
N LEU C 431 -18.02 12.65 24.60
CA LEU C 431 -18.56 12.76 25.98
C LEU C 431 -17.74 11.86 26.90
N THR C 432 -17.12 12.40 27.92
CA THR C 432 -16.19 11.66 28.83
C THR C 432 -16.38 12.11 30.27
N LYS C 433 -16.19 11.20 31.22
CA LYS C 433 -16.31 11.46 32.68
C LYS C 433 -14.92 11.74 33.21
N SER C 434 -14.01 10.78 33.05
CA SER C 434 -12.60 10.84 33.49
C SER C 434 -11.70 11.42 32.39
N GLY C 435 -12.14 11.41 31.13
CA GLY C 435 -11.34 11.91 29.98
C GLY C 435 -10.70 10.79 29.16
N ARG C 436 -10.70 9.55 29.67
CA ARG C 436 -10.03 8.36 29.06
C ARG C 436 -10.43 8.25 27.59
N SER C 437 -11.71 8.29 27.27
CA SER C 437 -12.18 8.14 25.86
C SER C 437 -11.57 9.22 24.99
N ALA C 438 -11.51 10.47 25.47
CA ALA C 438 -10.93 11.60 24.73
C ALA C 438 -9.42 11.36 24.49
N HIS C 439 -8.71 10.90 25.51
CA HIS C 439 -7.25 10.62 25.47
C HIS C 439 -7.00 9.51 24.44
N GLN C 440 -7.83 8.48 24.46
CA GLN C 440 -7.76 7.32 23.53
C GLN C 440 -7.88 7.84 22.10
N VAL C 441 -8.83 8.72 21.80
CA VAL C 441 -8.96 9.33 20.45
C VAL C 441 -7.70 10.13 20.14
N ALA C 442 -7.16 10.89 21.12
CA ALA C 442 -6.01 11.81 20.91
C ALA C 442 -4.72 11.02 20.58
N ARG C 443 -4.53 9.86 21.18
CA ARG C 443 -3.34 8.99 20.94
C ARG C 443 -3.17 8.75 19.41
N TYR C 444 -4.28 8.55 18.67
CA TYR C 444 -4.31 8.20 17.22
C TYR C 444 -4.20 9.46 16.31
N ARG C 445 -4.20 10.67 16.86
CA ARG C 445 -3.71 11.88 16.14
C ARG C 445 -4.59 12.23 14.93
N PRO C 446 -5.90 12.46 15.09
CA PRO C 446 -6.72 12.97 13.99
C PRO C 446 -6.28 14.37 13.59
N ARG C 447 -6.46 14.74 12.33
CA ARG C 447 -6.42 16.14 11.86
C ARG C 447 -7.47 16.96 12.64
N ALA C 448 -8.67 16.42 12.79
CA ALA C 448 -9.85 17.19 13.25
C ALA C 448 -9.77 17.40 14.75
N PRO C 449 -10.21 18.57 15.26
CA PRO C 449 -10.12 18.83 16.68
C PRO C 449 -10.99 17.81 17.42
N ILE C 450 -10.56 17.44 18.61
CA ILE C 450 -11.39 16.68 19.55
C ILE C 450 -12.05 17.64 20.54
N ILE C 451 -13.36 17.83 20.47
CA ILE C 451 -14.12 18.58 21.50
C ILE C 451 -14.51 17.58 22.57
N ALA C 452 -13.82 17.58 23.71
CA ALA C 452 -14.13 16.73 24.87
C ALA C 452 -15.11 17.49 25.80
N VAL C 453 -16.30 16.93 26.01
CA VAL C 453 -17.38 17.49 26.85
C VAL C 453 -17.35 16.73 28.16
N ALA C 454 -16.95 17.42 29.24
CA ALA C 454 -16.92 16.91 30.63
C ALA C 454 -17.90 17.71 31.49
N ARG C 455 -18.30 17.16 32.64
CA ARG C 455 -19.03 17.86 33.72
C ARG C 455 -18.10 18.01 34.91
N ASN C 456 -17.03 17.20 34.93
CA ASN C 456 -15.96 17.19 35.96
C ASN C 456 -14.92 18.24 35.56
N PRO C 457 -14.83 19.39 36.29
CA PRO C 457 -13.94 20.47 35.89
C PRO C 457 -12.45 20.05 35.87
N GLN C 458 -12.04 19.10 36.71
CA GLN C 458 -10.62 18.63 36.74
C GLN C 458 -10.31 17.91 35.42
N THR C 459 -11.14 16.98 34.96
CA THR C 459 -10.89 16.31 33.65
C THR C 459 -10.86 17.39 32.56
N ALA C 460 -11.75 18.39 32.61
CA ALA C 460 -11.73 19.47 31.61
C ALA C 460 -10.34 20.11 31.61
N ARG C 461 -9.76 20.35 32.79
CA ARG C 461 -8.48 21.05 32.92
C ARG C 461 -7.35 20.13 32.44
N GLN C 462 -7.38 18.87 32.86
CA GLN C 462 -6.26 17.91 32.63
C GLN C 462 -6.16 17.57 31.13
N ALA C 463 -7.20 17.82 30.33
CA ALA C 463 -7.29 17.36 28.93
C ALA C 463 -6.36 18.22 28.04
N HIS C 464 -5.85 19.32 28.58
CA HIS C 464 -4.92 20.23 27.87
C HIS C 464 -3.53 19.58 27.72
N LEU C 465 -3.21 18.57 28.52
CA LEU C 465 -1.94 17.83 28.35
C LEU C 465 -1.91 17.11 26.99
N TYR C 466 -3.05 16.86 26.34
CA TYR C 466 -3.10 16.04 25.11
C TYR C 466 -3.28 16.94 23.88
N ARG C 467 -2.41 16.73 22.91
CA ARG C 467 -2.52 17.26 21.54
C ARG C 467 -3.94 17.04 21.02
N GLY C 468 -4.55 18.09 20.51
CA GLY C 468 -5.78 18.05 19.69
C GLY C 468 -7.06 18.03 20.51
N ILE C 469 -6.98 17.96 21.85
CA ILE C 469 -8.19 18.06 22.72
C ILE C 469 -8.50 19.52 23.06
N PHE C 470 -9.72 19.94 22.72
CA PHE C 470 -10.32 21.23 23.16
C PHE C 470 -11.40 20.92 24.18
N PRO C 471 -11.08 20.97 25.50
CA PRO C 471 -12.04 20.59 26.52
C PRO C 471 -13.09 21.69 26.73
N VAL C 472 -14.33 21.29 26.99
CA VAL C 472 -15.46 22.20 27.31
C VAL C 472 -16.19 21.60 28.50
N LEU C 473 -16.59 22.46 29.43
CA LEU C 473 -17.21 22.09 30.71
C LEU C 473 -18.72 22.26 30.53
N CYS C 474 -19.47 21.17 30.66
CA CYS C 474 -20.94 21.23 30.63
C CYS C 474 -21.44 21.50 32.04
N LYS C 475 -22.16 22.60 32.17
CA LYS C 475 -22.71 23.14 33.44
C LYS C 475 -24.16 22.63 33.60
N ASP C 476 -24.89 22.53 32.48
CA ASP C 476 -26.26 21.96 32.41
C ASP C 476 -26.38 20.79 33.37
N PRO C 477 -27.49 20.70 34.12
CA PRO C 477 -27.73 19.55 35.01
C PRO C 477 -28.01 18.28 34.19
N VAL C 478 -27.67 17.12 34.75
CA VAL C 478 -27.94 15.77 34.16
C VAL C 478 -29.44 15.68 33.86
N GLN C 479 -29.81 15.26 32.65
CA GLN C 479 -31.24 15.01 32.27
C GLN C 479 -31.62 13.61 32.76
N GLU C 480 -32.87 13.45 33.20
CA GLU C 480 -33.53 12.18 33.57
C GLU C 480 -33.17 11.08 32.55
N ALA C 481 -33.57 11.28 31.29
CA ALA C 481 -33.48 10.27 30.19
C ALA C 481 -32.09 10.30 29.52
N TRP C 482 -31.33 9.21 29.65
CA TRP C 482 -29.93 9.05 29.20
C TRP C 482 -29.70 9.61 27.78
N ALA C 483 -30.56 9.26 26.83
CA ALA C 483 -30.43 9.62 25.39
C ALA C 483 -30.59 11.14 25.23
N GLU C 484 -31.55 11.73 25.93
CA GLU C 484 -31.81 13.20 26.01
C GLU C 484 -30.52 13.93 26.44
N ASP C 485 -29.95 13.53 27.59
CA ASP C 485 -28.71 14.09 28.19
C ASP C 485 -27.56 14.06 27.17
N VAL C 486 -27.42 12.96 26.41
CA VAL C 486 -26.37 12.78 25.37
C VAL C 486 -26.56 13.85 24.29
N ASP C 487 -27.80 14.03 23.82
CA ASP C 487 -28.13 14.95 22.70
C ASP C 487 -27.93 16.41 23.16
N LEU C 488 -28.15 16.74 24.43
CA LEU C 488 -27.89 18.10 24.97
C LEU C 488 -26.37 18.41 24.93
N ARG C 489 -25.56 17.49 25.45
CA ARG C 489 -24.07 17.61 25.50
C ARG C 489 -23.54 17.74 24.07
N VAL C 490 -24.04 16.92 23.14
CA VAL C 490 -23.61 16.94 21.71
C VAL C 490 -23.90 18.31 21.12
N ASN C 491 -25.08 18.84 21.43
CA ASN C 491 -25.55 20.12 20.87
C ASN C 491 -24.68 21.23 21.47
N PHE C 492 -24.25 21.10 22.73
CA PHE C 492 -23.27 22.02 23.39
C PHE C 492 -21.97 22.05 22.56
N ALA C 493 -21.37 20.89 22.29
CA ALA C 493 -20.13 20.74 21.48
C ALA C 493 -20.35 21.30 20.08
N MET C 494 -21.49 20.98 19.48
CA MET C 494 -21.92 21.51 18.16
C MET C 494 -21.83 23.05 18.18
N ASN C 495 -22.31 23.67 19.25
CA ASN C 495 -22.37 25.16 19.38
C ASN C 495 -20.95 25.70 19.63
N VAL C 496 -20.14 24.99 20.41
CA VAL C 496 -18.74 25.43 20.69
C VAL C 496 -17.95 25.40 19.39
N GLY C 497 -18.06 24.30 18.65
CA GLY C 497 -17.34 24.12 17.38
C GLY C 497 -17.67 25.23 16.40
N LYS C 498 -18.96 25.58 16.30
CA LYS C 498 -19.45 26.65 15.38
C LYS C 498 -18.86 27.99 15.82
N ALA C 499 -19.00 28.35 17.10
CA ALA C 499 -18.45 29.61 17.65
C ALA C 499 -16.93 29.68 17.37
N ARG C 500 -16.21 28.56 17.40
CA ARG C 500 -14.73 28.53 17.28
C ARG C 500 -14.30 28.38 15.82
N GLY C 501 -15.25 28.19 14.91
CA GLY C 501 -14.99 28.15 13.45
C GLY C 501 -14.34 26.84 13.02
N PHE C 502 -14.49 25.78 13.81
CA PHE C 502 -14.06 24.39 13.45
C PHE C 502 -14.90 23.86 12.27
N PHE C 503 -16.21 24.08 12.35
CA PHE C 503 -17.20 23.63 11.33
C PHE C 503 -18.38 24.61 11.25
N LYS C 504 -19.19 24.47 10.20
CA LYS C 504 -20.43 25.25 9.98
C LYS C 504 -21.57 24.28 9.67
N LYS C 505 -22.81 24.77 9.56
CA LYS C 505 -24.04 23.96 9.25
C LYS C 505 -23.78 23.09 8.01
N GLY C 506 -24.10 21.80 8.08
CA GLY C 506 -24.03 20.89 6.91
C GLY C 506 -22.63 20.37 6.65
N ASP C 507 -21.65 20.73 7.49
CA ASP C 507 -20.43 19.91 7.70
C ASP C 507 -20.87 18.65 8.42
N VAL C 508 -20.00 17.64 8.49
CA VAL C 508 -20.21 16.39 9.27
C VAL C 508 -19.25 16.39 10.45
N VAL C 509 -19.63 15.77 11.57
CA VAL C 509 -18.74 15.49 12.75
C VAL C 509 -18.90 14.03 13.18
N ILE C 510 -17.88 13.47 13.82
CA ILE C 510 -17.92 12.15 14.48
C ILE C 510 -18.27 12.40 15.93
N VAL C 511 -19.08 11.53 16.54
CA VAL C 511 -19.48 11.64 17.97
C VAL C 511 -19.25 10.29 18.64
N LEU C 512 -18.62 10.28 19.82
CA LEU C 512 -18.37 9.09 20.65
C LEU C 512 -19.02 9.30 22.01
N THR C 513 -19.78 8.30 22.47
CA THR C 513 -20.52 8.31 23.76
C THR C 513 -20.39 6.95 24.42
N GLY C 514 -20.86 6.83 25.67
CA GLY C 514 -21.24 5.54 26.28
C GLY C 514 -22.54 5.03 25.66
N TRP C 515 -22.99 3.84 26.02
CA TRP C 515 -24.26 3.26 25.47
C TRP C 515 -25.43 3.50 26.45
N ARG C 516 -25.27 3.14 27.72
CA ARG C 516 -26.33 3.25 28.76
C ARG C 516 -25.80 4.14 29.88
N PRO C 517 -26.61 4.49 30.91
CA PRO C 517 -26.18 5.43 31.94
C PRO C 517 -24.89 5.03 32.66
N GLY C 518 -24.73 3.73 32.98
CA GLY C 518 -23.55 3.21 33.68
C GLY C 518 -22.61 2.44 32.76
N SER C 519 -22.89 2.45 31.45
CA SER C 519 -22.18 1.63 30.42
C SER C 519 -20.67 1.83 30.52
N GLY C 520 -19.97 0.81 31.01
CA GLY C 520 -18.49 0.76 30.96
C GLY C 520 -18.03 0.76 29.52
N PHE C 521 -17.06 1.61 29.17
CA PHE C 521 -16.52 1.76 27.79
C PHE C 521 -17.38 2.76 27.01
N THR C 522 -16.76 3.85 26.54
CA THR C 522 -17.34 4.81 25.55
C THR C 522 -17.22 4.14 24.17
N ASN C 523 -18.18 3.27 23.83
CA ASN C 523 -18.06 2.35 22.69
C ASN C 523 -19.06 2.74 21.60
N THR C 524 -19.66 3.92 21.66
CA THR C 524 -20.75 4.31 20.73
C THR C 524 -20.28 5.40 19.80
N MET C 525 -20.23 5.10 18.51
CA MET C 525 -19.73 6.00 17.45
C MET C 525 -20.87 6.29 16.48
N ARG C 526 -21.03 7.58 16.14
CA ARG C 526 -21.97 8.06 15.10
C ARG C 526 -21.26 9.07 14.22
N VAL C 527 -21.74 9.22 13.00
CA VAL C 527 -21.37 10.31 12.07
C VAL C 527 -22.61 11.18 11.91
N VAL C 528 -22.59 12.39 12.48
CA VAL C 528 -23.80 13.25 12.66
C VAL C 528 -23.61 14.51 11.81
N PRO C 529 -24.60 14.87 10.95
CA PRO C 529 -24.56 16.17 10.28
C PRO C 529 -24.59 17.30 11.31
N VAL C 530 -23.91 18.41 11.03
CA VAL C 530 -23.92 19.64 11.88
C VAL C 530 -25.19 20.41 11.54
N PRO C 531 -26.15 20.50 12.50
CA PRO C 531 -27.39 21.25 12.30
C PRO C 531 -27.21 22.78 12.28
N ASP D 24 -1.96 -14.02 4.02
CA ASP D 24 -1.61 -12.59 3.65
C ASP D 24 -1.41 -12.47 2.13
N THR D 25 -1.11 -13.57 1.47
CA THR D 25 -1.02 -13.66 -0.02
C THR D 25 -2.13 -14.61 -0.51
N PHE D 26 -2.88 -14.20 -1.52
CA PHE D 26 -3.85 -15.09 -2.20
C PHE D 26 -3.15 -16.42 -2.56
N LEU D 27 -1.96 -16.32 -3.15
CA LEU D 27 -1.20 -17.51 -3.59
C LEU D 27 -0.99 -18.49 -2.42
N GLU D 28 -0.75 -17.99 -1.21
CA GLU D 28 -0.42 -18.83 -0.03
C GLU D 28 -1.72 -19.49 0.46
N HIS D 29 -2.86 -18.81 0.31
CA HIS D 29 -4.22 -19.36 0.59
C HIS D 29 -4.49 -20.56 -0.31
N MET D 30 -4.16 -20.45 -1.61
CA MET D 30 -4.31 -21.57 -2.57
C MET D 30 -3.36 -22.68 -2.13
N CYS D 31 -2.11 -22.35 -1.78
CA CYS D 31 -1.08 -23.38 -1.43
C CYS D 31 -1.50 -24.17 -0.19
N ARG D 32 -2.33 -23.59 0.70
CA ARG D 32 -2.66 -24.19 2.03
C ARG D 32 -4.00 -24.93 1.99
N LEU D 33 -4.70 -24.90 0.85
CA LEU D 33 -5.95 -25.67 0.61
C LEU D 33 -5.68 -27.16 0.90
N ASP D 34 -6.56 -27.83 1.65
CA ASP D 34 -6.36 -29.21 2.16
C ASP D 34 -7.64 -29.99 1.93
N ILE D 35 -7.65 -30.88 0.94
CA ILE D 35 -8.88 -31.64 0.55
C ILE D 35 -9.23 -32.65 1.66
N ASP D 36 -8.27 -33.03 2.54
CA ASP D 36 -8.44 -34.08 3.58
C ASP D 36 -8.73 -33.48 4.96
N SER D 37 -9.16 -32.22 5.03
CA SER D 37 -9.72 -31.63 6.27
C SER D 37 -11.10 -31.05 5.96
N PRO D 38 -12.08 -31.23 6.87
CA PRO D 38 -13.44 -30.75 6.64
C PRO D 38 -13.43 -29.24 6.48
N PRO D 39 -14.34 -28.65 5.69
CA PRO D 39 -14.37 -27.20 5.55
C PRO D 39 -14.83 -26.62 6.90
N ILE D 40 -14.19 -25.55 7.36
CA ILE D 40 -14.36 -24.98 8.73
C ILE D 40 -15.27 -23.74 8.69
N THR D 41 -15.12 -22.86 7.69
CA THR D 41 -15.95 -21.63 7.56
C THR D 41 -17.36 -22.00 7.09
N ALA D 42 -18.36 -21.25 7.54
CA ALA D 42 -19.78 -21.37 7.13
C ALA D 42 -19.90 -21.14 5.62
N ARG D 43 -20.86 -21.80 4.99
CA ARG D 43 -21.37 -21.43 3.65
C ARG D 43 -21.93 -20.01 3.79
N ASN D 44 -21.49 -19.05 2.97
CA ASN D 44 -21.98 -17.65 3.09
C ASN D 44 -22.87 -17.28 1.92
N THR D 45 -22.90 -18.10 0.87
CA THR D 45 -23.68 -17.80 -0.37
C THR D 45 -25.11 -18.34 -0.22
N GLY D 46 -26.09 -17.65 -0.81
CA GLY D 46 -27.49 -18.09 -0.79
C GLY D 46 -27.70 -19.31 -1.69
N ILE D 47 -28.62 -20.19 -1.35
CA ILE D 47 -29.06 -21.31 -2.24
C ILE D 47 -30.51 -21.05 -2.65
N ILE D 48 -30.73 -20.98 -3.95
CA ILE D 48 -32.10 -20.85 -4.53
C ILE D 48 -32.44 -22.16 -5.22
N CYS D 49 -33.59 -22.74 -4.90
CA CYS D 49 -34.05 -24.06 -5.41
C CYS D 49 -35.37 -23.86 -6.18
N THR D 50 -35.42 -24.32 -7.43
CA THR D 50 -36.66 -24.38 -8.23
C THR D 50 -37.49 -25.52 -7.67
N ILE D 51 -38.70 -25.21 -7.23
CA ILE D 51 -39.69 -26.17 -6.69
C ILE D 51 -40.65 -26.56 -7.83
N GLY D 52 -40.83 -27.86 -8.01
CA GLY D 52 -41.74 -28.44 -9.01
C GLY D 52 -42.23 -29.82 -8.54
N PRO D 53 -42.65 -30.68 -9.49
CA PRO D 53 -43.17 -32.00 -9.16
C PRO D 53 -42.33 -32.79 -8.14
N ALA D 54 -41.00 -32.72 -8.23
CA ALA D 54 -40.14 -33.62 -7.42
C ALA D 54 -39.98 -33.05 -6.00
N SER D 55 -40.35 -31.80 -5.77
CA SER D 55 -39.96 -31.06 -4.54
C SER D 55 -41.14 -30.33 -3.89
N ARG D 56 -42.30 -30.25 -4.56
CA ARG D 56 -43.56 -29.57 -4.10
C ARG D 56 -44.00 -30.02 -2.70
N SER D 57 -43.81 -31.28 -2.38
CA SER D 57 -44.43 -31.91 -1.19
C SER D 57 -43.82 -31.28 0.07
N VAL D 58 -44.67 -31.08 1.10
CA VAL D 58 -44.30 -30.45 2.39
C VAL D 58 -43.11 -31.20 2.99
N GLU D 59 -43.12 -32.52 2.97
CA GLU D 59 -42.07 -33.38 3.59
C GLU D 59 -40.72 -33.11 2.91
N THR D 60 -40.66 -33.17 1.58
CA THR D 60 -39.42 -32.89 0.82
C THR D 60 -38.98 -31.45 1.14
N LEU D 61 -39.91 -30.49 1.08
CA LEU D 61 -39.64 -29.06 1.32
C LEU D 61 -39.01 -28.89 2.71
N LYS D 62 -39.49 -29.58 3.73
CA LYS D 62 -38.89 -29.47 5.09
C LYS D 62 -37.44 -29.95 5.03
N GLU D 63 -37.17 -31.01 4.28
CA GLU D 63 -35.83 -31.62 4.18
C GLU D 63 -34.92 -30.69 3.38
N MET D 64 -35.47 -29.95 2.42
CA MET D 64 -34.71 -29.05 1.52
C MET D 64 -34.30 -27.81 2.31
N ILE D 65 -35.17 -27.37 3.22
CA ILE D 65 -34.92 -26.23 4.13
C ILE D 65 -33.79 -26.60 5.11
N LYS D 66 -33.90 -27.73 5.78
CA LYS D 66 -32.85 -28.15 6.77
C LYS D 66 -31.52 -28.36 6.04
N SER D 67 -31.54 -28.73 4.75
CA SER D 67 -30.30 -28.99 3.99
C SER D 67 -29.73 -27.69 3.39
N GLY D 68 -30.46 -26.57 3.49
CA GLY D 68 -29.92 -25.21 3.37
C GLY D 68 -30.60 -24.36 2.28
N MET D 69 -31.74 -24.76 1.71
CA MET D 69 -32.49 -23.89 0.75
C MET D 69 -32.91 -22.62 1.48
N ASN D 70 -32.55 -21.47 0.91
CA ASN D 70 -32.89 -20.12 1.43
C ASN D 70 -34.06 -19.54 0.63
N VAL D 71 -34.17 -19.90 -0.64
CA VAL D 71 -35.15 -19.27 -1.57
C VAL D 71 -35.78 -20.36 -2.42
N ALA D 72 -37.12 -20.33 -2.52
CA ALA D 72 -37.91 -21.25 -3.37
C ALA D 72 -38.29 -20.47 -4.62
N ARG D 73 -37.93 -20.98 -5.80
CA ARG D 73 -38.19 -20.33 -7.12
C ARG D 73 -39.36 -21.06 -7.78
N LEU D 74 -40.39 -20.32 -8.19
CA LEU D 74 -41.53 -20.82 -9.00
C LEU D 74 -41.34 -20.34 -10.43
N ASN D 75 -41.15 -21.28 -11.34
CA ASN D 75 -40.91 -21.00 -12.77
C ASN D 75 -42.26 -20.92 -13.50
N PHE D 76 -42.74 -19.71 -13.79
CA PHE D 76 -44.08 -19.48 -14.39
C PHE D 76 -44.06 -19.66 -15.91
N SER D 77 -42.99 -20.23 -16.48
CA SER D 77 -42.94 -20.68 -17.90
C SER D 77 -43.86 -21.89 -18.08
N HIS D 78 -44.07 -22.67 -17.01
CA HIS D 78 -44.98 -23.83 -16.95
C HIS D 78 -45.85 -23.76 -15.69
N GLY D 79 -46.95 -24.49 -15.69
CA GLY D 79 -47.89 -24.63 -14.56
C GLY D 79 -48.92 -23.54 -14.57
N THR D 80 -50.06 -23.80 -13.93
CA THR D 80 -51.22 -22.87 -13.79
C THR D 80 -51.04 -22.06 -12.51
N HIS D 81 -51.80 -20.98 -12.34
CA HIS D 81 -51.90 -20.21 -11.06
C HIS D 81 -52.30 -21.15 -9.90
N GLU D 82 -53.33 -21.99 -10.08
CA GLU D 82 -53.77 -22.99 -9.07
C GLU D 82 -52.57 -23.79 -8.57
N TYR D 83 -51.76 -24.30 -9.48
CA TYR D 83 -50.64 -25.25 -9.18
C TYR D 83 -49.57 -24.52 -8.36
N HIS D 84 -49.24 -23.29 -8.76
CA HIS D 84 -48.20 -22.45 -8.11
C HIS D 84 -48.71 -22.05 -6.72
N ALA D 85 -50.01 -21.74 -6.57
CA ALA D 85 -50.62 -21.30 -5.28
C ALA D 85 -50.42 -22.38 -4.23
N GLU D 86 -50.57 -23.63 -4.65
CA GLU D 86 -50.46 -24.81 -3.77
C GLU D 86 -48.97 -25.04 -3.41
N THR D 87 -48.07 -24.96 -4.40
CA THR D 87 -46.59 -25.01 -4.18
C THR D 87 -46.24 -23.98 -3.10
N ILE D 88 -46.72 -22.75 -3.26
CA ILE D 88 -46.40 -21.61 -2.35
C ILE D 88 -46.92 -21.94 -0.96
N LYS D 89 -48.11 -22.57 -0.89
CA LYS D 89 -48.77 -22.95 0.39
C LYS D 89 -47.91 -24.04 1.05
N ASN D 90 -47.48 -25.05 0.29
CA ASN D 90 -46.58 -26.10 0.81
C ASN D 90 -45.26 -25.46 1.27
N VAL D 91 -44.68 -24.52 0.48
CA VAL D 91 -43.42 -23.82 0.90
C VAL D 91 -43.67 -23.15 2.26
N ARG D 92 -44.77 -22.42 2.43
CA ARG D 92 -45.04 -21.71 3.71
C ARG D 92 -45.32 -22.73 4.83
N THR D 93 -46.06 -23.81 4.57
CA THR D 93 -46.33 -24.85 5.61
C THR D 93 -45.00 -25.42 6.09
N ALA D 94 -44.10 -25.76 5.14
CA ALA D 94 -42.80 -26.39 5.43
C ALA D 94 -41.94 -25.40 6.22
N THR D 95 -42.05 -24.10 5.92
CA THR D 95 -41.21 -23.02 6.53
C THR D 95 -41.69 -22.78 7.96
N GLU D 96 -43.00 -22.66 8.16
CA GLU D 96 -43.59 -22.33 9.49
C GLU D 96 -43.54 -23.53 10.45
N SER D 97 -43.28 -24.75 9.95
CA SER D 97 -43.09 -25.95 10.80
C SER D 97 -41.92 -25.72 11.78
N PHE D 98 -41.02 -24.77 11.48
CA PHE D 98 -39.80 -24.49 12.29
C PHE D 98 -39.98 -23.23 13.16
N ALA D 99 -41.13 -22.56 13.05
CA ALA D 99 -41.39 -21.24 13.68
C ALA D 99 -41.41 -21.32 15.22
N SER D 100 -41.59 -22.52 15.77
CA SER D 100 -41.86 -22.75 17.22
C SER D 100 -40.56 -22.56 18.03
N ASP D 101 -39.43 -22.35 17.35
CA ASP D 101 -38.11 -22.02 17.96
C ASP D 101 -37.54 -20.81 17.23
N PRO D 102 -37.71 -19.56 17.76
CA PRO D 102 -37.29 -18.36 17.03
C PRO D 102 -35.78 -18.21 16.86
N ILE D 103 -35.00 -18.93 17.67
CA ILE D 103 -33.50 -18.90 17.64
C ILE D 103 -33.00 -19.75 16.47
N LEU D 104 -33.73 -20.80 16.06
CA LEU D 104 -33.29 -21.81 15.06
C LEU D 104 -34.08 -21.64 13.74
N TYR D 105 -35.21 -20.92 13.75
CA TYR D 105 -36.05 -20.68 12.55
C TYR D 105 -35.23 -19.95 11.49
N ARG D 106 -35.21 -20.48 10.28
CA ARG D 106 -34.61 -19.88 9.06
C ARG D 106 -35.71 -19.30 8.20
N PRO D 107 -35.71 -17.99 7.89
CA PRO D 107 -36.65 -17.45 6.92
C PRO D 107 -36.36 -18.06 5.56
N VAL D 108 -37.41 -18.18 4.74
CA VAL D 108 -37.36 -18.79 3.39
C VAL D 108 -38.15 -17.89 2.44
N ALA D 109 -37.50 -17.28 1.47
CA ALA D 109 -38.11 -16.31 0.54
C ALA D 109 -38.82 -17.09 -0.58
N VAL D 110 -39.80 -16.44 -1.20
CA VAL D 110 -40.52 -16.97 -2.38
C VAL D 110 -40.20 -16.11 -3.61
N ALA D 111 -39.69 -16.73 -4.68
CA ALA D 111 -39.32 -16.02 -5.92
C ALA D 111 -40.25 -16.43 -7.05
N LEU D 112 -40.81 -15.42 -7.73
CA LEU D 112 -41.57 -15.58 -8.98
C LEU D 112 -40.64 -15.32 -10.17
N ASP D 113 -40.45 -16.34 -11.03
CA ASP D 113 -39.62 -16.29 -12.25
C ASP D 113 -40.54 -16.29 -13.47
N THR D 114 -40.63 -15.16 -14.17
CA THR D 114 -41.61 -14.92 -15.26
C THR D 114 -41.23 -15.74 -16.51
N LYS D 115 -42.23 -16.03 -17.33
CA LYS D 115 -42.04 -16.65 -18.66
C LYS D 115 -41.27 -15.63 -19.51
N GLY D 116 -41.76 -14.40 -19.52
CA GLY D 116 -41.20 -13.30 -20.32
C GLY D 116 -41.38 -13.52 -21.82
N PRO D 117 -40.89 -12.57 -22.64
CA PRO D 117 -41.01 -12.66 -24.10
C PRO D 117 -40.32 -13.87 -24.75
N GLU D 118 -40.96 -14.49 -25.73
CA GLU D 118 -40.36 -15.60 -26.51
C GLU D 118 -40.64 -15.38 -27.99
N ILE D 119 -39.87 -16.07 -28.84
CA ILE D 119 -40.11 -16.24 -30.29
C ILE D 119 -40.27 -17.74 -30.55
N ARG D 120 -41.45 -18.16 -31.01
CA ARG D 120 -41.80 -19.60 -31.18
C ARG D 120 -42.22 -19.86 -32.64
N THR D 121 -41.89 -21.06 -33.14
CA THR D 121 -42.01 -21.47 -34.57
C THR D 121 -43.44 -21.89 -34.91
N GLY D 122 -44.23 -22.31 -33.93
CA GLY D 122 -45.56 -22.92 -34.17
C GLY D 122 -45.45 -24.26 -34.90
N LEU D 123 -46.60 -24.82 -35.29
CA LEU D 123 -46.79 -26.28 -35.49
C LEU D 123 -46.26 -26.72 -36.86
N ILE D 124 -45.41 -27.76 -36.86
CA ILE D 124 -45.18 -28.69 -38.02
C ILE D 124 -46.51 -29.41 -38.28
N LYS D 125 -46.96 -29.46 -39.54
CA LYS D 125 -48.31 -29.97 -39.94
C LYS D 125 -49.32 -29.71 -38.81
N GLU D 131 -42.47 -33.91 -36.74
CA GLU D 131 -41.23 -33.11 -36.95
C GLU D 131 -40.74 -33.28 -38.40
N VAL D 132 -39.55 -32.76 -38.72
CA VAL D 132 -38.96 -32.73 -40.11
C VAL D 132 -37.43 -32.77 -40.00
N GLU D 133 -36.74 -33.18 -41.08
CA GLU D 133 -35.26 -33.08 -41.21
C GLU D 133 -34.90 -31.74 -41.85
N LEU D 134 -33.63 -31.35 -41.81
CA LEU D 134 -33.16 -30.00 -42.21
C LEU D 134 -31.65 -30.03 -42.53
N LYS D 135 -31.27 -29.54 -43.72
CA LYS D 135 -29.86 -29.37 -44.16
C LYS D 135 -29.81 -28.32 -45.27
N LYS D 136 -28.65 -27.66 -45.44
CA LYS D 136 -28.45 -26.49 -46.33
C LYS D 136 -29.00 -26.79 -47.73
N GLY D 137 -28.94 -28.05 -48.18
CA GLY D 137 -29.30 -28.52 -49.54
C GLY D 137 -30.57 -27.86 -50.07
N ALA D 138 -31.58 -27.68 -49.20
CA ALA D 138 -32.76 -26.83 -49.44
C ALA D 138 -32.63 -25.58 -48.54
N THR D 139 -32.83 -24.40 -49.13
CA THR D 139 -32.93 -23.09 -48.42
C THR D 139 -34.20 -23.11 -47.56
N LEU D 140 -34.18 -22.46 -46.40
CA LEU D 140 -35.38 -22.30 -45.54
C LEU D 140 -35.81 -20.83 -45.57
N LYS D 141 -37.00 -20.58 -46.12
CA LYS D 141 -37.66 -19.25 -46.10
C LYS D 141 -38.45 -19.16 -44.79
N ILE D 142 -38.19 -18.12 -44.00
CA ILE D 142 -39.01 -17.81 -42.78
C ILE D 142 -40.10 -16.83 -43.20
N THR D 143 -41.35 -17.12 -42.82
CA THR D 143 -42.54 -16.27 -43.06
C THR D 143 -43.27 -16.01 -41.73
N LEU D 144 -44.00 -14.89 -41.66
CA LEU D 144 -44.76 -14.42 -40.47
C LEU D 144 -46.27 -14.46 -40.75
N ASP D 145 -46.63 -14.94 -41.95
CA ASP D 145 -48.01 -14.93 -42.51
C ASP D 145 -48.83 -16.03 -41.81
N ASN D 146 -49.84 -15.61 -41.02
CA ASN D 146 -50.56 -16.44 -40.01
C ASN D 146 -51.27 -17.64 -40.66
N ALA D 147 -51.42 -17.62 -42.00
CA ALA D 147 -52.08 -18.70 -42.77
C ALA D 147 -51.10 -19.86 -43.02
N TYR D 148 -49.84 -19.74 -42.57
CA TYR D 148 -48.78 -20.77 -42.69
C TYR D 148 -48.40 -21.32 -41.31
N MET D 149 -49.08 -20.89 -40.24
CA MET D 149 -48.62 -21.06 -38.84
C MET D 149 -48.90 -22.48 -38.34
N GLU D 150 -49.26 -23.41 -39.23
CA GLU D 150 -49.50 -24.84 -38.89
C GLU D 150 -49.01 -25.76 -40.03
N LYS D 151 -48.46 -25.19 -41.11
CA LYS D 151 -47.95 -25.97 -42.27
C LYS D 151 -46.43 -25.72 -42.41
N CYS D 152 -45.72 -25.72 -41.28
CA CYS D 152 -44.25 -25.56 -41.21
C CYS D 152 -43.58 -26.81 -41.84
N ASP D 153 -42.48 -26.62 -42.56
CA ASP D 153 -41.68 -27.71 -43.20
C ASP D 153 -40.29 -27.15 -43.55
N GLU D 154 -39.43 -27.97 -44.17
CA GLU D 154 -37.99 -27.64 -44.40
C GLU D 154 -37.86 -26.53 -45.46
N ASN D 155 -38.92 -26.28 -46.24
CA ASN D 155 -38.93 -25.27 -47.34
C ASN D 155 -39.45 -23.92 -46.82
N ILE D 156 -40.54 -23.93 -46.03
CA ILE D 156 -41.12 -22.71 -45.40
C ILE D 156 -41.36 -22.96 -43.90
N LEU D 157 -40.98 -21.99 -43.06
CA LEU D 157 -41.15 -22.04 -41.57
C LEU D 157 -41.85 -20.77 -41.08
N TRP D 158 -42.80 -20.91 -40.16
CA TRP D 158 -43.55 -19.79 -39.55
C TRP D 158 -42.84 -19.34 -38.26
N LEU D 159 -42.89 -18.04 -37.97
CA LEU D 159 -42.37 -17.44 -36.72
C LEU D 159 -43.42 -16.45 -36.16
N ASP D 160 -43.60 -16.45 -34.84
CA ASP D 160 -44.68 -15.70 -34.15
C ASP D 160 -44.23 -14.27 -33.82
N TYR D 161 -42.96 -13.92 -34.08
CA TYR D 161 -42.39 -12.57 -33.83
C TYR D 161 -42.57 -11.69 -35.09
N LYS D 162 -43.67 -10.92 -35.11
CA LYS D 162 -44.15 -10.16 -36.30
C LYS D 162 -43.08 -9.16 -36.74
N ASN D 163 -42.31 -8.61 -35.80
CA ASN D 163 -41.35 -7.50 -36.05
C ASN D 163 -39.93 -8.05 -36.28
N ILE D 164 -39.78 -9.35 -36.53
CA ILE D 164 -38.43 -9.97 -36.71
C ILE D 164 -37.63 -9.21 -37.77
N CYS D 165 -38.28 -8.78 -38.87
CA CYS D 165 -37.60 -8.33 -40.12
C CYS D 165 -36.83 -7.03 -39.89
N LYS D 166 -37.26 -6.20 -38.92
CA LYS D 166 -36.60 -4.91 -38.58
C LYS D 166 -35.28 -5.16 -37.84
N VAL D 167 -35.21 -6.17 -36.96
CA VAL D 167 -34.10 -6.31 -35.95
C VAL D 167 -33.04 -7.32 -36.42
N VAL D 168 -33.23 -7.95 -37.58
CA VAL D 168 -32.27 -8.91 -38.19
C VAL D 168 -31.70 -8.29 -39.48
N GLU D 169 -30.60 -8.85 -40.02
CA GLU D 169 -29.91 -8.38 -41.25
C GLU D 169 -29.34 -9.59 -42.02
N VAL D 170 -28.59 -9.36 -43.11
CA VAL D 170 -28.17 -10.40 -44.10
C VAL D 170 -26.89 -11.12 -43.63
N GLY D 171 -26.28 -10.68 -42.52
CA GLY D 171 -25.19 -11.43 -41.85
C GLY D 171 -25.72 -12.30 -40.70
N SER D 172 -26.87 -11.92 -40.12
CA SER D 172 -27.35 -12.37 -38.78
C SER D 172 -27.67 -13.87 -38.80
N LYS D 173 -27.29 -14.58 -37.74
CA LYS D 173 -27.67 -15.99 -37.48
C LYS D 173 -29.05 -16.02 -36.79
N ILE D 174 -29.81 -17.09 -37.00
CA ILE D 174 -31.09 -17.38 -36.29
C ILE D 174 -30.95 -18.79 -35.71
N TYR D 175 -30.90 -18.91 -34.39
CA TYR D 175 -30.85 -20.23 -33.70
C TYR D 175 -32.29 -20.70 -33.50
N VAL D 176 -32.56 -21.98 -33.76
CA VAL D 176 -33.86 -22.62 -33.47
C VAL D 176 -33.63 -23.80 -32.52
N ASP D 177 -34.60 -24.04 -31.63
CA ASP D 177 -34.61 -25.09 -30.57
C ASP D 177 -33.31 -25.05 -29.78
N ASP D 178 -33.19 -24.06 -28.87
CA ASP D 178 -32.11 -23.96 -27.85
C ASP D 178 -30.74 -24.12 -28.51
N GLY D 179 -30.57 -23.59 -29.73
CA GLY D 179 -29.27 -23.44 -30.40
C GLY D 179 -28.79 -24.70 -31.14
N LEU D 180 -29.63 -25.73 -31.30
CA LEU D 180 -29.22 -26.96 -32.04
C LEU D 180 -29.43 -26.77 -33.55
N ILE D 181 -30.36 -25.90 -33.97
CA ILE D 181 -30.50 -25.42 -35.38
C ILE D 181 -29.99 -23.98 -35.44
N SER D 182 -29.08 -23.68 -36.37
CA SER D 182 -28.69 -22.29 -36.74
C SER D 182 -29.00 -22.04 -38.22
N LEU D 183 -29.51 -20.85 -38.52
CA LEU D 183 -29.73 -20.34 -39.90
C LEU D 183 -28.84 -19.11 -40.10
N GLN D 184 -28.82 -18.56 -41.31
CA GLN D 184 -28.05 -17.34 -41.67
C GLN D 184 -28.82 -16.59 -42.75
N VAL D 185 -29.42 -15.45 -42.40
CA VAL D 185 -30.32 -14.66 -43.28
C VAL D 185 -29.51 -14.25 -44.53
N LYS D 186 -30.07 -14.50 -45.73
CA LYS D 186 -29.46 -14.17 -47.06
C LYS D 186 -30.27 -13.04 -47.73
N GLN D 187 -31.60 -13.11 -47.67
CA GLN D 187 -32.50 -12.05 -48.20
C GLN D 187 -33.48 -11.62 -47.11
N LYS D 188 -33.37 -10.36 -46.67
CA LYS D 188 -34.28 -9.69 -45.71
C LYS D 188 -35.39 -9.01 -46.53
N GLY D 189 -36.66 -9.15 -46.11
CA GLY D 189 -37.82 -8.54 -46.77
C GLY D 189 -38.54 -7.55 -45.85
N ALA D 190 -39.82 -7.27 -46.12
CA ALA D 190 -40.71 -6.48 -45.24
C ALA D 190 -41.31 -7.39 -44.17
N ASP D 191 -41.65 -8.64 -44.53
CA ASP D 191 -42.36 -9.60 -43.67
C ASP D 191 -41.96 -11.04 -44.02
N PHE D 192 -40.71 -11.26 -44.46
CA PHE D 192 -40.17 -12.59 -44.82
C PHE D 192 -38.63 -12.59 -44.80
N LEU D 193 -38.05 -13.75 -44.48
CA LEU D 193 -36.59 -14.01 -44.49
C LEU D 193 -36.27 -15.23 -45.38
N VAL D 194 -35.19 -15.13 -46.15
CA VAL D 194 -34.54 -16.25 -46.89
C VAL D 194 -33.23 -16.57 -46.15
N THR D 195 -33.07 -17.81 -45.65
CA THR D 195 -32.00 -18.14 -44.65
C THR D 195 -30.93 -19.06 -45.28
N GLU D 196 -31.15 -20.37 -45.32
CA GLU D 196 -30.12 -21.41 -45.60
C GLU D 196 -29.53 -21.89 -44.29
N VAL D 197 -29.66 -23.19 -44.01
CA VAL D 197 -29.40 -23.79 -42.67
C VAL D 197 -27.89 -24.05 -42.53
N GLU D 198 -27.36 -23.81 -41.33
CA GLU D 198 -26.11 -24.41 -40.81
C GLU D 198 -26.51 -25.41 -39.70
N ASN D 199 -25.53 -26.13 -39.13
CA ASN D 199 -25.73 -27.01 -37.93
C ASN D 199 -27.16 -27.58 -37.94
N GLY D 200 -27.53 -28.35 -38.97
CA GLY D 200 -28.89 -28.88 -39.18
C GLY D 200 -29.30 -29.89 -38.11
N GLY D 201 -30.46 -30.53 -38.28
CA GLY D 201 -31.00 -31.50 -37.31
C GLY D 201 -32.52 -31.56 -37.33
N SER D 202 -33.11 -32.08 -36.25
CA SER D 202 -34.51 -32.53 -36.15
C SER D 202 -35.40 -31.40 -35.62
N LEU D 203 -35.82 -30.49 -36.50
CA LEU D 203 -36.78 -29.41 -36.17
C LEU D 203 -38.15 -30.04 -35.91
N GLY D 204 -38.74 -29.75 -34.73
CA GLY D 204 -40.12 -30.12 -34.37
C GLY D 204 -41.03 -28.90 -34.31
N SER D 205 -42.12 -28.99 -33.56
CA SER D 205 -43.17 -27.95 -33.43
C SER D 205 -42.86 -27.00 -32.26
N LYS D 206 -43.31 -25.74 -32.37
CA LYS D 206 -43.33 -24.71 -31.28
C LYS D 206 -41.98 -24.65 -30.56
N LYS D 207 -40.87 -24.58 -31.32
CA LYS D 207 -39.48 -24.54 -30.77
C LYS D 207 -39.03 -23.08 -30.58
N GLY D 208 -38.22 -22.83 -29.54
CA GLY D 208 -37.72 -21.49 -29.15
C GLY D 208 -36.62 -21.02 -30.08
N VAL D 209 -36.68 -19.76 -30.53
CA VAL D 209 -35.64 -19.18 -31.42
C VAL D 209 -34.91 -18.10 -30.64
N ASN D 210 -33.65 -17.92 -31.00
CA ASN D 210 -32.69 -16.94 -30.44
C ASN D 210 -32.11 -16.20 -31.63
N LEU D 211 -32.01 -14.87 -31.55
CA LEU D 211 -31.36 -14.00 -32.57
C LEU D 211 -30.11 -13.37 -31.95
N PRO D 212 -28.92 -13.97 -32.12
CA PRO D 212 -27.68 -13.41 -31.56
C PRO D 212 -27.42 -11.94 -31.93
N GLY D 213 -27.76 -11.53 -33.15
CA GLY D 213 -27.82 -10.09 -33.52
C GLY D 213 -28.42 -9.24 -32.40
N ALA D 214 -29.66 -9.54 -31.99
CA ALA D 214 -30.36 -9.00 -30.81
C ALA D 214 -30.95 -7.62 -31.12
N ALA D 215 -31.19 -6.81 -30.08
CA ALA D 215 -32.08 -5.61 -30.07
C ALA D 215 -33.48 -6.02 -30.52
N VAL D 216 -33.99 -7.16 -30.00
CA VAL D 216 -35.40 -7.60 -30.23
C VAL D 216 -36.30 -6.65 -29.41
N ASP D 217 -37.42 -6.23 -29.99
CA ASP D 217 -38.28 -5.13 -29.47
C ASP D 217 -39.58 -5.70 -28.88
N LEU D 218 -39.61 -7.00 -28.54
CA LEU D 218 -40.76 -7.63 -27.83
C LEU D 218 -40.99 -6.91 -26.51
N PRO D 219 -42.25 -6.87 -26.02
CA PRO D 219 -42.69 -5.94 -24.99
C PRO D 219 -41.86 -5.76 -23.70
N ALA D 220 -41.34 -6.84 -23.10
CA ALA D 220 -40.66 -6.84 -21.77
C ALA D 220 -41.52 -7.54 -20.74
N VAL D 221 -42.80 -7.23 -20.77
CA VAL D 221 -43.86 -7.90 -19.98
C VAL D 221 -44.91 -8.38 -20.98
N SER D 222 -44.97 -9.69 -21.25
CA SER D 222 -46.01 -10.32 -22.10
C SER D 222 -47.36 -10.22 -21.38
N GLU D 223 -48.46 -10.59 -22.04
CA GLU D 223 -49.84 -10.54 -21.45
C GLU D 223 -49.89 -11.47 -20.23
N LYS D 224 -49.38 -12.69 -20.38
CA LYS D 224 -49.27 -13.71 -19.30
C LYS D 224 -48.46 -13.15 -18.12
N ASP D 225 -47.40 -12.35 -18.38
CA ASP D 225 -46.46 -11.82 -17.34
C ASP D 225 -47.22 -10.87 -16.40
N ILE D 226 -48.08 -10.01 -16.97
CA ILE D 226 -48.87 -9.00 -16.21
C ILE D 226 -49.83 -9.73 -15.25
N GLN D 227 -50.50 -10.79 -15.72
CA GLN D 227 -51.37 -11.65 -14.87
C GLN D 227 -50.51 -12.32 -13.81
N ASP D 228 -49.40 -12.92 -14.25
CA ASP D 228 -48.43 -13.65 -13.39
C ASP D 228 -47.94 -12.71 -12.29
N LEU D 229 -47.62 -11.47 -12.64
CA LEU D 229 -47.02 -10.49 -11.69
C LEU D 229 -48.08 -10.04 -10.67
N LYS D 230 -49.33 -9.89 -11.11
CA LYS D 230 -50.49 -9.51 -10.25
C LYS D 230 -50.70 -10.61 -9.21
N PHE D 231 -50.67 -11.86 -9.66
CA PHE D 231 -50.76 -13.08 -8.81
C PHE D 231 -49.58 -13.13 -7.82
N GLY D 232 -48.38 -12.76 -8.29
CA GLY D 232 -47.18 -12.59 -7.46
C GLY D 232 -47.43 -11.63 -6.32
N VAL D 233 -48.00 -10.47 -6.60
CA VAL D 233 -48.33 -9.44 -5.57
C VAL D 233 -49.32 -10.05 -4.56
N GLU D 234 -50.33 -10.78 -5.03
CA GLU D 234 -51.43 -11.30 -4.17
C GLU D 234 -50.87 -12.43 -3.32
N GLN D 235 -49.99 -13.25 -3.90
CA GLN D 235 -49.33 -14.37 -3.18
C GLN D 235 -48.26 -13.85 -2.20
N ASP D 236 -47.95 -12.54 -2.25
CA ASP D 236 -47.02 -11.84 -1.32
C ASP D 236 -45.59 -12.40 -1.51
N VAL D 237 -45.16 -12.57 -2.76
CA VAL D 237 -43.78 -13.05 -3.05
C VAL D 237 -42.78 -11.97 -2.64
N ASP D 238 -41.52 -12.38 -2.43
CA ASP D 238 -40.44 -11.50 -1.93
C ASP D 238 -39.70 -10.87 -3.09
N MET D 239 -39.74 -11.48 -4.27
CA MET D 239 -38.89 -11.06 -5.39
C MET D 239 -39.39 -11.69 -6.68
N VAL D 240 -39.05 -11.05 -7.77
CA VAL D 240 -39.36 -11.42 -9.17
C VAL D 240 -38.01 -11.62 -9.89
N PHE D 241 -37.85 -12.74 -10.57
CA PHE D 241 -36.77 -12.97 -11.56
C PHE D 241 -37.37 -12.63 -12.93
N ALA D 242 -37.07 -11.43 -13.45
CA ALA D 242 -37.71 -10.86 -14.66
C ALA D 242 -36.93 -11.32 -15.89
N SER D 243 -37.55 -12.13 -16.74
CA SER D 243 -36.83 -12.81 -17.86
C SER D 243 -36.53 -11.81 -18.97
N PHE D 244 -35.42 -12.06 -19.68
CA PHE D 244 -35.07 -11.46 -21.00
C PHE D 244 -35.00 -9.94 -20.88
N ILE D 245 -34.38 -9.43 -19.80
CA ILE D 245 -34.15 -7.96 -19.62
C ILE D 245 -33.00 -7.49 -20.55
N ARG D 246 -33.27 -6.44 -21.34
CA ARG D 246 -32.42 -6.00 -22.47
C ARG D 246 -31.94 -4.56 -22.22
N LYS D 247 -32.58 -3.83 -21.29
CA LYS D 247 -32.40 -2.36 -21.08
C LYS D 247 -33.11 -1.88 -19.81
N ALA D 248 -32.79 -0.67 -19.35
CA ALA D 248 -33.33 -0.09 -18.08
C ALA D 248 -34.85 -0.03 -18.15
N SER D 249 -35.39 0.39 -19.28
CA SER D 249 -36.85 0.66 -19.47
C SER D 249 -37.66 -0.63 -19.30
N ASP D 250 -37.07 -1.82 -19.55
CA ASP D 250 -37.74 -3.13 -19.26
C ASP D 250 -37.94 -3.32 -17.76
N VAL D 251 -36.90 -3.04 -16.98
CA VAL D 251 -36.93 -3.16 -15.51
C VAL D 251 -38.00 -2.20 -14.96
N HIS D 252 -38.09 -1.00 -15.49
CA HIS D 252 -39.06 0.03 -15.01
C HIS D 252 -40.49 -0.35 -15.44
N GLU D 253 -40.66 -1.09 -16.53
CA GLU D 253 -41.98 -1.64 -16.93
C GLU D 253 -42.41 -2.72 -15.92
N VAL D 254 -41.50 -3.57 -15.46
CA VAL D 254 -41.83 -4.62 -14.45
C VAL D 254 -42.20 -3.89 -13.14
N ARG D 255 -41.40 -2.89 -12.74
CA ARG D 255 -41.66 -2.05 -11.53
C ARG D 255 -43.08 -1.47 -11.56
N LYS D 256 -43.46 -0.87 -12.68
CA LYS D 256 -44.76 -0.17 -12.90
C LYS D 256 -45.92 -1.18 -12.77
N VAL D 257 -45.78 -2.38 -13.36
CA VAL D 257 -46.78 -3.49 -13.27
C VAL D 257 -46.91 -3.94 -11.80
N LEU D 258 -45.82 -4.20 -11.10
CA LEU D 258 -45.87 -4.56 -9.64
C LEU D 258 -46.56 -3.44 -8.85
N GLY D 259 -46.39 -2.19 -9.30
CA GLY D 259 -47.14 -1.01 -8.86
C GLY D 259 -46.91 -0.69 -7.39
N GLU D 260 -47.78 0.18 -6.84
CA GLU D 260 -47.66 0.71 -5.46
C GLU D 260 -47.71 -0.46 -4.46
N LYS D 261 -48.55 -1.48 -4.72
CA LYS D 261 -48.75 -2.61 -3.78
C LYS D 261 -47.53 -3.53 -3.79
N GLY D 262 -46.72 -3.51 -4.87
CA GLY D 262 -45.57 -4.41 -5.08
C GLY D 262 -44.24 -3.71 -4.91
N LYS D 263 -44.25 -2.48 -4.43
CA LYS D 263 -43.06 -1.58 -4.44
C LYS D 263 -41.92 -2.15 -3.58
N ASN D 264 -42.20 -3.02 -2.60
CA ASN D 264 -41.13 -3.58 -1.74
C ASN D 264 -40.68 -4.95 -2.28
N ILE D 265 -41.27 -5.43 -3.38
CA ILE D 265 -40.85 -6.69 -4.07
C ILE D 265 -39.55 -6.41 -4.85
N LYS D 266 -38.48 -7.16 -4.56
CA LYS D 266 -37.17 -7.02 -5.25
C LYS D 266 -37.32 -7.46 -6.72
N ILE D 267 -36.80 -6.65 -7.66
CA ILE D 267 -36.71 -7.02 -9.09
C ILE D 267 -35.26 -7.43 -9.41
N ILE D 268 -35.05 -8.72 -9.62
CA ILE D 268 -33.80 -9.32 -10.15
C ILE D 268 -33.96 -9.38 -11.67
N SER D 269 -33.13 -8.66 -12.42
CA SER D 269 -33.12 -8.68 -13.91
C SER D 269 -32.31 -9.88 -14.39
N LYS D 270 -32.92 -10.73 -15.22
CA LYS D 270 -32.23 -11.89 -15.83
C LYS D 270 -31.55 -11.45 -17.13
N ILE D 271 -30.24 -11.65 -17.20
CA ILE D 271 -29.41 -11.37 -18.40
C ILE D 271 -29.26 -12.68 -19.19
N GLU D 272 -29.80 -12.72 -20.43
CA GLU D 272 -30.02 -13.95 -21.23
C GLU D 272 -29.58 -13.79 -22.69
N ASN D 273 -29.17 -12.60 -23.13
CA ASN D 273 -28.74 -12.39 -24.54
C ASN D 273 -27.67 -11.33 -24.57
N HIS D 274 -27.09 -11.09 -25.74
CA HIS D 274 -25.93 -10.18 -25.95
C HIS D 274 -26.32 -8.73 -25.58
N GLU D 275 -27.53 -8.27 -25.88
CA GLU D 275 -27.94 -6.85 -25.63
C GLU D 275 -27.98 -6.56 -24.12
N GLY D 276 -28.42 -7.52 -23.33
CA GLY D 276 -28.38 -7.44 -21.86
C GLY D 276 -26.97 -7.25 -21.34
N VAL D 277 -26.00 -7.98 -21.90
CA VAL D 277 -24.58 -7.87 -21.46
C VAL D 277 -24.05 -6.49 -21.84
N ARG D 278 -24.36 -6.04 -23.06
CA ARG D 278 -23.89 -4.74 -23.65
C ARG D 278 -24.49 -3.57 -22.84
N ARG D 279 -25.76 -3.68 -22.43
CA ARG D 279 -26.46 -2.58 -21.71
C ARG D 279 -26.51 -2.94 -20.23
N PHE D 280 -25.52 -3.69 -19.76
CA PHE D 280 -25.52 -4.18 -18.36
C PHE D 280 -25.67 -3.01 -17.40
N ASP D 281 -24.93 -1.92 -17.61
CA ASP D 281 -24.78 -0.83 -16.60
C ASP D 281 -26.14 -0.17 -16.37
N GLU D 282 -26.92 0.09 -17.43
CA GLU D 282 -28.23 0.75 -17.24
C GLU D 282 -29.19 -0.24 -16.54
N ILE D 283 -29.12 -1.53 -16.85
CA ILE D 283 -30.02 -2.55 -16.23
C ILE D 283 -29.69 -2.66 -14.73
N LEU D 284 -28.40 -2.67 -14.37
CA LEU D 284 -27.93 -2.83 -12.98
C LEU D 284 -28.41 -1.64 -12.15
N GLU D 285 -28.35 -0.45 -12.74
CA GLU D 285 -28.70 0.84 -12.07
C GLU D 285 -30.23 0.89 -11.87
N ALA D 286 -31.01 0.22 -12.73
CA ALA D 286 -32.49 0.13 -12.65
C ALA D 286 -32.98 -1.00 -11.69
N SER D 287 -32.15 -2.01 -11.41
CA SER D 287 -32.56 -3.29 -10.78
C SER D 287 -32.17 -3.32 -9.30
N ASP D 288 -32.78 -4.23 -8.53
CA ASP D 288 -32.40 -4.57 -7.14
C ASP D 288 -31.28 -5.60 -7.16
N GLY D 289 -31.22 -6.41 -8.22
CA GLY D 289 -30.10 -7.32 -8.50
C GLY D 289 -30.22 -7.94 -9.86
N ILE D 290 -29.41 -8.96 -10.10
CA ILE D 290 -29.08 -9.50 -11.44
C ILE D 290 -28.99 -11.01 -11.30
N MET D 291 -29.43 -11.72 -12.34
CA MET D 291 -29.23 -13.16 -12.51
C MET D 291 -28.53 -13.38 -13.85
N VAL D 292 -27.40 -14.07 -13.80
CA VAL D 292 -26.62 -14.47 -14.99
C VAL D 292 -27.10 -15.87 -15.40
N ALA D 293 -27.74 -15.97 -16.56
CA ALA D 293 -28.31 -17.22 -17.14
C ALA D 293 -27.35 -17.77 -18.20
N ARG D 294 -26.38 -18.57 -17.76
CA ARG D 294 -25.18 -18.93 -18.56
C ARG D 294 -25.58 -19.74 -19.80
N GLY D 295 -26.49 -20.71 -19.66
CA GLY D 295 -26.97 -21.53 -20.80
C GLY D 295 -27.60 -20.67 -21.88
N ASP D 296 -28.39 -19.68 -21.49
CA ASP D 296 -29.05 -18.74 -22.44
C ASP D 296 -27.96 -17.90 -23.14
N LEU D 297 -26.99 -17.36 -22.39
CA LEU D 297 -25.84 -16.62 -22.98
C LEU D 297 -25.01 -17.57 -23.88
N GLY D 298 -24.90 -18.86 -23.51
CA GLY D 298 -24.21 -19.89 -24.31
C GLY D 298 -24.70 -19.95 -25.77
N ILE D 299 -26.01 -19.81 -25.99
CA ILE D 299 -26.63 -19.79 -27.33
C ILE D 299 -26.30 -18.46 -28.03
N GLU D 300 -26.50 -17.31 -27.37
CA GLU D 300 -26.51 -15.96 -27.98
C GLU D 300 -25.08 -15.48 -28.32
N ILE D 301 -24.08 -15.84 -27.52
CA ILE D 301 -22.68 -15.34 -27.66
C ILE D 301 -21.75 -16.55 -27.67
N PRO D 302 -20.53 -16.46 -28.25
CA PRO D 302 -19.60 -17.60 -28.25
C PRO D 302 -19.16 -18.11 -26.87
N ALA D 303 -18.91 -19.43 -26.77
CA ALA D 303 -18.53 -20.16 -25.53
C ALA D 303 -17.19 -19.66 -24.99
N GLU D 304 -16.23 -19.40 -25.87
CA GLU D 304 -14.94 -18.79 -25.51
C GLU D 304 -15.13 -17.40 -24.84
N LYS D 305 -16.36 -16.87 -24.74
CA LYS D 305 -16.57 -15.50 -24.20
C LYS D 305 -17.52 -15.50 -23.01
N VAL D 306 -18.35 -16.52 -22.80
CA VAL D 306 -19.42 -16.40 -21.77
C VAL D 306 -18.75 -16.21 -20.40
N PHE D 307 -17.62 -16.88 -20.14
CA PHE D 307 -16.92 -16.81 -18.82
C PHE D 307 -16.55 -15.34 -18.50
N LEU D 308 -16.16 -14.54 -19.50
CA LEU D 308 -15.79 -13.10 -19.34
C LEU D 308 -17.05 -12.30 -18.93
N ALA D 309 -18.14 -12.51 -19.64
CA ALA D 309 -19.46 -11.91 -19.37
C ALA D 309 -19.89 -12.21 -17.92
N GLN D 310 -19.75 -13.46 -17.47
CA GLN D 310 -20.08 -13.84 -16.07
C GLN D 310 -19.13 -13.12 -15.11
N LYS D 311 -17.82 -13.12 -15.37
CA LYS D 311 -16.86 -12.50 -14.43
C LYS D 311 -17.10 -10.99 -14.38
N MET D 312 -17.44 -10.39 -15.54
CA MET D 312 -17.74 -8.93 -15.68
C MET D 312 -18.97 -8.57 -14.86
N MET D 313 -20.07 -9.29 -15.06
CA MET D 313 -21.35 -8.90 -14.48
C MET D 313 -21.33 -9.10 -12.96
N ILE D 314 -20.65 -10.14 -12.49
CA ILE D 314 -20.51 -10.39 -11.03
C ILE D 314 -19.64 -9.27 -10.42
N GLY D 315 -18.57 -8.87 -11.10
CA GLY D 315 -17.69 -7.79 -10.63
C GLY D 315 -18.45 -6.49 -10.49
N ARG D 316 -19.20 -6.10 -11.51
CA ARG D 316 -19.99 -4.85 -11.52
C ARG D 316 -21.07 -4.89 -10.45
N CYS D 317 -21.70 -6.05 -10.23
CA CYS D 317 -22.68 -6.24 -9.13
C CYS D 317 -21.99 -6.08 -7.76
N ASN D 318 -20.88 -6.76 -7.52
CA ASN D 318 -20.07 -6.59 -6.29
C ASN D 318 -19.77 -5.09 -6.04
N ARG D 319 -19.29 -4.36 -7.07
CA ARG D 319 -18.87 -2.93 -7.00
C ARG D 319 -20.06 -2.05 -6.61
N ALA D 320 -21.23 -2.33 -7.18
CA ALA D 320 -22.51 -1.62 -6.92
C ALA D 320 -23.15 -2.04 -5.58
N GLY D 321 -22.70 -3.13 -4.95
CA GLY D 321 -23.38 -3.71 -3.76
C GLY D 321 -24.78 -4.21 -4.04
N LYS D 322 -25.00 -4.85 -5.20
CA LYS D 322 -26.29 -5.40 -5.64
C LYS D 322 -26.17 -6.89 -5.86
N PRO D 323 -27.15 -7.66 -5.35
CA PRO D 323 -27.12 -9.11 -5.42
C PRO D 323 -27.00 -9.60 -6.85
N VAL D 324 -26.14 -10.59 -7.07
CA VAL D 324 -26.03 -11.31 -8.35
C VAL D 324 -26.15 -12.83 -8.08
N ILE D 325 -27.00 -13.48 -8.86
CA ILE D 325 -27.32 -14.94 -8.79
C ILE D 325 -26.72 -15.58 -10.04
N CYS D 326 -25.97 -16.66 -9.90
CA CYS D 326 -25.59 -17.50 -11.07
C CYS D 326 -26.61 -18.62 -11.22
N ALA D 327 -27.03 -18.86 -12.46
CA ALA D 327 -28.14 -19.78 -12.82
C ALA D 327 -27.83 -20.56 -14.11
N THR D 328 -28.42 -21.75 -14.21
CA THR D 328 -28.42 -22.70 -15.35
C THR D 328 -27.12 -23.50 -15.34
N GLN D 329 -27.18 -24.76 -15.79
CA GLN D 329 -25.98 -25.59 -16.04
C GLN D 329 -25.14 -25.63 -14.77
N MET D 330 -25.82 -25.71 -13.63
CA MET D 330 -25.19 -25.84 -12.31
C MET D 330 -24.93 -27.32 -11.99
N LEU D 331 -25.94 -28.06 -11.53
CA LEU D 331 -25.78 -29.51 -11.21
C LEU D 331 -26.75 -30.35 -12.05
N GLU D 332 -26.83 -30.09 -13.36
CA GLU D 332 -27.79 -30.72 -14.30
C GLU D 332 -27.64 -32.25 -14.26
N SER D 333 -26.43 -32.77 -14.25
CA SER D 333 -26.14 -34.22 -14.19
C SER D 333 -26.91 -34.91 -13.05
N MET D 334 -27.36 -34.16 -12.04
CA MET D 334 -27.97 -34.68 -10.79
C MET D 334 -29.49 -34.81 -10.96
N ILE D 335 -30.04 -34.40 -12.11
CA ILE D 335 -31.42 -34.77 -12.52
C ILE D 335 -31.53 -36.31 -12.52
N LYS D 336 -30.53 -37.01 -13.10
CA LYS D 336 -30.49 -38.50 -13.20
C LYS D 336 -29.40 -39.15 -12.32
N LYS D 337 -28.39 -38.43 -11.80
CA LYS D 337 -27.36 -39.06 -10.92
C LYS D 337 -27.47 -38.50 -9.49
N PRO D 338 -27.08 -39.30 -8.46
CA PRO D 338 -27.03 -38.79 -7.07
C PRO D 338 -25.73 -38.06 -6.66
N ARG D 339 -24.72 -38.00 -7.52
CA ARG D 339 -23.48 -37.18 -7.33
C ARG D 339 -23.26 -36.38 -8.61
N PRO D 340 -22.68 -35.15 -8.55
CA PRO D 340 -22.38 -34.38 -9.76
C PRO D 340 -21.02 -34.76 -10.38
N THR D 341 -20.68 -34.19 -11.52
CA THR D 341 -19.34 -34.37 -12.14
C THR D 341 -18.32 -33.41 -11.52
N ARG D 342 -17.04 -33.78 -11.66
CA ARG D 342 -15.86 -32.93 -11.40
C ARG D 342 -16.11 -31.53 -11.98
N ALA D 343 -16.50 -31.42 -13.26
CA ALA D 343 -16.62 -30.12 -13.97
C ALA D 343 -17.73 -29.28 -13.33
N GLU D 344 -18.78 -29.93 -12.80
CA GLU D 344 -19.94 -29.20 -12.21
C GLU D 344 -19.55 -28.60 -10.87
N GLY D 345 -18.81 -29.32 -10.04
CA GLY D 345 -18.31 -28.81 -8.76
C GLY D 345 -17.41 -27.63 -8.99
N SER D 346 -16.54 -27.73 -9.98
CA SER D 346 -15.57 -26.67 -10.34
C SER D 346 -16.33 -25.41 -10.84
N ASP D 347 -17.30 -25.58 -11.74
CA ASP D 347 -18.10 -24.47 -12.33
C ASP D 347 -18.87 -23.78 -11.20
N VAL D 348 -19.48 -24.54 -10.29
CA VAL D 348 -20.27 -23.95 -9.18
C VAL D 348 -19.29 -23.19 -8.26
N ALA D 349 -18.16 -23.81 -7.87
CA ALA D 349 -17.20 -23.20 -6.93
C ALA D 349 -16.65 -21.91 -7.56
N ASN D 350 -16.36 -21.93 -8.86
CA ASN D 350 -15.73 -20.78 -9.56
C ASN D 350 -16.75 -19.65 -9.66
N ALA D 351 -18.05 -19.96 -9.64
CA ALA D 351 -19.10 -18.92 -9.58
C ALA D 351 -19.04 -18.26 -8.21
N VAL D 352 -18.88 -19.03 -7.13
CA VAL D 352 -18.77 -18.48 -5.75
C VAL D 352 -17.54 -17.57 -5.68
N LEU D 353 -16.44 -18.01 -6.27
CA LEU D 353 -15.12 -17.34 -6.15
C LEU D 353 -15.13 -16.08 -7.02
N ASP D 354 -15.91 -16.04 -8.10
CA ASP D 354 -16.07 -14.82 -8.94
C ASP D 354 -16.74 -13.72 -8.12
N GLY D 355 -17.52 -14.12 -7.13
CA GLY D 355 -18.13 -13.27 -6.12
C GLY D 355 -19.65 -13.35 -6.15
N ALA D 356 -20.27 -14.43 -6.69
CA ALA D 356 -21.75 -14.53 -6.79
C ALA D 356 -22.34 -14.43 -5.38
N ASP D 357 -23.53 -13.88 -5.22
CA ASP D 357 -24.21 -13.82 -3.89
C ASP D 357 -24.99 -15.12 -3.64
N CYS D 358 -25.66 -15.61 -4.66
CA CYS D 358 -26.50 -16.82 -4.59
C CYS D 358 -26.23 -17.70 -5.79
N ILE D 359 -26.40 -19.01 -5.62
CA ILE D 359 -26.42 -20.03 -6.69
C ILE D 359 -27.82 -20.59 -6.79
N MET D 360 -28.31 -20.74 -8.00
CA MET D 360 -29.68 -21.24 -8.27
C MET D 360 -29.63 -22.64 -8.90
N LEU D 361 -30.45 -23.56 -8.39
CA LEU D 361 -30.67 -24.90 -8.97
C LEU D 361 -31.99 -24.90 -9.72
N SER D 362 -32.03 -25.51 -10.90
CA SER D 362 -33.24 -25.54 -11.75
C SER D 362 -33.85 -26.95 -11.72
N GLY D 363 -33.74 -27.71 -12.82
CA GLY D 363 -34.36 -29.03 -12.95
C GLY D 363 -33.89 -30.00 -11.88
N GLU D 364 -32.67 -29.81 -11.36
CA GLU D 364 -32.07 -30.72 -10.33
C GLU D 364 -32.97 -30.78 -9.10
N THR D 365 -33.72 -29.72 -8.82
CA THR D 365 -34.60 -29.70 -7.62
C THR D 365 -36.07 -29.69 -8.02
N ALA D 366 -36.39 -29.18 -9.21
CA ALA D 366 -37.76 -29.04 -9.73
C ALA D 366 -38.35 -30.40 -10.13
N LYS D 367 -37.62 -31.22 -10.90
CA LYS D 367 -38.21 -32.40 -11.60
C LYS D 367 -37.31 -33.66 -11.53
N GLY D 368 -36.12 -33.61 -10.95
CA GLY D 368 -35.11 -34.68 -11.07
C GLY D 368 -35.29 -35.77 -10.03
N ASP D 369 -34.49 -36.82 -10.13
CA ASP D 369 -34.56 -38.01 -9.25
C ASP D 369 -33.97 -37.70 -7.87
N TYR D 370 -33.19 -36.65 -7.71
CA TYR D 370 -32.37 -36.43 -6.47
C TYR D 370 -32.46 -34.98 -6.00
N PRO D 371 -33.69 -34.44 -5.79
CA PRO D 371 -33.86 -33.06 -5.34
C PRO D 371 -33.10 -32.67 -4.06
N LEU D 372 -33.21 -33.51 -3.03
CA LEU D 372 -32.58 -33.29 -1.69
C LEU D 372 -31.06 -33.46 -1.82
N GLU D 373 -30.62 -34.48 -2.55
CA GLU D 373 -29.19 -34.71 -2.81
C GLU D 373 -28.62 -33.48 -3.55
N ALA D 374 -29.39 -32.86 -4.45
CA ALA D 374 -28.96 -31.67 -5.21
C ALA D 374 -28.70 -30.51 -4.24
N VAL D 375 -29.64 -30.25 -3.34
CA VAL D 375 -29.48 -29.17 -2.33
C VAL D 375 -28.25 -29.46 -1.45
N ARG D 376 -28.12 -30.68 -0.96
CA ARG D 376 -26.99 -31.04 -0.08
C ARG D 376 -25.65 -30.82 -0.79
N MET D 377 -25.57 -31.14 -2.08
CA MET D 377 -24.31 -31.03 -2.84
C MET D 377 -24.02 -29.55 -3.13
N GLN D 378 -25.02 -28.77 -3.53
CA GLN D 378 -24.86 -27.31 -3.71
C GLN D 378 -24.26 -26.73 -2.42
N HIS D 379 -24.83 -27.05 -1.27
CA HIS D 379 -24.31 -26.66 0.05
C HIS D 379 -22.83 -27.08 0.22
N LEU D 380 -22.48 -28.33 -0.05
CA LEU D 380 -21.09 -28.82 0.21
C LEU D 380 -20.12 -28.03 -0.68
N ILE D 381 -20.49 -27.74 -1.92
CA ILE D 381 -19.57 -27.07 -2.88
C ILE D 381 -19.38 -25.61 -2.45
N ALA D 382 -20.46 -24.90 -2.18
CA ALA D 382 -20.42 -23.48 -1.78
C ALA D 382 -19.58 -23.35 -0.50
N ARG D 383 -19.78 -24.23 0.45
CA ARG D 383 -19.03 -24.25 1.73
C ARG D 383 -17.56 -24.56 1.47
N GLU D 384 -17.26 -25.58 0.65
CA GLU D 384 -15.84 -25.94 0.33
C GLU D 384 -15.17 -24.77 -0.37
N ALA D 385 -15.89 -24.01 -1.19
CA ALA D 385 -15.34 -22.89 -1.97
C ALA D 385 -14.89 -21.77 -1.03
N GLU D 386 -15.54 -21.59 0.12
CA GLU D 386 -15.22 -20.50 1.08
C GLU D 386 -13.72 -20.55 1.42
N ALA D 387 -13.09 -21.72 1.42
CA ALA D 387 -11.67 -21.88 1.76
C ALA D 387 -10.81 -21.04 0.83
N ALA D 388 -11.30 -20.77 -0.37
CA ALA D 388 -10.54 -20.14 -1.47
C ALA D 388 -10.91 -18.67 -1.60
N ILE D 389 -11.78 -18.14 -0.72
CA ILE D 389 -12.09 -16.69 -0.66
C ILE D 389 -11.07 -15.99 0.26
N TYR D 390 -10.44 -14.92 -0.19
CA TYR D 390 -9.54 -14.10 0.68
C TYR D 390 -10.28 -12.81 1.00
N HIS D 391 -10.91 -12.79 2.17
CA HIS D 391 -11.92 -11.78 2.55
C HIS D 391 -11.27 -10.40 2.62
N LEU D 392 -10.15 -10.26 3.31
CA LEU D 392 -9.53 -8.94 3.52
C LEU D 392 -9.27 -8.24 2.18
N GLN D 393 -8.86 -8.98 1.14
CA GLN D 393 -8.53 -8.40 -0.19
C GLN D 393 -9.79 -7.83 -0.86
N LEU D 394 -10.91 -8.56 -0.82
CA LEU D 394 -12.21 -8.10 -1.36
C LEU D 394 -12.56 -6.76 -0.68
N PHE D 395 -12.47 -6.72 0.65
CA PHE D 395 -12.79 -5.53 1.47
C PHE D 395 -11.90 -4.36 1.05
N GLU D 396 -10.57 -4.53 1.02
CA GLU D 396 -9.62 -3.40 0.75
C GLU D 396 -9.89 -2.78 -0.62
N GLU D 397 -10.18 -3.61 -1.63
CA GLU D 397 -10.53 -3.11 -2.99
C GLU D 397 -11.89 -2.41 -2.89
N LEU D 398 -12.88 -3.02 -2.23
CA LEU D 398 -14.29 -2.52 -2.27
C LEU D 398 -14.37 -1.19 -1.51
N ARG D 399 -13.59 -1.07 -0.42
CA ARG D 399 -13.48 0.16 0.42
C ARG D 399 -12.81 1.29 -0.39
N ARG D 400 -11.84 0.96 -1.26
CA ARG D 400 -11.09 1.95 -2.09
C ARG D 400 -11.93 2.39 -3.31
N LEU D 401 -12.96 1.62 -3.68
CA LEU D 401 -13.83 1.91 -4.87
C LEU D 401 -15.13 2.56 -4.40
N ALA D 402 -15.24 2.87 -3.11
CA ALA D 402 -16.34 3.66 -2.54
C ALA D 402 -16.15 5.13 -2.93
N PRO D 403 -17.20 5.98 -2.83
CA PRO D 403 -17.08 7.39 -3.18
C PRO D 403 -16.00 8.08 -2.33
N ILE D 404 -15.74 9.37 -2.60
CA ILE D 404 -14.66 10.14 -1.91
C ILE D 404 -14.99 10.24 -0.41
N ALA D 405 -16.26 10.44 -0.05
CA ALA D 405 -16.71 10.61 1.36
C ALA D 405 -18.00 9.83 1.62
N ALA D 406 -19.00 9.95 0.75
CA ALA D 406 -20.32 9.28 0.85
C ALA D 406 -21.06 9.78 2.10
N ASP D 407 -22.29 9.32 2.29
CA ASP D 407 -23.20 9.74 3.40
C ASP D 407 -22.60 9.30 4.75
N PRO D 408 -23.23 9.66 5.88
CA PRO D 408 -22.84 9.09 7.17
C PRO D 408 -22.88 7.55 7.22
N ALA D 409 -23.99 6.97 6.77
CA ALA D 409 -24.29 5.52 6.88
C ALA D 409 -23.13 4.71 6.27
N GLU D 410 -22.66 5.11 5.09
CA GLU D 410 -21.57 4.41 4.35
C GLU D 410 -20.30 4.39 5.20
N ALA D 411 -19.79 5.55 5.64
CA ALA D 411 -18.61 5.66 6.55
C ALA D 411 -18.76 4.70 7.74
N THR D 412 -19.95 4.62 8.31
CA THR D 412 -20.24 3.73 9.48
C THR D 412 -20.19 2.26 9.07
N ALA D 413 -20.84 1.88 7.98
CA ALA D 413 -20.85 0.50 7.42
C ALA D 413 -19.41 0.02 7.20
N VAL D 414 -18.59 0.83 6.54
CA VAL D 414 -17.17 0.50 6.22
C VAL D 414 -16.41 0.39 7.56
N GLY D 415 -16.70 1.30 8.50
CA GLY D 415 -16.10 1.28 9.85
C GLY D 415 -16.41 0.00 10.58
N ALA D 416 -17.64 -0.49 10.46
CA ALA D 416 -18.09 -1.74 11.12
C ALA D 416 -17.34 -2.93 10.51
N VAL D 417 -17.24 -2.96 9.19
CA VAL D 417 -16.46 -4.03 8.50
C VAL D 417 -15.01 -3.94 8.95
N GLU D 418 -14.40 -2.75 8.92
CA GLU D 418 -12.98 -2.55 9.32
C GLU D 418 -12.79 -3.11 10.74
N ALA D 419 -13.67 -2.72 11.66
CA ALA D 419 -13.62 -3.16 13.08
C ALA D 419 -13.74 -4.68 13.13
N SER D 420 -14.60 -5.28 12.28
CA SER D 420 -14.87 -6.75 12.28
C SER D 420 -13.56 -7.50 12.00
N PHE D 421 -12.78 -7.04 11.03
CA PHE D 421 -11.44 -7.60 10.72
C PHE D 421 -10.47 -7.40 11.89
N LYS D 422 -10.44 -6.20 12.48
CA LYS D 422 -9.34 -5.80 13.41
C LYS D 422 -9.58 -6.38 14.82
N CYS D 423 -10.82 -6.77 15.15
CA CYS D 423 -11.17 -7.47 16.42
C CYS D 423 -11.37 -8.98 16.19
N CYS D 424 -11.10 -9.48 14.98
CA CYS D 424 -11.37 -10.89 14.56
C CYS D 424 -12.75 -11.32 15.06
N SER D 425 -13.75 -10.49 14.79
CA SER D 425 -15.14 -10.58 15.29
C SER D 425 -15.80 -11.88 14.83
N GLY D 426 -16.81 -12.32 15.57
CA GLY D 426 -17.61 -13.52 15.26
C GLY D 426 -18.75 -13.18 14.33
N ALA D 427 -19.14 -11.92 14.29
CA ALA D 427 -20.34 -11.44 13.57
C ALA D 427 -20.37 -9.93 13.58
N ILE D 428 -21.13 -9.36 12.65
CA ILE D 428 -21.63 -7.97 12.67
C ILE D 428 -23.14 -8.05 12.85
N ILE D 429 -23.66 -7.58 13.99
CA ILE D 429 -25.11 -7.58 14.26
C ILE D 429 -25.66 -6.28 13.77
N VAL D 430 -26.65 -6.32 12.89
CA VAL D 430 -27.31 -5.13 12.33
C VAL D 430 -28.81 -5.22 12.63
N LEU D 431 -29.32 -4.29 13.40
CA LEU D 431 -30.78 -4.05 13.53
C LEU D 431 -31.22 -3.21 12.34
N THR D 432 -32.18 -3.68 11.57
CA THR D 432 -32.60 -3.04 10.31
C THR D 432 -34.13 -3.10 10.22
N LYS D 433 -34.76 -2.06 9.69
CA LYS D 433 -36.19 -2.05 9.28
C LYS D 433 -36.31 -2.72 7.92
N SER D 434 -35.64 -2.15 6.92
CA SER D 434 -35.81 -2.44 5.47
C SER D 434 -34.72 -3.39 4.96
N GLY D 435 -33.64 -3.58 5.72
CA GLY D 435 -32.49 -4.41 5.31
C GLY D 435 -31.33 -3.57 4.78
N ARG D 436 -31.63 -2.34 4.38
CA ARG D 436 -30.68 -1.37 3.76
C ARG D 436 -29.37 -1.34 4.56
N SER D 437 -29.40 -1.18 5.87
CA SER D 437 -28.20 -1.11 6.73
C SER D 437 -27.40 -2.43 6.66
N ALA D 438 -28.07 -3.59 6.64
CA ALA D 438 -27.42 -4.92 6.49
C ALA D 438 -26.80 -5.00 5.10
N HIS D 439 -27.53 -4.53 4.09
CA HIS D 439 -27.12 -4.53 2.66
C HIS D 439 -25.85 -3.71 2.52
N GLN D 440 -25.81 -2.53 3.14
CA GLN D 440 -24.63 -1.60 3.15
C GLN D 440 -23.41 -2.32 3.72
N VAL D 441 -23.55 -3.12 4.77
CA VAL D 441 -22.42 -3.81 5.43
C VAL D 441 -21.94 -4.93 4.51
N ALA D 442 -22.87 -5.59 3.82
CA ALA D 442 -22.62 -6.82 3.03
C ALA D 442 -21.77 -6.48 1.79
N ARG D 443 -22.07 -5.37 1.15
CA ARG D 443 -21.36 -4.85 -0.05
C ARG D 443 -19.84 -4.88 0.20
N TYR D 444 -19.38 -4.71 1.44
CA TYR D 444 -17.94 -4.59 1.80
C TYR D 444 -17.32 -5.95 2.12
N ARG D 445 -18.12 -7.02 2.14
CA ARG D 445 -17.62 -8.42 2.18
C ARG D 445 -16.81 -8.67 3.45
N PRO D 446 -17.38 -8.47 4.66
CA PRO D 446 -16.68 -8.87 5.88
C PRO D 446 -16.48 -10.39 5.87
N ARG D 447 -15.42 -10.91 6.50
CA ARG D 447 -15.29 -12.35 6.81
C ARG D 447 -16.43 -12.75 7.75
N ALA D 448 -16.72 -11.92 8.74
CA ALA D 448 -17.71 -12.15 9.80
C ALA D 448 -19.11 -12.21 9.20
N PRO D 449 -19.93 -13.23 9.56
CA PRO D 449 -21.35 -13.24 9.21
C PRO D 449 -22.07 -11.97 9.65
N ILE D 450 -23.00 -11.50 8.83
CA ILE D 450 -23.91 -10.36 9.14
C ILE D 450 -25.23 -10.93 9.67
N ILE D 451 -25.49 -10.84 10.96
CA ILE D 451 -26.77 -11.28 11.58
C ILE D 451 -27.70 -10.11 11.50
N ALA D 452 -28.55 -10.10 10.49
CA ALA D 452 -29.51 -9.01 10.25
C ALA D 452 -30.77 -9.31 11.06
N VAL D 453 -30.97 -8.60 12.17
CA VAL D 453 -32.13 -8.76 13.08
C VAL D 453 -33.25 -7.85 12.55
N ALA D 454 -34.40 -8.43 12.21
CA ALA D 454 -35.55 -7.73 11.62
C ALA D 454 -36.86 -8.24 12.25
N ARG D 455 -37.83 -7.34 12.40
CA ARG D 455 -39.23 -7.65 12.81
C ARG D 455 -40.08 -7.79 11.55
N ASN D 456 -39.69 -7.14 10.46
CA ASN D 456 -40.40 -7.23 9.18
C ASN D 456 -40.07 -8.58 8.52
N PRO D 457 -41.05 -9.54 8.41
CA PRO D 457 -40.74 -10.88 7.91
C PRO D 457 -40.24 -10.86 6.46
N GLN D 458 -40.67 -9.89 5.67
CA GLN D 458 -40.29 -9.77 4.24
C GLN D 458 -38.80 -9.38 4.13
N THR D 459 -38.29 -8.50 4.99
CA THR D 459 -36.87 -8.07 4.91
C THR D 459 -36.00 -9.21 5.41
N ALA D 460 -36.48 -10.01 6.35
CA ALA D 460 -35.76 -11.21 6.82
C ALA D 460 -35.54 -12.17 5.62
N ARG D 461 -36.55 -12.34 4.76
CA ARG D 461 -36.53 -13.29 3.62
C ARG D 461 -35.70 -12.72 2.46
N GLN D 462 -35.85 -11.42 2.17
CA GLN D 462 -35.15 -10.76 1.04
C GLN D 462 -33.62 -10.78 1.30
N ALA D 463 -33.20 -10.85 2.56
CA ALA D 463 -31.81 -10.70 3.02
C ALA D 463 -30.94 -11.83 2.43
N HIS D 464 -31.56 -12.96 2.10
CA HIS D 464 -30.88 -14.19 1.60
C HIS D 464 -30.20 -13.93 0.25
N LEU D 465 -30.66 -12.94 -0.50
CA LEU D 465 -30.08 -12.52 -1.80
C LEU D 465 -28.60 -12.09 -1.65
N TYR D 466 -28.19 -11.63 -0.47
CA TYR D 466 -26.87 -10.99 -0.20
C TYR D 466 -25.89 -11.98 0.43
N ARG D 467 -24.74 -12.13 -0.20
CA ARG D 467 -23.60 -12.88 0.36
C ARG D 467 -23.44 -12.47 1.83
N GLY D 468 -23.36 -13.43 2.75
CA GLY D 468 -22.86 -13.21 4.11
C GLY D 468 -23.87 -12.59 5.06
N ILE D 469 -25.13 -12.40 4.65
CA ILE D 469 -26.23 -12.05 5.59
C ILE D 469 -26.97 -13.33 6.04
N PHE D 470 -26.99 -13.55 7.37
CA PHE D 470 -27.81 -14.53 8.12
C PHE D 470 -28.97 -13.79 8.75
N PRO D 471 -30.13 -13.68 8.07
CA PRO D 471 -31.26 -12.96 8.65
C PRO D 471 -31.95 -13.77 9.76
N VAL D 472 -32.35 -13.09 10.83
CA VAL D 472 -33.23 -13.65 11.89
C VAL D 472 -34.44 -12.73 12.05
N LEU D 473 -35.61 -13.34 12.25
CA LEU D 473 -36.90 -12.65 12.48
C LEU D 473 -37.14 -12.58 13.98
N CYS D 474 -37.00 -11.38 14.53
CA CYS D 474 -37.37 -11.09 15.94
C CYS D 474 -38.90 -10.91 16.02
N LYS D 475 -39.56 -11.70 16.86
CA LYS D 475 -41.04 -11.65 17.01
C LYS D 475 -41.40 -10.98 18.36
N ASP D 476 -40.41 -10.78 19.23
CA ASP D 476 -40.57 -10.12 20.56
C ASP D 476 -41.36 -8.83 20.41
N PRO D 477 -42.10 -8.42 21.46
CA PRO D 477 -42.86 -7.17 21.44
C PRO D 477 -41.95 -5.93 21.52
N VAL D 478 -42.32 -4.87 20.80
CA VAL D 478 -41.58 -3.57 20.79
C VAL D 478 -41.58 -3.04 22.22
N GLN D 479 -40.42 -2.93 22.86
CA GLN D 479 -40.28 -2.26 24.18
C GLN D 479 -40.61 -0.78 23.98
N GLU D 480 -40.87 -0.04 25.06
CA GLU D 480 -41.28 1.40 24.96
C GLU D 480 -40.04 2.28 25.02
N ALA D 481 -39.11 2.01 25.95
CA ALA D 481 -37.72 2.52 25.97
C ALA D 481 -36.93 1.94 24.77
N TRP D 482 -36.61 2.78 23.78
CA TRP D 482 -35.87 2.42 22.54
C TRP D 482 -34.55 1.69 22.88
N ALA D 483 -33.84 2.12 23.92
CA ALA D 483 -32.53 1.57 24.32
C ALA D 483 -32.74 0.16 24.87
N GLU D 484 -33.92 -0.08 25.44
CA GLU D 484 -34.34 -1.42 25.93
C GLU D 484 -34.70 -2.29 24.73
N ASP D 485 -35.37 -1.73 23.73
CA ASP D 485 -35.75 -2.48 22.52
C ASP D 485 -34.45 -2.98 21.86
N VAL D 486 -33.52 -2.06 21.58
CA VAL D 486 -32.21 -2.33 20.93
C VAL D 486 -31.53 -3.47 21.69
N ASP D 487 -31.43 -3.35 23.03
CA ASP D 487 -30.73 -4.31 23.92
C ASP D 487 -31.36 -5.71 23.77
N LEU D 488 -32.66 -5.78 23.51
CA LEU D 488 -33.40 -7.06 23.40
C LEU D 488 -33.05 -7.73 22.07
N ARG D 489 -33.16 -6.99 20.98
CA ARG D 489 -32.80 -7.47 19.63
C ARG D 489 -31.33 -7.93 19.59
N VAL D 490 -30.41 -7.17 20.19
CA VAL D 490 -28.96 -7.53 20.23
C VAL D 490 -28.83 -8.83 21.03
N ASN D 491 -29.61 -8.98 22.11
CA ASN D 491 -29.59 -10.19 22.96
C ASN D 491 -30.09 -11.37 22.12
N PHE D 492 -31.17 -11.16 21.39
CA PHE D 492 -31.73 -12.13 20.42
C PHE D 492 -30.59 -12.59 19.50
N ALA D 493 -29.88 -11.65 18.88
CA ALA D 493 -28.81 -11.93 17.90
C ALA D 493 -27.69 -12.72 18.57
N MET D 494 -27.29 -12.32 19.77
CA MET D 494 -26.25 -13.00 20.60
C MET D 494 -26.62 -14.48 20.76
N ASN D 495 -27.90 -14.76 21.05
CA ASN D 495 -28.44 -16.14 21.25
C ASN D 495 -28.37 -16.92 19.93
N VAL D 496 -28.81 -16.33 18.83
CA VAL D 496 -28.72 -16.98 17.49
C VAL D 496 -27.27 -17.35 17.20
N GLY D 497 -26.37 -16.38 17.39
CA GLY D 497 -24.94 -16.53 17.07
C GLY D 497 -24.31 -17.66 17.88
N LYS D 498 -24.63 -17.76 19.17
CA LYS D 498 -24.13 -18.82 20.09
C LYS D 498 -24.59 -20.19 19.60
N ALA D 499 -25.86 -20.32 19.28
CA ALA D 499 -26.51 -21.58 18.84
C ALA D 499 -25.96 -22.02 17.49
N ARG D 500 -25.61 -21.09 16.60
CA ARG D 500 -25.05 -21.42 15.26
C ARG D 500 -23.53 -21.59 15.34
N GLY D 501 -22.92 -21.39 16.51
CA GLY D 501 -21.46 -21.45 16.75
C GLY D 501 -20.67 -20.40 15.96
N PHE D 502 -21.26 -19.22 15.68
CA PHE D 502 -20.55 -18.08 15.04
C PHE D 502 -19.56 -17.50 16.04
N PHE D 503 -19.92 -17.52 17.33
CA PHE D 503 -19.10 -17.05 18.47
C PHE D 503 -19.61 -17.67 19.77
N LYS D 504 -18.88 -17.42 20.87
CA LYS D 504 -19.27 -17.82 22.24
C LYS D 504 -18.78 -16.74 23.22
N LYS D 505 -19.04 -16.92 24.51
CA LYS D 505 -18.65 -15.99 25.61
C LYS D 505 -17.17 -15.61 25.43
N GLY D 506 -16.86 -14.32 25.55
CA GLY D 506 -15.48 -13.79 25.50
C GLY D 506 -15.12 -13.23 24.13
N ASP D 507 -15.79 -13.68 23.08
CA ASP D 507 -15.63 -13.14 21.69
C ASP D 507 -16.12 -11.70 21.69
N VAL D 508 -15.74 -10.94 20.68
CA VAL D 508 -16.21 -9.56 20.42
C VAL D 508 -17.09 -9.59 19.17
N VAL D 509 -18.21 -8.86 19.18
CA VAL D 509 -19.04 -8.62 17.97
C VAL D 509 -19.15 -7.12 17.76
N ILE D 510 -19.37 -6.72 16.52
CA ILE D 510 -19.75 -5.33 16.15
C ILE D 510 -21.27 -5.27 16.18
N VAL D 511 -21.82 -4.14 16.58
CA VAL D 511 -23.30 -3.93 16.56
C VAL D 511 -23.60 -2.59 15.91
N LEU D 512 -24.50 -2.60 14.93
CA LEU D 512 -24.95 -1.41 14.18
C LEU D 512 -26.43 -1.25 14.47
N THR D 513 -26.79 -0.08 14.98
CA THR D 513 -28.16 0.25 15.42
C THR D 513 -28.46 1.64 14.91
N GLY D 514 -29.73 2.02 14.88
CA GLY D 514 -30.11 3.42 14.70
C GLY D 514 -29.86 4.19 15.98
N TRP D 515 -29.87 5.51 15.91
CA TRP D 515 -29.94 6.36 17.12
C TRP D 515 -31.43 6.44 17.52
N ARG D 516 -31.83 7.42 18.32
CA ARG D 516 -33.22 7.50 18.82
C ARG D 516 -34.18 7.37 17.65
N PRO D 517 -35.35 6.73 17.82
CA PRO D 517 -36.42 6.80 16.82
C PRO D 517 -36.86 8.26 16.69
N GLY D 518 -36.88 8.79 15.45
CA GLY D 518 -36.96 10.24 15.14
C GLY D 518 -35.90 10.65 14.13
N SER D 519 -34.76 9.94 14.09
CA SER D 519 -33.64 10.12 13.13
C SER D 519 -33.72 9.08 12.01
N GLY D 520 -32.90 9.25 10.96
CA GLY D 520 -32.90 8.43 9.73
C GLY D 520 -31.59 7.65 9.54
N PHE D 521 -31.70 6.36 9.23
CA PHE D 521 -30.60 5.43 8.86
C PHE D 521 -29.77 5.03 10.09
N THR D 522 -29.37 3.76 10.12
CA THR D 522 -28.47 3.13 11.12
C THR D 522 -27.08 3.77 11.03
N ASN D 523 -26.80 4.72 11.93
CA ASN D 523 -25.56 5.54 11.92
C ASN D 523 -24.74 5.27 13.20
N THR D 524 -24.99 4.17 13.92
CA THR D 524 -24.50 3.91 15.29
C THR D 524 -23.79 2.56 15.39
N MET D 525 -22.51 2.59 15.78
CA MET D 525 -21.64 1.41 15.90
C MET D 525 -21.10 1.29 17.33
N ARG D 526 -21.15 0.08 17.86
CA ARG D 526 -20.45 -0.32 19.10
C ARG D 526 -19.71 -1.61 18.84
N VAL D 527 -18.57 -1.74 19.48
CA VAL D 527 -17.85 -3.03 19.65
C VAL D 527 -18.27 -3.57 21.03
N VAL D 528 -18.95 -4.74 21.09
CA VAL D 528 -19.50 -5.28 22.37
C VAL D 528 -18.96 -6.69 22.62
N PRO D 529 -18.48 -6.99 23.85
CA PRO D 529 -18.14 -8.36 24.23
C PRO D 529 -19.40 -9.23 24.18
N VAL D 530 -19.28 -10.50 23.78
CA VAL D 530 -20.38 -11.50 23.83
C VAL D 530 -20.51 -11.94 25.28
N PRO D 531 -21.65 -11.67 25.93
CA PRO D 531 -21.82 -11.99 27.35
C PRO D 531 -22.11 -13.50 27.52
K K E . -0.53 -42.70 -21.05
N PHE F . 5.32 -20.66 -25.35
CA PHE F . 4.11 -20.36 -26.12
C PHE F . 4.50 -19.94 -27.54
O PHE F . 5.71 -19.79 -27.84
CB PHE F . 3.26 -19.31 -25.39
CG PHE F . 3.62 -17.86 -25.63
CD1 PHE F . 3.23 -17.21 -26.81
CD2 PHE F . 4.23 -17.10 -24.64
CE1 PHE F . 3.48 -15.86 -26.99
CE2 PHE F . 4.50 -15.75 -24.84
CZ PHE F . 4.12 -15.15 -26.01
OXT PHE F . 3.61 -19.76 -28.38
K K G . 28.78 36.85 -0.96
N PHE H . 30.20 13.62 -0.78
CA PHE H . 30.55 13.57 0.63
C PHE H . 31.88 12.80 0.76
O PHE H . 32.32 12.17 -0.22
CB PHE H . 29.44 12.94 1.46
CG PHE H . 29.36 11.43 1.42
CD1 PHE H . 30.23 10.64 2.19
CD2 PHE H . 28.39 10.77 0.67
CE1 PHE H . 30.12 9.27 2.22
CE2 PHE H . 28.28 9.39 0.69
CZ PHE H . 29.15 8.64 1.46
OXT PHE H . 32.48 12.80 1.84
K K I . 11.46 23.72 39.46
K K J . -38.99 -18.54 -16.52
N PHE K . -28.18 -16.25 3.92
CA PHE K . -27.80 -17.66 3.97
C PHE K . -28.37 -18.27 5.27
O PHE K . -28.19 -19.47 5.57
CB PHE K . -26.29 -17.82 3.86
CG PHE K . -25.47 -17.38 5.06
CD1 PHE K . -25.05 -18.30 6.00
CD2 PHE K . -25.09 -16.05 5.22
CE1 PHE K . -24.27 -17.92 7.08
CE2 PHE K . -24.32 -15.66 6.32
CZ PHE K . -23.90 -16.60 7.24
OXT PHE K . -29.01 -17.54 6.03
#